data_8BRN
#
_entry.id   8BRN
#
_cell.length_a   125.859
_cell.length_b   125.859
_cell.length_c   298.339
_cell.angle_alpha   90.000
_cell.angle_beta   90.000
_cell.angle_gamma   120.000
#
_symmetry.space_group_name_H-M   'P 31 2 1'
#
loop_
_entity.id
_entity.type
_entity.pdbx_description
1 polymer 'Fe(3+)-Zn(2+) purple acid phosphatase'
2 branched 2-acetamido-2-deoxy-beta-D-glucopyranose-(1-4)-2-acetamido-2-deoxy-beta-D-glucopyranose
3 branched alpha-D-mannopyranose-(1-2)-[alpha-D-mannopyranose-(1-6)]beta-D-mannopyranose-(1-4)-2-acetamido-2-deoxy-beta-D-glucopyranose-(1-4)-[alpha-L-fucopyranose-(1-3)]2-acetamido-2-deoxy-beta-D-glucopyranose
4 branched beta-D-mannopyranose-(1-4)-2-acetamido-2-deoxy-beta-D-glucopyranose-(1-4)-[alpha-L-fucopyranose-(1-3)]2-acetamido-2-deoxy-beta-D-glucopyranose
5 branched alpha-D-mannopyranose-(1-3)-[alpha-D-mannopyranose-(1-6)]beta-D-mannopyranose-(1-4)-2-acetamido-2-deoxy-beta-D-glucopyranose-(1-4)-[alpha-L-fucopyranose-(1-3)]2-acetamido-2-deoxy-beta-D-glucopyranose
6 branched alpha-D-mannopyranose-(1-2)-beta-D-mannopyranose-(1-4)-2-acetamido-2-deoxy-beta-D-glucopyranose-(1-4)-[alpha-L-fucopyranose-(1-3)]2-acetamido-2-deoxy-beta-D-glucopyranose
7 branched beta-D-mannopyranose-(1-4)-2-acetamido-2-deoxy-beta-D-glucopyranose-(1-4)-2-acetamido-2-deoxy-beta-D-glucopyranose
8 branched 2-acetamido-2-deoxy-beta-D-glucopyranose-(1-3)-2-acetamido-2-deoxy-beta-D-glucopyranose
9 branched beta-D-mannopyranose-(5-4)-2-acetamido-2-deoxy-beta-D-glucopyranose-(1-4)-[alpha-L-fucopyranose-(1-3)]2-acetamido-2-deoxy-beta-D-glucopyranose
10 branched alpha-L-fucopyranose-(1-3)-2-acetamido-2-deoxy-beta-D-glucopyranose
11 non-polymer 'ZINC ION'
12 non-polymer 'FE (III) ION'
13 non-polymer 'CITRATE ANION'
14 non-polymer 'TRIETHYLENE GLYCOL'
15 non-polymer 2-acetamido-2-deoxy-beta-D-glucopyranose
16 non-polymer 'SULFATE ION'
17 non-polymer 1,2-ETHANEDIOL
18 non-polymer GLYCEROL
19 non-polymer 'CHLORIDE ION'
20 non-polymer '[(R)-(decanoylamino)-naphthalen-1-yl-methyl]phosphonic acid'
21 non-polymer 'SODIUM ION'
22 non-polymer 'DIMETHYL SULFOXIDE'
23 water water
#
_entity_poly.entity_id   1
_entity_poly.type   'polypeptide(L)'
_entity_poly.pdbx_seq_one_letter_code
;TNKNRDMPLDSDVFRVPPGYNAPQQVHITQGDLVGRAMIISWVTMDEPGSSAVRYWSEKNGRKRIAKGKMSTYRFFNYSS
GFIHHTTIRKLKYNTKYYYEVGLRNTTRRFSFITPPQTGLDVPYTFGLIGDLGQSFDSNTTLSHYELSPKKGQTVLFVGD
LSYADRYPNHDNVRWDTWGRFTERSVAYQPWIWTAGNHEIEFAPEINETEPFKPFSYRYHVPYEASQSTSPFWYSIKRAS
AHIIVLSSYSAYGRGTPQYTWLKKELRKVKRSETPWLIVLMHSPLYNSYNHHFMEGEAMRTKFEAWFVKYKVDVVFAGHV
HAYERSERVSNIAYKITNGLCTPVKDQSAPVYITIGDAGNYGVIDSNMIQPQPEYSAFREASFGHGMFDIKNRTHAHFSW
NRNQDGVAVEADSVWFFNRHWYPVDDST
;
_entity_poly.pdbx_strand_id   A,B,C,D
#
# COMPACT_ATOMS: atom_id res chain seq x y z
N LYS A 3 -2.40 26.83 -36.20
CA LYS A 3 -2.42 27.01 -34.75
C LYS A 3 -1.78 25.85 -34.03
N ASN A 4 -2.08 24.63 -34.46
CA ASN A 4 -1.37 23.47 -33.96
C ASN A 4 0.02 23.45 -34.60
N ARG A 5 1.01 23.89 -33.85
CA ARG A 5 2.40 23.87 -34.30
C ARG A 5 3.20 22.74 -33.69
N ASP A 6 2.53 21.81 -32.99
CA ASP A 6 3.21 20.64 -32.46
C ASP A 6 3.65 19.71 -33.59
N MET A 7 4.83 19.11 -33.41
CA MET A 7 5.37 18.21 -34.42
C MET A 7 4.50 16.96 -34.56
N PRO A 8 4.20 16.53 -35.78
CA PRO A 8 3.35 15.35 -35.96
C PRO A 8 4.02 14.10 -35.41
N LEU A 9 3.19 13.09 -35.11
CA LEU A 9 3.67 11.86 -34.49
C LEU A 9 4.69 11.14 -35.36
N ASP A 10 4.62 11.27 -36.69
CA ASP A 10 5.56 10.57 -37.55
C ASP A 10 6.83 11.37 -37.83
N SER A 11 7.07 12.46 -37.10
CA SER A 11 8.30 13.22 -37.24
C SER A 11 9.52 12.37 -36.90
N ASP A 12 10.65 12.69 -37.55
CA ASP A 12 11.87 11.92 -37.33
C ASP A 12 12.35 11.96 -35.88
N VAL A 13 12.13 13.08 -35.19
CA VAL A 13 12.61 13.17 -33.82
C VAL A 13 11.84 12.24 -32.88
N PHE A 14 10.69 11.74 -33.29
CA PHE A 14 9.90 10.81 -32.47
C PHE A 14 10.08 9.35 -32.88
N ARG A 15 11.00 9.05 -33.79
CA ARG A 15 11.21 7.68 -34.22
C ARG A 15 11.51 6.77 -33.04
N VAL A 16 10.95 5.56 -33.07
CA VAL A 16 11.22 4.51 -32.09
C VAL A 16 12.55 3.83 -32.41
N PRO A 17 13.52 3.81 -31.50
CA PRO A 17 14.77 3.07 -31.76
C PRO A 17 14.48 1.61 -32.03
N PRO A 18 15.10 1.02 -33.05
CA PRO A 18 14.73 -0.33 -33.50
C PRO A 18 15.29 -1.43 -32.62
N GLY A 19 14.65 -2.59 -32.72
CA GLY A 19 15.10 -3.75 -31.98
C GLY A 19 14.06 -4.13 -30.94
N TYR A 20 13.90 -5.43 -30.72
CA TYR A 20 12.89 -5.89 -29.77
C TYR A 20 13.20 -5.34 -28.37
N ASN A 21 12.22 -4.64 -27.79
CA ASN A 21 12.32 -4.05 -26.46
C ASN A 21 13.53 -3.12 -26.31
N ALA A 22 13.82 -2.36 -27.36
CA ALA A 22 14.95 -1.44 -27.32
C ALA A 22 14.63 -0.32 -26.34
N PRO A 23 15.55 0.02 -25.42
CA PRO A 23 15.34 1.20 -24.57
C PRO A 23 15.06 2.45 -25.38
N GLN A 24 14.16 3.29 -24.86
CA GLN A 24 13.84 4.56 -25.50
C GLN A 24 13.61 5.60 -24.40
N GLN A 25 13.53 6.87 -24.81
CA GLN A 25 13.35 7.97 -23.83
C GLN A 25 14.46 7.94 -22.77
N VAL A 26 15.69 7.69 -23.21
CA VAL A 26 16.81 7.61 -22.27
C VAL A 26 17.16 9.01 -21.79
N HIS A 27 17.25 9.19 -20.47
CA HIS A 27 17.63 10.48 -19.92
C HIS A 27 18.40 10.27 -18.62
N ILE A 28 19.30 11.22 -18.32
CA ILE A 28 20.17 11.13 -17.15
C ILE A 28 20.08 12.44 -16.36
N THR A 29 20.34 12.34 -15.06
CA THR A 29 20.44 13.53 -14.22
C THR A 29 21.34 13.19 -13.04
N GLN A 30 21.86 14.24 -12.40
CA GLN A 30 22.74 14.03 -11.26
C GLN A 30 22.00 13.24 -10.18
N GLY A 31 22.68 12.26 -9.59
CA GLY A 31 22.08 11.34 -8.65
C GLY A 31 22.50 11.49 -7.20
N ASP A 32 23.29 12.52 -6.87
CA ASP A 32 23.80 12.71 -5.53
C ASP A 32 24.00 14.19 -5.30
N LEU A 33 24.55 14.54 -4.14
CA LEU A 33 24.68 15.97 -3.83
C LEU A 33 25.84 16.62 -4.57
N VAL A 34 26.91 15.88 -4.90
CA VAL A 34 28.17 16.51 -5.26
C VAL A 34 28.67 16.11 -6.64
N GLY A 35 27.99 15.21 -7.34
CA GLY A 35 28.32 14.89 -8.71
C GLY A 35 28.99 13.55 -8.93
N ARG A 36 29.09 12.71 -7.90
CA ARG A 36 29.67 11.40 -8.06
C ARG A 36 28.66 10.33 -8.42
N ALA A 37 27.40 10.71 -8.70
CA ALA A 37 26.41 9.71 -9.06
C ALA A 37 25.53 10.23 -10.18
N MET A 38 24.85 9.30 -10.85
CA MET A 38 24.00 9.65 -11.97
C MET A 38 22.78 8.73 -11.99
N ILE A 39 21.60 9.32 -12.10
CA ILE A 39 20.37 8.56 -12.28
C ILE A 39 20.17 8.32 -13.77
N ILE A 40 20.14 7.06 -14.17
CA ILE A 40 19.92 6.65 -15.54
C ILE A 40 18.45 6.23 -15.67
N SER A 41 17.73 6.84 -16.60
CA SER A 41 16.31 6.53 -16.77
C SER A 41 15.99 6.23 -18.23
N TRP A 42 15.05 5.31 -18.45
CA TRP A 42 14.64 4.92 -19.79
C TRP A 42 13.34 4.11 -19.69
N VAL A 43 12.73 3.86 -20.85
CA VAL A 43 11.47 3.13 -20.96
C VAL A 43 11.65 1.96 -21.91
N THR A 44 11.08 0.80 -21.57
CA THR A 44 10.91 -0.28 -22.53
C THR A 44 9.42 -0.47 -22.80
N MET A 45 9.08 -0.75 -24.06
CA MET A 45 7.68 -0.86 -24.46
C MET A 45 7.19 -2.28 -24.69
N ASP A 46 8.06 -3.22 -25.07
CA ASP A 46 7.57 -4.56 -25.43
C ASP A 46 7.42 -5.50 -24.24
N GLU A 47 8.27 -5.38 -23.23
CA GLU A 47 8.15 -6.16 -22.01
C GLU A 47 8.96 -5.47 -20.93
N PRO A 48 8.77 -5.84 -19.65
CA PRO A 48 9.48 -5.10 -18.58
C PRO A 48 10.98 -5.00 -18.78
N GLY A 49 11.65 -6.10 -19.13
CA GLY A 49 13.09 -6.04 -19.29
C GLY A 49 13.85 -5.86 -17.97
N SER A 50 15.14 -5.65 -18.12
CA SER A 50 16.06 -5.53 -17.00
C SER A 50 16.30 -4.06 -16.65
N SER A 51 16.40 -3.80 -15.34
CA SER A 51 16.78 -2.47 -14.85
C SER A 51 18.28 -2.35 -14.61
N ALA A 52 19.07 -3.26 -15.13
CA ALA A 52 20.52 -3.18 -14.94
C ALA A 52 21.14 -2.18 -15.91
N VAL A 53 22.12 -1.44 -15.43
CA VAL A 53 22.94 -0.57 -16.27
C VAL A 53 24.38 -1.07 -16.21
N ARG A 54 24.99 -1.29 -17.38
CA ARG A 54 26.41 -1.60 -17.45
C ARG A 54 27.18 -0.32 -17.77
N TYR A 55 28.26 -0.07 -17.03
CA TYR A 55 28.96 1.19 -17.19
C TYR A 55 30.44 1.02 -16.92
N TRP A 56 31.24 1.92 -17.50
CA TRP A 56 32.68 1.89 -17.30
C TRP A 56 33.26 3.25 -17.64
N SER A 57 34.40 3.56 -17.05
CA SER A 57 35.13 4.76 -17.38
C SER A 57 36.05 4.51 -18.55
N GLU A 58 36.30 5.57 -19.33
CA GLU A 58 37.36 5.54 -20.32
C GLU A 58 38.71 5.28 -19.68
N LYS A 59 38.93 5.83 -18.49
CA LYS A 59 40.23 5.79 -17.83
C LYS A 59 40.59 4.38 -17.36
N ASN A 60 39.63 3.69 -16.75
CA ASN A 60 39.90 2.36 -16.22
C ASN A 60 39.35 1.23 -17.06
N GLY A 61 38.25 1.45 -17.80
CA GLY A 61 37.76 0.43 -18.68
C GLY A 61 37.28 -0.82 -17.98
N ARG A 62 36.89 -0.70 -16.70
CA ARG A 62 36.32 -1.81 -15.96
C ARG A 62 34.79 -1.74 -16.05
N LYS A 63 34.19 -2.77 -16.63
CA LYS A 63 32.74 -2.80 -16.73
C LYS A 63 32.12 -3.20 -15.39
N ARG A 64 31.13 -2.42 -14.97
CA ARG A 64 30.40 -2.66 -13.73
C ARG A 64 28.91 -2.68 -14.05
N ILE A 65 28.14 -3.28 -13.15
CA ILE A 65 26.69 -3.37 -13.29
C ILE A 65 26.07 -2.66 -12.09
N ALA A 66 25.09 -1.81 -12.35
CA ALA A 66 24.26 -1.24 -11.30
C ALA A 66 22.82 -1.70 -11.52
N LYS A 67 22.09 -1.86 -10.43
CA LYS A 67 20.72 -2.37 -10.50
C LYS A 67 19.75 -1.30 -10.00
N GLY A 68 18.62 -1.17 -10.69
CA GLY A 68 17.62 -0.18 -10.39
C GLY A 68 16.24 -0.78 -10.33
N LYS A 69 15.24 0.06 -10.60
CA LYS A 69 13.86 -0.31 -10.34
C LYS A 69 13.01 0.06 -11.53
N MET A 70 11.99 -0.76 -11.76
CA MET A 70 11.03 -0.56 -12.83
C MET A 70 9.69 -0.14 -12.22
N SER A 71 8.99 0.76 -12.90
CA SER A 71 7.70 1.23 -12.42
C SER A 71 6.78 1.45 -13.62
N THR A 72 5.47 1.46 -13.35
CA THR A 72 4.49 1.79 -14.37
C THR A 72 3.44 2.71 -13.74
N TYR A 73 2.69 3.39 -14.60
CA TYR A 73 1.56 4.15 -14.10
C TYR A 73 0.44 4.11 -15.14
N ARG A 74 -0.74 4.52 -14.70
CA ARG A 74 -1.89 4.75 -15.58
C ARG A 74 -2.37 6.17 -15.40
N PHE A 75 -2.91 6.74 -16.47
CA PHE A 75 -3.51 8.07 -16.41
C PHE A 75 -4.77 8.02 -17.28
N PHE A 76 -5.93 8.18 -16.65
CA PHE A 76 -7.19 7.96 -17.33
C PHE A 76 -7.15 6.60 -18.06
N ASN A 77 -7.20 6.60 -19.38
CA ASN A 77 -7.19 5.34 -20.13
C ASN A 77 -5.83 5.06 -20.77
N TYR A 78 -4.79 5.76 -20.33
CA TYR A 78 -3.45 5.51 -20.81
C TYR A 78 -2.75 4.57 -19.84
N SER A 79 -2.02 3.60 -20.38
CA SER A 79 -1.13 2.73 -19.62
C SER A 79 0.29 2.94 -20.11
N SER A 80 1.19 3.28 -19.20
CA SER A 80 2.58 3.53 -19.57
C SER A 80 3.28 2.24 -19.96
N GLY A 81 4.44 2.40 -20.57
CA GLY A 81 5.40 1.32 -20.69
C GLY A 81 6.15 1.14 -19.38
N PHE A 82 7.28 0.45 -19.47
CA PHE A 82 8.03 0.06 -18.28
C PHE A 82 9.17 1.05 -18.05
N ILE A 83 9.03 1.82 -16.99
CA ILE A 83 9.92 2.95 -16.69
C ILE A 83 11.01 2.46 -15.76
N HIS A 84 12.27 2.63 -16.18
CA HIS A 84 13.42 2.21 -15.39
C HIS A 84 14.18 3.42 -14.86
N HIS A 85 14.55 3.35 -13.58
CA HIS A 85 15.44 4.32 -12.96
C HIS A 85 16.55 3.58 -12.21
N THR A 86 17.79 3.92 -12.50
CA THR A 86 18.94 3.23 -11.91
C THR A 86 20.00 4.26 -11.60
N THR A 87 20.46 4.27 -10.36
CA THR A 87 21.49 5.21 -9.96
C THR A 87 22.84 4.53 -10.01
N ILE A 88 23.77 5.12 -10.77
CA ILE A 88 25.17 4.71 -10.78
CA ILE A 88 25.14 4.65 -10.71
C ILE A 88 25.89 5.57 -9.76
N ARG A 89 26.72 4.96 -8.92
CA ARG A 89 27.33 5.68 -7.80
C ARG A 89 28.86 5.54 -7.81
N LYS A 90 29.49 6.32 -6.92
CA LYS A 90 30.95 6.27 -6.72
C LYS A 90 31.71 6.53 -8.01
N LEU A 91 31.21 7.43 -8.84
CA LEU A 91 31.90 7.81 -10.07
C LEU A 91 33.11 8.70 -9.78
N LYS A 92 34.14 8.57 -10.61
CA LYS A 92 35.30 9.45 -10.51
CA LYS A 92 35.30 9.44 -10.52
C LYS A 92 35.00 10.81 -11.14
N TYR A 93 35.54 11.86 -10.53
CA TYR A 93 35.30 13.22 -11.02
C TYR A 93 36.02 13.47 -12.35
N ASN A 94 35.41 14.34 -13.17
CA ASN A 94 36.01 14.83 -14.41
C ASN A 94 36.44 13.69 -15.33
N THR A 95 35.58 12.69 -15.48
CA THR A 95 35.90 11.45 -16.19
C THR A 95 34.80 11.09 -17.17
N LYS A 96 35.18 10.67 -18.37
CA LYS A 96 34.19 10.20 -19.34
C LYS A 96 33.80 8.75 -19.05
N TYR A 97 32.49 8.50 -18.98
CA TYR A 97 31.92 7.19 -18.73
C TYR A 97 31.03 6.80 -19.90
N TYR A 98 30.98 5.50 -20.20
CA TYR A 98 29.99 4.93 -21.09
C TYR A 98 28.99 4.15 -20.26
N TYR A 99 27.75 4.04 -20.74
CA TYR A 99 26.77 3.22 -20.05
C TYR A 99 25.88 2.55 -21.09
N GLU A 100 25.36 1.38 -20.74
CA GLU A 100 24.51 0.61 -21.64
C GLU A 100 23.23 0.22 -20.92
N VAL A 101 22.10 0.34 -21.61
CA VAL A 101 20.80 -0.06 -21.11
C VAL A 101 20.21 -1.08 -22.06
N GLY A 102 19.31 -1.90 -21.53
CA GLY A 102 18.63 -2.93 -22.30
C GLY A 102 19.48 -4.19 -22.42
N LEU A 103 20.03 -4.66 -21.31
CA LEU A 103 21.04 -5.70 -21.41
C LEU A 103 20.45 -7.06 -21.83
N ARG A 104 19.14 -7.25 -21.70
CA ARG A 104 18.56 -8.55 -22.00
CA ARG A 104 18.54 -8.55 -22.00
C ARG A 104 18.25 -8.73 -23.49
N ASN A 105 17.80 -7.68 -24.18
CA ASN A 105 17.44 -7.91 -25.58
C ASN A 105 18.16 -6.96 -26.54
N THR A 106 17.80 -5.69 -26.59
CA THR A 106 18.44 -4.76 -27.50
C THR A 106 19.20 -3.71 -26.69
N THR A 107 20.52 -3.82 -26.67
CA THR A 107 21.35 -2.90 -25.91
C THR A 107 21.61 -1.61 -26.68
N ARG A 108 21.61 -0.48 -25.97
CA ARG A 108 21.99 0.82 -26.52
C ARG A 108 23.01 1.45 -25.60
N ARG A 109 24.01 2.11 -26.17
CA ARG A 109 25.14 2.62 -25.43
C ARG A 109 25.17 4.14 -25.55
N PHE A 110 25.57 4.80 -24.46
CA PHE A 110 25.63 6.26 -24.41
C PHE A 110 26.85 6.65 -23.58
N SER A 111 27.04 7.95 -23.38
CA SER A 111 28.17 8.39 -22.57
C SER A 111 27.87 9.72 -21.90
N PHE A 112 28.59 9.99 -20.83
CA PHE A 112 28.57 11.29 -20.16
C PHE A 112 29.94 11.53 -19.55
N ILE A 113 30.19 12.78 -19.17
CA ILE A 113 31.41 13.17 -18.48
C ILE A 113 31.00 13.73 -17.12
N THR A 114 31.51 13.14 -16.05
CA THR A 114 31.20 13.67 -14.73
C THR A 114 31.81 15.06 -14.57
N PRO A 115 31.19 15.91 -13.75
CA PRO A 115 31.78 17.23 -13.49
C PRO A 115 33.08 17.10 -12.72
N PRO A 116 33.91 18.15 -12.69
CA PRO A 116 35.06 18.15 -11.76
C PRO A 116 34.55 18.25 -10.33
N GLN A 117 35.44 17.97 -9.38
CA GLN A 117 35.06 18.09 -7.98
C GLN A 117 34.70 19.55 -7.67
N THR A 118 33.77 19.73 -6.71
CA THR A 118 33.34 21.08 -6.37
C THR A 118 34.53 21.88 -5.85
N GLY A 119 34.53 23.18 -6.17
CA GLY A 119 35.68 24.00 -5.85
C GLY A 119 35.43 25.44 -6.21
N LEU A 120 36.30 26.30 -5.69
CA LEU A 120 36.11 27.74 -5.81
C LEU A 120 36.12 28.20 -7.27
N ASP A 121 37.14 27.79 -8.04
CA ASP A 121 37.37 28.38 -9.35
C ASP A 121 37.06 27.45 -10.51
N VAL A 122 36.31 26.39 -10.27
CA VAL A 122 36.02 25.35 -11.26
C VAL A 122 35.12 25.90 -12.36
N PRO A 123 35.59 26.08 -13.60
CA PRO A 123 34.71 26.57 -14.66
C PRO A 123 33.69 25.52 -15.07
N TYR A 124 32.51 25.99 -15.49
CA TYR A 124 31.45 25.08 -15.91
C TYR A 124 30.41 25.86 -16.70
N THR A 125 29.86 25.26 -17.75
CA THR A 125 28.95 25.93 -18.67
C THR A 125 27.57 25.28 -18.53
N PHE A 126 26.61 26.04 -18.02
CA PHE A 126 25.23 25.60 -17.85
C PHE A 126 24.37 26.11 -18.99
N GLY A 127 23.61 25.21 -19.61
CA GLY A 127 22.56 25.65 -20.51
C GLY A 127 21.31 26.01 -19.73
N LEU A 128 20.58 27.00 -20.22
CA LEU A 128 19.29 27.37 -19.63
C LEU A 128 18.18 27.20 -20.67
N ILE A 129 17.25 26.31 -20.38
CA ILE A 129 16.11 25.99 -21.24
C ILE A 129 14.85 26.01 -20.40
N GLY A 130 13.79 26.61 -20.94
CA GLY A 130 12.51 26.65 -20.26
C GLY A 130 11.34 26.50 -21.21
N ASP A 131 10.31 25.78 -20.77
CA ASP A 131 9.04 25.70 -21.49
C ASP A 131 9.22 25.16 -22.89
N LEU A 132 9.86 23.99 -22.98
CA LEU A 132 10.39 23.50 -24.26
C LEU A 132 9.27 23.04 -25.19
N GLY A 133 8.44 22.11 -24.74
CA GLY A 133 7.37 21.57 -25.58
C GLY A 133 7.93 20.73 -26.71
N GLN A 134 7.08 20.50 -27.71
CA GLN A 134 7.46 19.65 -28.85
C GLN A 134 6.91 20.23 -30.14
N SER A 135 7.03 21.54 -30.31
CA SER A 135 6.72 22.21 -31.57
C SER A 135 7.97 22.25 -32.45
N PHE A 136 7.81 22.75 -33.67
CA PHE A 136 8.98 22.97 -34.51
C PHE A 136 9.92 24.01 -33.91
N ASP A 137 9.37 25.02 -33.23
CA ASP A 137 10.21 25.97 -32.52
C ASP A 137 11.06 25.30 -31.45
N SER A 138 10.45 24.37 -30.70
CA SER A 138 11.21 23.61 -29.69
C SER A 138 12.41 22.91 -30.31
N ASN A 139 12.20 22.27 -31.47
CA ASN A 139 13.28 21.55 -32.11
C ASN A 139 14.40 22.49 -32.53
N THR A 140 14.05 23.71 -32.98
CA THR A 140 15.08 24.66 -33.38
C THR A 140 15.90 25.11 -32.18
N THR A 141 15.25 25.33 -31.04
CA THR A 141 15.98 25.72 -29.84
C THR A 141 16.94 24.64 -29.39
N LEU A 142 16.48 23.38 -29.37
CA LEU A 142 17.37 22.29 -29.02
C LEU A 142 18.54 22.22 -30.00
N SER A 143 18.26 22.39 -31.29
CA SER A 143 19.33 22.39 -32.27
CA SER A 143 19.34 22.40 -32.27
C SER A 143 20.35 23.49 -31.96
N HIS A 144 19.87 24.70 -31.66
CA HIS A 144 20.77 25.80 -31.35
C HIS A 144 21.59 25.52 -30.09
N TYR A 145 20.97 24.90 -29.09
CA TYR A 145 21.71 24.57 -27.87
C TYR A 145 22.86 23.62 -28.19
N GLU A 146 22.58 22.54 -28.90
CA GLU A 146 23.60 21.52 -29.10
C GLU A 146 24.66 21.95 -30.11
N LEU A 147 24.37 22.94 -30.95
CA LEU A 147 25.35 23.50 -31.87
C LEU A 147 26.07 24.73 -31.30
N SER A 148 25.80 25.09 -30.07
CA SER A 148 26.38 26.30 -29.51
C SER A 148 27.89 26.16 -29.36
N PRO A 149 28.69 27.11 -29.86
CA PRO A 149 30.14 27.02 -29.64
C PRO A 149 30.52 27.11 -28.18
N LYS A 150 29.62 27.57 -27.30
CA LYS A 150 29.90 27.63 -25.87
C LYS A 150 29.92 26.25 -25.23
N LYS A 151 29.25 25.26 -25.84
CA LYS A 151 29.28 23.88 -25.36
C LYS A 151 28.73 23.73 -23.95
N GLY A 152 27.41 23.65 -23.83
CA GLY A 152 26.80 23.47 -22.53
C GLY A 152 27.04 22.07 -22.02
N GLN A 153 27.27 21.95 -20.70
CA GLN A 153 27.63 20.69 -20.08
C GLN A 153 26.53 20.09 -19.23
N THR A 154 25.52 20.89 -18.87
CA THR A 154 24.39 20.48 -18.06
C THR A 154 23.29 21.50 -18.34
N VAL A 155 22.06 21.04 -18.51
CA VAL A 155 20.93 21.94 -18.73
C VAL A 155 20.23 22.15 -17.40
N LEU A 156 20.02 23.42 -17.03
CA LEU A 156 19.10 23.80 -15.95
C LEU A 156 17.75 24.08 -16.60
N PHE A 157 16.75 23.26 -16.26
CA PHE A 157 15.48 23.25 -16.97
C PHE A 157 14.40 23.78 -16.03
N VAL A 158 13.82 24.92 -16.39
CA VAL A 158 13.00 25.70 -15.45
C VAL A 158 11.52 25.35 -15.56
N GLY A 159 11.19 24.21 -16.16
CA GLY A 159 9.86 23.66 -16.06
C GLY A 159 9.05 23.80 -17.35
N ASP A 160 7.92 23.09 -17.37
CA ASP A 160 7.01 22.90 -18.50
C ASP A 160 7.72 22.09 -19.59
N LEU A 161 7.60 20.77 -19.50
CA LEU A 161 8.37 19.85 -20.33
C LEU A 161 7.62 19.51 -21.61
N SER A 162 6.65 18.58 -21.55
CA SER A 162 6.07 18.00 -22.75
C SER A 162 4.84 18.75 -23.26
N TYR A 163 4.13 19.46 -22.39
CA TYR A 163 2.85 20.06 -22.74
C TYR A 163 1.86 19.01 -23.21
N ALA A 164 2.06 17.77 -22.75
CA ALA A 164 1.08 16.71 -23.02
C ALA A 164 -0.30 17.07 -22.50
N ASP A 165 -0.37 17.88 -21.43
CA ASP A 165 -1.66 18.15 -20.81
C ASP A 165 -2.54 19.08 -21.65
N ARG A 166 -2.04 19.58 -22.79
CA ARG A 166 -2.89 20.32 -23.71
C ARG A 166 -3.71 19.42 -24.62
N TYR A 167 -3.39 18.14 -24.69
CA TYR A 167 -4.05 17.14 -25.50
C TYR A 167 -5.29 16.58 -24.81
N PRO A 168 -6.19 15.94 -25.56
CA PRO A 168 -7.37 15.30 -24.96
C PRO A 168 -6.99 14.27 -23.91
N ASN A 169 -7.60 14.39 -22.73
CA ASN A 169 -7.27 13.56 -21.57
C ASN A 169 -5.77 13.55 -21.28
N HIS A 170 -5.09 14.65 -21.59
CA HIS A 170 -3.65 14.82 -21.37
C HIS A 170 -2.84 13.80 -22.17
N ASP A 171 -3.40 13.26 -23.26
CA ASP A 171 -2.85 12.12 -24.01
C ASP A 171 -1.39 11.82 -23.67
N ASN A 172 -1.14 10.90 -22.73
CA ASN A 172 0.23 10.78 -22.24
C ASN A 172 1.16 10.17 -23.27
N VAL A 173 0.66 9.79 -24.46
CA VAL A 173 1.54 9.44 -25.57
C VAL A 173 2.46 10.62 -25.87
N ARG A 174 2.00 11.83 -25.61
CA ARG A 174 2.80 13.00 -25.87
C ARG A 174 3.91 13.21 -24.85
N TRP A 175 3.88 12.50 -23.71
CA TRP A 175 5.08 12.41 -22.88
C TRP A 175 6.11 11.47 -23.50
N ASP A 176 5.65 10.37 -24.07
CA ASP A 176 6.57 9.41 -24.69
C ASP A 176 7.32 10.05 -25.86
N THR A 177 6.60 10.74 -26.75
CA THR A 177 7.26 11.41 -27.87
C THR A 177 8.26 12.45 -27.38
N TRP A 178 7.90 13.21 -26.35
CA TRP A 178 8.84 14.18 -25.83
C TRP A 178 10.10 13.51 -25.30
N GLY A 179 9.96 12.37 -24.61
CA GLY A 179 11.16 11.66 -24.12
C GLY A 179 12.06 11.20 -25.26
N ARG A 180 11.46 10.73 -26.34
CA ARG A 180 12.23 10.31 -27.52
C ARG A 180 12.89 11.50 -28.20
N PHE A 181 12.23 12.65 -28.20
CA PHE A 181 12.75 13.82 -28.90
C PHE A 181 13.92 14.45 -28.16
N THR A 182 13.84 14.59 -26.83
CA THR A 182 14.90 15.22 -26.06
C THR A 182 16.09 14.30 -25.79
N GLU A 183 15.93 12.99 -25.99
CA GLU A 183 16.99 12.02 -25.73
C GLU A 183 18.33 12.41 -26.36
N ARG A 184 18.31 12.96 -27.59
CA ARG A 184 19.57 13.26 -28.26
C ARG A 184 20.44 14.24 -27.47
N SER A 185 19.87 14.93 -26.48
CA SER A 185 20.66 15.73 -25.56
C SER A 185 20.77 15.09 -24.18
N VAL A 186 19.63 14.75 -23.56
CA VAL A 186 19.62 14.41 -22.14
C VAL A 186 20.14 13.01 -21.88
N ALA A 187 20.28 12.17 -22.91
CA ALA A 187 20.96 10.89 -22.71
C ALA A 187 22.46 11.05 -22.56
N TYR A 188 23.01 12.20 -22.97
CA TYR A 188 24.45 12.40 -22.97
C TYR A 188 24.92 13.45 -21.98
N GLN A 189 24.01 14.23 -21.40
CA GLN A 189 24.34 15.19 -20.35
C GLN A 189 23.13 15.36 -19.46
N PRO A 190 23.32 15.61 -18.16
CA PRO A 190 22.17 15.74 -17.27
C PRO A 190 21.37 17.00 -17.55
N TRP A 191 20.06 16.88 -17.40
CA TRP A 191 19.18 18.04 -17.27
C TRP A 191 18.67 18.05 -15.84
N ILE A 192 18.64 19.22 -15.22
CA ILE A 192 18.24 19.39 -13.83
C ILE A 192 16.79 19.87 -13.85
N TRP A 193 15.88 19.06 -13.32
CA TRP A 193 14.45 19.25 -13.55
C TRP A 193 13.81 20.15 -12.49
N THR A 194 13.05 21.14 -12.96
CA THR A 194 12.13 21.95 -12.15
C THR A 194 10.70 21.65 -12.60
N ALA A 195 9.76 21.61 -11.66
CA ALA A 195 8.37 21.31 -11.99
C ALA A 195 7.60 22.59 -12.27
N GLY A 196 6.92 22.63 -13.42
CA GLY A 196 6.13 23.76 -13.84
C GLY A 196 4.64 23.46 -13.82
N ASN A 197 3.84 24.44 -14.25
CA ASN A 197 2.40 24.26 -14.09
C ASN A 197 1.84 23.23 -15.06
N HIS A 198 2.50 23.01 -16.21
CA HIS A 198 2.04 21.94 -17.09
C HIS A 198 2.38 20.55 -16.56
N GLU A 199 3.19 20.45 -15.52
CA GLU A 199 3.40 19.15 -14.90
C GLU A 199 2.36 18.83 -13.81
N ILE A 200 1.58 19.81 -13.37
CA ILE A 200 0.62 19.56 -12.29
C ILE A 200 -0.35 18.46 -12.69
N GLU A 201 -0.95 18.59 -13.88
CA GLU A 201 -1.93 17.63 -14.39
C GLU A 201 -2.95 17.24 -13.32
N PHE A 202 -3.55 18.25 -12.70
CA PHE A 202 -4.63 18.03 -11.75
C PHE A 202 -5.95 18.01 -12.53
N ALA A 203 -6.58 16.84 -12.63
CA ALA A 203 -7.71 16.63 -13.54
C ALA A 203 -8.80 15.85 -12.82
N PRO A 204 -9.45 16.47 -11.83
CA PRO A 204 -10.50 15.75 -11.10
C PRO A 204 -11.64 15.26 -11.99
N GLU A 205 -11.87 15.91 -13.13
CA GLU A 205 -12.98 15.50 -13.97
C GLU A 205 -12.75 14.14 -14.62
N ILE A 206 -11.51 13.66 -14.68
CA ILE A 206 -11.23 12.30 -15.13
C ILE A 206 -10.57 11.53 -14.00
N ASN A 207 -10.87 11.92 -12.75
CA ASN A 207 -10.42 11.18 -11.57
CA ASN A 207 -10.43 11.20 -11.56
C ASN A 207 -8.89 11.08 -11.51
N GLU A 208 -8.20 12.13 -11.92
CA GLU A 208 -6.75 12.15 -11.78
C GLU A 208 -6.40 13.32 -10.86
N THR A 209 -6.27 13.02 -9.57
CA THR A 209 -6.19 14.07 -8.56
C THR A 209 -4.84 14.18 -7.87
N GLU A 210 -3.83 13.39 -8.28
CA GLU A 210 -2.52 13.42 -7.63
C GLU A 210 -1.61 14.39 -8.38
N PRO A 211 -1.23 15.54 -7.80
CA PRO A 211 -0.43 16.51 -8.54
C PRO A 211 0.92 15.94 -8.95
N PHE A 212 1.30 16.25 -10.20
CA PHE A 212 2.61 15.94 -10.78
C PHE A 212 2.80 14.47 -11.12
N LYS A 213 1.72 13.67 -11.17
CA LYS A 213 1.88 12.21 -11.28
C LYS A 213 2.70 11.77 -12.50
N PRO A 214 2.30 12.06 -13.75
CA PRO A 214 3.11 11.53 -14.86
C PRO A 214 4.55 12.01 -14.83
N PHE A 215 4.76 13.29 -14.50
CA PHE A 215 6.12 13.85 -14.42
C PHE A 215 6.95 13.15 -13.35
N SER A 216 6.36 12.91 -12.19
CA SER A 216 7.14 12.35 -11.09
C SER A 216 7.51 10.89 -11.36
N TYR A 217 6.69 10.16 -12.11
CA TYR A 217 7.05 8.78 -12.46
C TYR A 217 8.20 8.76 -13.45
N ARG A 218 8.19 9.68 -14.42
CA ARG A 218 9.11 9.66 -15.54
C ARG A 218 10.44 10.33 -15.21
N TYR A 219 10.44 11.35 -14.37
CA TYR A 219 11.63 12.17 -14.11
C TYR A 219 11.93 12.13 -12.61
N HIS A 220 12.93 11.35 -12.21
CA HIS A 220 13.38 11.31 -10.83
C HIS A 220 14.50 12.34 -10.59
N VAL A 221 14.58 12.80 -9.35
CA VAL A 221 15.59 13.76 -8.93
C VAL A 221 16.19 13.28 -7.61
N PRO A 222 17.41 13.70 -7.28
CA PRO A 222 18.09 13.20 -6.08
C PRO A 222 17.71 13.98 -4.81
N TYR A 223 16.42 14.00 -4.48
CA TYR A 223 15.98 14.95 -3.45
C TYR A 223 16.40 14.53 -2.04
N GLU A 224 16.45 13.23 -1.74
CA GLU A 224 16.91 12.81 -0.41
C GLU A 224 18.36 13.24 -0.12
N ALA A 225 19.17 13.46 -1.15
CA ALA A 225 20.58 13.80 -0.93
C ALA A 225 20.75 15.17 -0.30
N SER A 226 19.80 16.08 -0.46
CA SER A 226 19.82 17.34 0.28
C SER A 226 18.82 17.34 1.43
N GLN A 227 18.37 16.17 1.86
CA GLN A 227 17.44 16.02 2.98
C GLN A 227 16.09 16.67 2.71
N SER A 228 15.71 16.80 1.45
CA SER A 228 14.32 17.16 1.15
C SER A 228 13.45 15.91 1.29
N THR A 229 12.17 16.14 1.60
CA THR A 229 11.20 15.05 1.71
C THR A 229 10.30 14.96 0.49
N SER A 230 10.60 15.71 -0.57
CA SER A 230 9.75 15.71 -1.76
C SER A 230 10.60 15.93 -3.00
N PRO A 231 10.28 15.25 -4.10
CA PRO A 231 11.03 15.47 -5.35
C PRO A 231 10.87 16.87 -5.92
N PHE A 232 9.93 17.67 -5.45
CA PHE A 232 9.64 18.92 -6.13
C PHE A 232 10.49 20.08 -5.65
N TRP A 233 11.25 19.93 -4.56
CA TRP A 233 12.25 20.90 -4.14
C TRP A 233 13.46 20.14 -3.62
N TYR A 234 14.66 20.61 -3.96
CA TYR A 234 15.91 19.89 -3.71
C TYR A 234 17.07 20.76 -4.19
N SER A 235 18.28 20.36 -3.78
CA SER A 235 19.50 21.06 -4.10
C SER A 235 20.53 20.08 -4.67
N ILE A 236 21.37 20.56 -5.58
CA ILE A 236 22.56 19.82 -5.98
C ILE A 236 23.72 20.78 -6.07
N LYS A 237 24.92 20.25 -5.91
CA LYS A 237 26.15 20.99 -6.18
C LYS A 237 26.83 20.42 -7.41
N ARG A 238 27.38 21.30 -8.24
CA ARG A 238 28.06 20.84 -9.46
C ARG A 238 29.10 21.88 -9.81
N ALA A 239 30.36 21.45 -9.87
CA ALA A 239 31.49 22.32 -10.17
C ALA A 239 31.52 23.44 -9.13
N SER A 240 31.46 24.72 -9.50
CA SER A 240 31.51 25.82 -8.55
C SER A 240 30.13 26.36 -8.20
N ALA A 241 29.07 25.60 -8.45
CA ALA A 241 27.70 26.07 -8.28
C ALA A 241 26.96 25.26 -7.23
N HIS A 242 26.12 25.94 -6.45
CA HIS A 242 25.11 25.32 -5.59
C HIS A 242 23.77 25.73 -6.18
N ILE A 243 22.95 24.75 -6.54
CA ILE A 243 21.73 24.98 -7.30
C ILE A 243 20.53 24.58 -6.45
N ILE A 244 19.61 25.50 -6.22
CA ILE A 244 18.43 25.25 -5.40
C ILE A 244 17.21 25.22 -6.32
N VAL A 245 16.50 24.09 -6.34
CA VAL A 245 15.31 23.93 -7.17
C VAL A 245 14.07 24.03 -6.28
N LEU A 246 13.14 24.92 -6.64
CA LEU A 246 11.94 25.18 -5.85
C LEU A 246 10.69 24.85 -6.66
N SER A 247 9.57 24.75 -5.95
CA SER A 247 8.32 24.28 -6.52
C SER A 247 7.27 25.39 -6.40
N SER A 248 7.01 26.07 -7.51
CA SER A 248 6.04 27.17 -7.52
C SER A 248 4.65 26.71 -7.14
N TYR A 249 4.35 25.43 -7.36
CA TYR A 249 2.99 24.91 -7.23
C TYR A 249 2.89 23.89 -6.10
N SER A 250 3.81 23.96 -5.14
CA SER A 250 3.71 23.29 -3.85
C SER A 250 3.50 24.35 -2.76
N ALA A 251 3.23 23.87 -1.56
CA ALA A 251 3.04 24.80 -0.46
C ALA A 251 4.38 25.42 -0.06
N TYR A 252 4.35 26.69 0.34
CA TYR A 252 5.53 27.33 0.88
C TYR A 252 5.18 28.30 2.01
N GLY A 253 4.03 28.12 2.66
CA GLY A 253 3.73 28.90 3.85
C GLY A 253 4.70 28.59 4.97
N ARG A 254 4.74 29.49 5.95
CA ARG A 254 5.64 29.29 7.08
C ARG A 254 5.31 27.98 7.78
N GLY A 255 6.34 27.15 8.03
CA GLY A 255 6.14 25.87 8.65
C GLY A 255 5.91 24.71 7.70
N THR A 256 5.71 24.97 6.41
CA THR A 256 5.47 23.87 5.49
C THR A 256 6.79 23.16 5.16
N PRO A 257 6.73 21.93 4.64
CA PRO A 257 7.97 21.24 4.24
C PRO A 257 8.92 22.07 3.37
N GLN A 258 8.43 22.65 2.27
CA GLN A 258 9.33 23.39 1.37
C GLN A 258 9.91 24.62 2.06
N TYR A 259 9.09 25.38 2.79
CA TYR A 259 9.59 26.55 3.50
C TYR A 259 10.67 26.15 4.50
N THR A 260 10.41 25.13 5.31
CA THR A 260 11.37 24.66 6.30
CA THR A 260 11.37 24.68 6.29
C THR A 260 12.66 24.19 5.63
N TRP A 261 12.52 23.40 4.56
CA TRP A 261 13.69 22.87 3.89
C TRP A 261 14.55 24.00 3.32
N LEU A 262 13.92 25.00 2.69
CA LEU A 262 14.71 26.07 2.05
C LEU A 262 15.42 26.92 3.09
N LYS A 263 14.73 27.30 4.16
CA LYS A 263 15.37 28.10 5.19
C LYS A 263 16.62 27.40 5.72
N LYS A 264 16.53 26.08 5.94
CA LYS A 264 17.70 25.36 6.44
C LYS A 264 18.74 25.18 5.33
N GLU A 265 18.29 24.95 4.09
CA GLU A 265 19.24 24.74 3.01
C GLU A 265 20.07 26.00 2.76
N LEU A 266 19.45 27.18 2.84
CA LEU A 266 20.23 28.41 2.66
C LEU A 266 21.31 28.52 3.73
N ARG A 267 21.01 28.12 4.97
CA ARG A 267 22.01 28.12 6.04
C ARG A 267 23.17 27.17 5.74
N LYS A 268 22.93 26.09 4.98
CA LYS A 268 24.00 25.13 4.70
C LYS A 268 24.89 25.54 3.52
N VAL A 269 24.50 26.55 2.73
CA VAL A 269 25.31 26.90 1.56
C VAL A 269 26.68 27.34 2.02
N LYS A 270 27.72 26.83 1.37
CA LYS A 270 29.09 27.24 1.65
C LYS A 270 29.66 27.88 0.39
N ARG A 271 29.62 29.21 0.35
CA ARG A 271 30.18 29.97 -0.77
C ARG A 271 31.70 29.85 -0.85
N SER A 272 32.35 29.36 0.20
CA SER A 272 33.77 29.06 0.14
C SER A 272 34.07 27.76 -0.58
N GLU A 273 33.04 26.97 -0.89
CA GLU A 273 33.20 25.77 -1.69
C GLU A 273 32.48 25.87 -3.03
N THR A 274 31.26 26.40 -3.06
CA THR A 274 30.54 26.66 -4.30
C THR A 274 30.19 28.14 -4.35
N PRO A 275 30.99 28.98 -5.00
CA PRO A 275 30.72 30.42 -4.96
C PRO A 275 29.43 30.84 -5.68
N TRP A 276 28.94 30.09 -6.67
CA TRP A 276 27.79 30.51 -7.46
C TRP A 276 26.52 29.90 -6.88
N LEU A 277 25.62 30.75 -6.39
CA LEU A 277 24.35 30.32 -5.80
C LEU A 277 23.24 30.62 -6.79
N ILE A 278 22.58 29.57 -7.27
CA ILE A 278 21.63 29.63 -8.37
C ILE A 278 20.31 29.05 -7.90
N VAL A 279 19.23 29.80 -8.07
CA VAL A 279 17.90 29.32 -7.72
C VAL A 279 17.09 29.10 -8.99
N LEU A 280 16.42 27.94 -9.07
CA LEU A 280 15.51 27.62 -10.16
C LEU A 280 14.08 27.54 -9.63
N MET A 281 13.15 28.12 -10.39
CA MET A 281 11.74 28.01 -10.08
C MET A 281 10.99 28.22 -11.39
N HIS A 282 9.74 27.78 -11.43
CA HIS A 282 9.05 27.93 -12.70
C HIS A 282 8.49 29.35 -12.88
N SER A 283 7.84 29.88 -11.85
CA SER A 283 7.07 31.11 -11.98
C SER A 283 7.95 32.30 -11.60
N PRO A 284 8.14 33.28 -12.49
CA PRO A 284 9.09 34.37 -12.20
C PRO A 284 8.58 35.35 -11.16
N LEU A 285 9.47 35.75 -10.25
CA LEU A 285 9.12 36.75 -9.24
C LEU A 285 9.15 38.18 -9.79
N TYR A 286 9.92 38.41 -10.84
CA TYR A 286 9.99 39.69 -11.54
C TYR A 286 9.69 39.40 -13.01
N ASN A 287 8.73 40.13 -13.55
CA ASN A 287 8.16 39.82 -14.86
C ASN A 287 7.32 41.00 -15.31
N SER A 288 7.67 41.59 -16.45
CA SER A 288 6.98 42.78 -16.93
C SER A 288 6.19 42.50 -18.21
N TYR A 289 5.95 41.22 -18.51
CA TYR A 289 5.09 40.80 -19.59
C TYR A 289 3.64 40.72 -19.11
N ASN A 290 2.70 40.87 -20.05
CA ASN A 290 1.26 40.75 -19.73
CA ASN A 290 1.29 40.77 -19.69
C ASN A 290 0.93 39.35 -19.24
N HIS A 291 1.37 38.34 -19.99
CA HIS A 291 1.09 36.96 -19.64
C HIS A 291 1.65 36.62 -18.26
N HIS A 292 0.77 36.17 -17.37
CA HIS A 292 1.10 35.75 -16.01
C HIS A 292 1.64 36.89 -15.15
N PHE A 293 1.34 38.14 -15.52
CA PHE A 293 1.79 39.29 -14.75
C PHE A 293 1.36 39.12 -13.29
N MET A 294 2.34 39.24 -12.39
CA MET A 294 2.18 39.21 -10.93
C MET A 294 1.79 37.85 -10.36
N GLU A 295 1.83 36.77 -11.14
CA GLU A 295 1.61 35.45 -10.54
C GLU A 295 2.67 35.10 -9.50
N GLY A 296 3.88 35.67 -9.61
CA GLY A 296 4.96 35.35 -8.71
C GLY A 296 4.99 36.15 -7.42
N GLU A 297 4.02 37.05 -7.21
CA GLU A 297 4.02 37.88 -6.01
C GLU A 297 3.96 37.04 -4.74
N ALA A 298 3.14 35.98 -4.74
CA ALA A 298 2.97 35.17 -3.55
C ALA A 298 4.30 34.58 -3.07
N MET A 299 5.04 33.91 -3.97
CA MET A 299 6.31 33.35 -3.54
C MET A 299 7.32 34.44 -3.26
N ARG A 300 7.21 35.56 -3.98
CA ARG A 300 8.12 36.65 -3.71
C ARG A 300 7.99 37.14 -2.28
N THR A 301 6.75 37.32 -1.78
CA THR A 301 6.60 37.83 -0.42
C THR A 301 7.27 36.90 0.59
N LYS A 302 7.26 35.60 0.31
CA LYS A 302 7.86 34.62 1.23
C LYS A 302 9.38 34.60 1.15
N PHE A 303 9.97 34.61 -0.05
CA PHE A 303 11.36 34.21 -0.22
C PHE A 303 12.31 35.29 -0.71
N GLU A 304 11.81 36.41 -1.24
CA GLU A 304 12.69 37.42 -1.80
C GLU A 304 13.71 37.91 -0.77
N ALA A 305 13.24 38.21 0.44
CA ALA A 305 14.16 38.73 1.45
C ALA A 305 15.26 37.73 1.79
N TRP A 306 14.95 36.42 1.75
CA TRP A 306 16.01 35.44 2.00
C TRP A 306 17.02 35.43 0.87
N PHE A 307 16.56 35.59 -0.38
CA PHE A 307 17.49 35.61 -1.52
C PHE A 307 18.46 36.78 -1.40
N VAL A 308 17.99 37.90 -0.87
CA VAL A 308 18.87 39.05 -0.68
C VAL A 308 19.83 38.79 0.47
N LYS A 309 19.32 38.25 1.58
CA LYS A 309 20.16 38.00 2.75
C LYS A 309 21.27 37.01 2.44
N TYR A 310 20.98 35.98 1.64
CA TYR A 310 21.97 34.96 1.36
C TYR A 310 22.75 35.23 0.08
N LYS A 311 22.54 36.41 -0.54
CA LYS A 311 23.33 36.86 -1.68
CA LYS A 311 23.34 36.87 -1.68
C LYS A 311 23.27 35.88 -2.84
N VAL A 312 22.04 35.44 -3.16
CA VAL A 312 21.82 34.62 -4.35
C VAL A 312 22.33 35.40 -5.56
N ASP A 313 23.10 34.72 -6.42
CA ASP A 313 23.66 35.38 -7.61
C ASP A 313 22.59 35.62 -8.66
N VAL A 314 21.78 34.60 -8.95
CA VAL A 314 20.84 34.68 -10.06
C VAL A 314 19.67 33.74 -9.81
N VAL A 315 18.47 34.18 -10.21
CA VAL A 315 17.26 33.36 -10.19
C VAL A 315 16.78 33.18 -11.62
N PHE A 316 16.61 31.92 -12.03
CA PHE A 316 16.09 31.57 -13.34
C PHE A 316 14.67 31.04 -13.21
N ALA A 317 13.80 31.51 -14.10
CA ALA A 317 12.41 31.07 -14.17
C ALA A 317 11.98 30.97 -15.62
N GLY A 318 10.83 30.34 -15.84
CA GLY A 318 10.26 30.20 -17.17
C GLY A 318 8.84 30.73 -17.18
N HIS A 319 7.88 29.90 -17.61
CA HIS A 319 6.45 30.16 -17.48
C HIS A 319 5.97 31.25 -18.45
N VAL A 320 6.65 32.41 -18.48
CA VAL A 320 6.42 33.42 -19.51
C VAL A 320 7.19 33.04 -20.76
N HIS A 321 6.52 33.00 -21.91
CA HIS A 321 7.13 32.51 -23.14
C HIS A 321 7.86 33.64 -23.88
N ALA A 322 8.96 34.05 -23.27
CA ALA A 322 9.72 35.20 -23.73
C ALA A 322 11.00 35.28 -22.89
N TYR A 323 11.84 36.27 -23.19
CA TYR A 323 13.09 36.46 -22.46
C TYR A 323 13.08 37.79 -21.72
N GLU A 324 13.58 37.79 -20.48
CA GLU A 324 13.73 39.02 -19.71
C GLU A 324 14.89 38.87 -18.73
N ARG A 325 15.63 39.95 -18.54
CA ARG A 325 16.70 40.03 -17.55
C ARG A 325 16.49 41.28 -16.69
N SER A 326 16.26 41.08 -15.40
CA SER A 326 16.02 42.21 -14.50
C SER A 326 17.34 42.94 -14.22
N GLU A 327 17.23 44.15 -13.66
CA GLU A 327 18.33 44.71 -12.87
C GLU A 327 18.40 43.98 -11.52
N ARG A 328 19.50 44.19 -10.79
CA ARG A 328 19.58 43.76 -9.41
C ARG A 328 18.67 44.66 -8.59
N VAL A 329 17.56 44.11 -8.11
CA VAL A 329 16.47 44.89 -7.55
CA VAL A 329 16.49 44.90 -7.53
C VAL A 329 15.91 44.15 -6.34
N SER A 330 15.32 44.91 -5.41
CA SER A 330 14.59 44.32 -4.29
C SER A 330 13.32 45.12 -4.04
N ASN A 331 12.36 44.44 -3.42
CA ASN A 331 11.08 45.04 -3.04
C ASN A 331 10.70 44.45 -1.68
N ILE A 332 11.58 44.63 -0.70
CA ILE A 332 11.48 43.93 0.58
C ILE A 332 11.22 44.88 1.75
N ALA A 333 10.92 46.16 1.47
CA ALA A 333 10.75 47.18 2.52
C ALA A 333 9.30 47.50 2.84
N TYR A 334 8.34 46.80 2.25
CA TYR A 334 6.92 47.13 2.37
C TYR A 334 6.38 46.64 3.71
N LYS A 335 5.61 47.51 4.39
CA LYS A 335 5.04 47.19 5.70
C LYS A 335 3.55 47.54 5.77
N ILE A 336 2.84 47.34 4.67
CA ILE A 336 1.38 47.50 4.55
C ILE A 336 0.99 48.97 4.42
N THR A 337 1.35 49.78 5.40
CA THR A 337 0.90 51.17 5.47
C THR A 337 2.01 52.20 5.24
N ASN A 338 3.23 51.78 4.91
CA ASN A 338 4.34 52.72 4.75
C ASN A 338 4.55 53.16 3.30
N GLY A 339 3.72 52.68 2.36
CA GLY A 339 3.80 53.05 0.97
C GLY A 339 5.01 52.54 0.20
N LEU A 340 5.88 51.74 0.82
CA LEU A 340 7.17 51.39 0.21
C LEU A 340 7.05 50.08 -0.57
N CYS A 341 6.39 50.19 -1.73
CA CYS A 341 6.09 49.02 -2.57
C CYS A 341 6.73 49.11 -3.94
N THR A 342 7.68 50.01 -4.12
CA THR A 342 8.35 50.15 -5.41
C THR A 342 9.70 49.45 -5.39
N PRO A 343 9.99 48.58 -6.36
CA PRO A 343 11.31 47.94 -6.41
C PRO A 343 12.40 49.00 -6.59
N VAL A 344 13.49 48.83 -5.84
CA VAL A 344 14.65 49.71 -5.91
C VAL A 344 15.86 48.91 -6.34
N LYS A 345 16.79 49.59 -7.00
CA LYS A 345 18.10 49.00 -7.28
C LYS A 345 18.76 48.57 -5.98
N ASP A 346 19.27 47.34 -5.99
CA ASP A 346 19.82 46.73 -4.77
C ASP A 346 20.94 45.79 -5.24
N GLN A 347 22.19 46.25 -5.12
CA GLN A 347 23.32 45.45 -5.58
C GLN A 347 23.52 44.18 -4.77
N SER A 348 22.84 44.06 -3.63
CA SER A 348 22.90 42.81 -2.88
C SER A 348 21.90 41.77 -3.37
N ALA A 349 21.03 42.11 -4.33
CA ALA A 349 19.97 41.23 -4.80
C ALA A 349 20.46 40.38 -5.97
N PRO A 350 19.79 39.26 -6.27
CA PRO A 350 20.13 38.52 -7.48
C PRO A 350 19.59 39.23 -8.72
N VAL A 351 20.11 38.81 -9.87
CA VAL A 351 19.44 39.09 -11.13
C VAL A 351 18.37 38.04 -11.33
N TYR A 352 17.18 38.47 -11.76
CA TYR A 352 16.08 37.59 -12.13
C TYR A 352 16.02 37.48 -13.65
N ILE A 353 16.12 36.26 -14.17
CA ILE A 353 16.07 36.02 -15.61
C ILE A 353 14.88 35.12 -15.92
N THR A 354 14.04 35.57 -16.85
CA THR A 354 12.97 34.76 -17.42
C THR A 354 13.46 34.16 -18.74
N ILE A 355 13.40 32.83 -18.85
CA ILE A 355 13.96 32.14 -20.00
C ILE A 355 13.00 31.04 -20.41
N GLY A 356 11.71 31.35 -20.42
CA GLY A 356 10.70 30.38 -20.79
C GLY A 356 10.38 30.35 -22.27
N ASP A 357 11.36 30.67 -23.12
CA ASP A 357 11.11 30.90 -24.54
C ASP A 357 11.66 29.80 -25.44
N ALA A 358 11.73 28.55 -24.96
CA ALA A 358 12.34 27.51 -25.78
C ALA A 358 11.42 27.00 -26.89
N GLY A 359 10.12 27.25 -26.84
CA GLY A 359 9.27 26.85 -27.95
C GLY A 359 7.82 26.54 -27.61
N ASN A 360 7.62 25.98 -26.42
CA ASN A 360 6.32 25.47 -25.97
C ASN A 360 5.58 24.82 -27.14
N TYR A 361 4.35 25.24 -27.40
CA TYR A 361 3.60 24.72 -28.53
C TYR A 361 3.51 25.75 -29.67
N GLY A 362 4.49 26.64 -29.76
CA GLY A 362 4.64 27.50 -30.91
C GLY A 362 4.16 28.93 -30.75
N VAL A 363 3.94 29.40 -29.52
N VAL A 363 3.89 29.38 -29.53
CA VAL A 363 3.38 30.74 -29.28
CA VAL A 363 3.42 30.75 -29.31
C VAL A 363 4.33 31.54 -28.38
C VAL A 363 4.45 31.49 -28.46
N ILE A 364 4.66 32.76 -28.80
CA ILE A 364 5.50 33.65 -28.03
C ILE A 364 4.61 34.66 -27.31
N ASP A 365 5.03 35.09 -26.13
CA ASP A 365 4.31 36.15 -25.39
C ASP A 365 4.93 37.50 -25.77
N SER A 366 4.20 38.29 -26.57
CA SER A 366 4.76 39.52 -27.08
C SER A 366 4.26 40.76 -26.36
N ASN A 367 3.16 40.66 -25.63
CA ASN A 367 2.57 41.81 -24.96
C ASN A 367 3.37 42.14 -23.70
N MET A 368 3.88 43.37 -23.63
CA MET A 368 4.66 43.86 -22.51
C MET A 368 4.03 45.12 -21.96
N ILE A 369 4.20 45.33 -20.66
CA ILE A 369 3.86 46.58 -20.03
C ILE A 369 4.83 47.68 -20.47
N GLN A 370 4.28 48.85 -20.80
CA GLN A 370 5.03 49.95 -21.37
C GLN A 370 4.86 51.21 -20.55
N PRO A 371 5.93 51.97 -20.33
CA PRO A 371 7.31 51.71 -20.78
C PRO A 371 7.96 50.62 -19.97
N GLN A 372 9.14 50.15 -20.38
CA GLN A 372 9.86 49.15 -19.61
C GLN A 372 10.07 49.69 -18.19
N PRO A 373 9.65 48.97 -17.15
CA PRO A 373 9.86 49.46 -15.80
C PRO A 373 11.33 49.49 -15.45
N GLU A 374 11.66 50.31 -14.46
CA GLU A 374 13.05 50.49 -14.08
C GLU A 374 13.68 49.18 -13.59
N TYR A 375 12.87 48.25 -13.05
CA TYR A 375 13.48 47.00 -12.58
C TYR A 375 13.91 46.09 -13.71
N SER A 376 13.44 46.32 -14.93
CA SER A 376 13.72 45.43 -16.06
C SER A 376 14.88 45.98 -16.87
N ALA A 377 15.94 45.18 -17.05
CA ALA A 377 17.09 45.63 -17.81
C ALA A 377 16.96 45.38 -19.32
N PHE A 378 16.51 44.19 -19.71
CA PHE A 378 16.43 43.80 -21.12
C PHE A 378 15.30 42.78 -21.26
N ARG A 379 14.49 42.91 -22.32
CA ARG A 379 13.44 41.95 -22.56
C ARG A 379 13.19 41.87 -24.07
N GLU A 380 12.84 40.68 -24.54
CA GLU A 380 12.47 40.53 -25.94
C GLU A 380 11.63 39.28 -26.11
N ALA A 381 10.60 39.38 -26.95
CA ALA A 381 9.70 38.27 -27.21
C ALA A 381 10.21 37.47 -28.40
N SER A 382 11.25 36.67 -28.15
CA SER A 382 11.83 35.80 -29.16
C SER A 382 12.08 34.42 -28.57
N PHE A 383 12.01 33.40 -29.42
CA PHE A 383 12.38 32.04 -29.02
C PHE A 383 13.89 31.93 -28.94
N GLY A 384 14.36 31.15 -27.97
CA GLY A 384 15.79 30.95 -27.81
C GLY A 384 16.09 30.27 -26.49
N HIS A 385 17.38 30.29 -26.13
CA HIS A 385 17.85 29.67 -24.89
C HIS A 385 19.00 30.50 -24.32
N GLY A 386 19.39 30.17 -23.08
CA GLY A 386 20.46 30.85 -22.40
C GLY A 386 21.65 29.93 -22.09
N MET A 387 22.77 30.58 -21.73
CA MET A 387 24.00 29.90 -21.32
C MET A 387 24.60 30.69 -20.17
N PHE A 388 24.84 30.02 -19.03
CA PHE A 388 25.45 30.63 -17.85
C PHE A 388 26.83 30.00 -17.69
N ASP A 389 27.87 30.73 -18.11
CA ASP A 389 29.21 30.17 -18.32
C ASP A 389 30.14 30.66 -17.22
N ILE A 390 30.39 29.82 -16.21
CA ILE A 390 31.19 30.22 -15.06
C ILE A 390 32.67 30.14 -15.42
N LYS A 391 33.41 31.22 -15.18
CA LYS A 391 34.85 31.24 -15.43
CA LYS A 391 34.85 31.24 -15.43
C LYS A 391 35.67 30.99 -14.18
N ASN A 392 35.21 31.47 -13.03
CA ASN A 392 35.91 31.34 -11.75
C ASN A 392 34.98 31.91 -10.67
N ARG A 393 35.51 32.03 -9.45
CA ARG A 393 34.72 32.42 -8.29
C ARG A 393 34.17 33.84 -8.40
N THR A 394 34.71 34.68 -9.29
CA THR A 394 34.27 36.06 -9.39
C THR A 394 33.47 36.37 -10.65
N HIS A 395 33.72 35.66 -11.75
CA HIS A 395 33.15 35.96 -13.05
C HIS A 395 32.37 34.78 -13.62
N ALA A 396 31.16 35.06 -14.08
CA ALA A 396 30.40 34.16 -14.93
C ALA A 396 29.80 34.99 -16.06
N HIS A 397 29.72 34.42 -17.25
CA HIS A 397 29.18 35.13 -18.41
CA HIS A 397 29.20 35.11 -18.42
C HIS A 397 27.85 34.50 -18.81
N PHE A 398 26.80 35.32 -18.82
CA PHE A 398 25.50 34.87 -19.29
C PHE A 398 25.20 35.40 -20.69
N SER A 399 24.67 34.54 -21.55
CA SER A 399 24.33 34.98 -22.90
C SER A 399 23.03 34.32 -23.35
N TRP A 400 22.33 35.02 -24.24
CA TRP A 400 21.02 34.60 -24.72
C TRP A 400 21.10 34.49 -26.23
N ASN A 401 20.67 33.37 -26.78
CA ASN A 401 20.75 33.14 -28.21
C ASN A 401 19.36 32.98 -28.78
N ARG A 402 19.05 33.73 -29.84
CA ARG A 402 17.75 33.70 -30.51
C ARG A 402 17.71 32.65 -31.63
N ASN A 403 16.55 32.00 -31.75
CA ASN A 403 16.39 31.01 -32.81
C ASN A 403 16.52 31.61 -34.21
N GLN A 404 16.26 32.91 -34.38
CA GLN A 404 16.41 33.54 -35.70
C GLN A 404 17.83 34.03 -35.99
N ASP A 405 18.75 33.93 -35.04
CA ASP A 405 20.13 34.32 -35.26
C ASP A 405 20.97 33.09 -35.59
N GLY A 406 22.23 33.33 -35.98
CA GLY A 406 23.17 32.24 -36.09
C GLY A 406 23.44 31.60 -34.73
N VAL A 407 23.82 30.31 -34.75
CA VAL A 407 24.04 29.57 -33.51
C VAL A 407 25.15 30.18 -32.65
N ALA A 408 26.08 30.94 -33.24
CA ALA A 408 27.15 31.57 -32.48
C ALA A 408 26.87 33.02 -32.11
N VAL A 409 25.66 33.51 -32.35
CA VAL A 409 25.32 34.93 -32.16
C VAL A 409 24.61 35.09 -30.82
N GLU A 410 25.12 36.02 -30.00
CA GLU A 410 24.51 36.36 -28.72
C GLU A 410 23.75 37.69 -28.86
N ALA A 411 22.43 37.65 -28.66
CA ALA A 411 21.63 38.86 -28.77
C ALA A 411 21.61 39.66 -27.47
N ASP A 412 21.84 39.01 -26.34
CA ASP A 412 22.01 39.67 -25.07
C ASP A 412 23.14 38.95 -24.36
N SER A 413 23.92 39.71 -23.60
CA SER A 413 25.02 39.10 -22.86
C SER A 413 25.48 40.06 -21.79
N VAL A 414 25.92 39.51 -20.67
CA VAL A 414 26.26 40.32 -19.51
C VAL A 414 27.18 39.52 -18.61
N TRP A 415 28.16 40.20 -18.03
CA TRP A 415 29.06 39.60 -17.06
C TRP A 415 28.43 39.66 -15.67
N PHE A 416 28.33 38.51 -15.02
CA PHE A 416 27.94 38.44 -13.62
C PHE A 416 29.19 38.57 -12.75
N PHE A 417 29.16 39.50 -11.81
CA PHE A 417 30.17 39.58 -10.76
C PHE A 417 29.60 38.94 -9.50
N ASN A 418 30.33 37.97 -8.95
CA ASN A 418 29.82 37.16 -7.84
C ASN A 418 29.45 38.01 -6.64
N ARG A 419 28.26 37.76 -6.07
CA ARG A 419 27.78 38.60 -4.97
C ARG A 419 28.52 38.32 -3.66
N HIS A 420 29.11 37.15 -3.51
CA HIS A 420 29.87 36.82 -2.32
C HIS A 420 31.33 37.23 -2.46
N TRP A 421 31.97 36.87 -3.60
CA TRP A 421 33.40 37.06 -3.77
C TRP A 421 33.80 38.32 -4.53
N TYR A 422 32.92 38.90 -5.32
CA TYR A 422 33.31 40.08 -6.11
C TYR A 422 32.13 41.03 -6.26
N PRO A 423 31.62 41.59 -5.15
CA PRO A 423 30.36 42.35 -5.18
C PRO A 423 30.49 43.78 -5.68
N VAL A 424 31.12 43.96 -6.82
CA VAL A 424 31.19 45.27 -7.45
C VAL A 424 30.02 45.40 -8.41
N ASP A 425 29.54 46.63 -8.57
CA ASP A 425 28.40 46.90 -9.44
C ASP A 425 28.63 46.36 -10.84
N ASP A 426 27.79 45.39 -11.24
CA ASP A 426 27.88 44.79 -12.56
C ASP A 426 26.71 45.18 -13.46
N SER A 427 26.08 46.33 -13.19
CA SER A 427 24.96 46.81 -13.99
C SER A 427 25.44 47.34 -15.35
N THR B 1 -4.55 -32.68 32.10
CA THR B 1 -4.86 -31.46 32.83
C THR B 1 -3.58 -30.66 33.10
N ASN B 2 -3.17 -30.65 34.38
CA ASN B 2 -1.91 -30.07 34.86
C ASN B 2 -1.88 -28.54 34.78
N LYS B 3 -0.71 -27.96 35.05
CA LYS B 3 -0.59 -26.57 35.47
C LYS B 3 0.15 -25.73 34.43
N ASN B 4 0.35 -24.46 34.79
CA ASN B 4 1.12 -23.51 34.01
C ASN B 4 2.60 -23.67 34.37
N ARG B 5 3.40 -24.16 33.43
CA ARG B 5 4.83 -24.34 33.66
C ARG B 5 5.69 -23.35 32.89
N ASP B 6 5.09 -22.32 32.29
CA ASP B 6 5.88 -21.29 31.62
C ASP B 6 6.64 -20.46 32.64
N MET B 7 7.88 -20.13 32.32
CA MET B 7 8.64 -19.28 33.23
C MET B 7 7.95 -17.93 33.39
N PRO B 8 7.89 -17.40 34.60
CA PRO B 8 7.20 -16.12 34.82
C PRO B 8 7.99 -14.94 34.31
N LEU B 9 7.25 -13.85 34.08
CA LEU B 9 7.79 -12.66 33.43
C LEU B 9 9.02 -12.10 34.15
N ASP B 10 9.11 -12.22 35.47
CA ASP B 10 10.27 -11.65 36.15
C ASP B 10 11.47 -12.61 36.21
N SER B 11 11.47 -13.69 35.43
CA SER B 11 12.59 -14.62 35.43
C SER B 11 13.86 -13.95 34.93
N ASP B 12 15.00 -14.45 35.41
CA ASP B 12 16.28 -13.85 35.03
C ASP B 12 16.53 -13.94 33.53
N VAL B 13 16.04 -15.02 32.88
CA VAL B 13 16.21 -15.16 31.44
C VAL B 13 15.43 -14.13 30.64
N PHE B 14 14.43 -13.48 31.24
CA PHE B 14 13.62 -12.46 30.55
C PHE B 14 14.07 -11.04 30.86
N ARG B 15 15.16 -10.86 31.59
CA ARG B 15 15.57 -9.51 31.98
C ARG B 15 15.85 -8.64 30.78
N VAL B 16 15.55 -7.35 30.91
CA VAL B 16 15.70 -6.37 29.84
C VAL B 16 17.13 -5.84 29.87
N PRO B 17 17.88 -5.87 28.77
CA PRO B 17 19.21 -5.27 28.75
C PRO B 17 19.17 -3.79 29.12
N PRO B 18 19.96 -3.40 30.12
CA PRO B 18 19.84 -2.04 30.68
C PRO B 18 20.37 -0.97 29.74
N GLY B 19 19.89 0.25 29.96
CA GLY B 19 20.35 1.43 29.27
C GLY B 19 19.33 1.89 28.24
N TYR B 20 19.32 3.20 27.98
CA TYR B 20 18.28 3.80 27.15
C TYR B 20 18.28 3.16 25.75
N ASN B 21 17.12 2.62 25.37
CA ASN B 21 16.93 2.01 24.06
C ASN B 21 17.97 0.93 23.77
N ALA B 22 18.35 0.18 24.80
CA ALA B 22 19.31 -0.89 24.58
C ALA B 22 18.70 -1.93 23.64
N PRO B 23 19.42 -2.36 22.59
CA PRO B 23 18.92 -3.48 21.78
C PRO B 23 18.66 -4.71 22.64
N GLN B 24 17.62 -5.46 22.27
CA GLN B 24 17.29 -6.69 22.95
C GLN B 24 16.75 -7.67 21.91
N GLN B 25 16.52 -8.92 22.32
CA GLN B 25 16.07 -9.97 21.40
C GLN B 25 16.99 -10.05 20.18
N VAL B 26 18.30 -9.96 20.41
CA VAL B 26 19.25 -10.06 19.31
C VAL B 26 19.31 -11.49 18.82
N HIS B 27 19.20 -11.67 17.50
CA HIS B 27 19.36 -13.00 16.92
C HIS B 27 19.93 -12.89 15.52
N ILE B 28 20.72 -13.90 15.13
CA ILE B 28 21.37 -13.94 13.83
C ILE B 28 20.97 -15.23 13.10
N THR B 29 21.05 -15.19 11.77
CA THR B 29 20.89 -16.38 10.96
C THR B 29 21.63 -16.15 9.65
N GLN B 30 21.82 -17.22 8.87
CA GLN B 30 22.60 -17.10 7.65
C GLN B 30 21.90 -16.18 6.66
N GLY B 31 22.68 -15.35 5.98
CA GLY B 31 22.13 -14.32 5.12
C GLY B 31 22.23 -14.54 3.63
N ASP B 32 22.87 -15.63 3.21
CA ASP B 32 23.08 -15.89 1.78
C ASP B 32 23.02 -17.40 1.54
N LEU B 33 23.28 -17.80 0.30
CA LEU B 33 23.16 -19.22 -0.01
C LEU B 33 24.34 -20.02 0.52
N VAL B 34 25.52 -19.44 0.68
CA VAL B 34 26.73 -20.23 0.91
C VAL B 34 27.43 -19.94 2.22
N GLY B 35 27.01 -18.95 3.01
CA GLY B 35 27.60 -18.74 4.32
C GLY B 35 28.49 -17.52 4.46
N ARG B 36 28.57 -16.66 3.45
CA ARG B 36 29.35 -15.43 3.50
C ARG B 36 28.54 -14.25 4.03
N ALA B 37 27.30 -14.46 4.46
CA ALA B 37 26.47 -13.36 4.89
C ALA B 37 25.71 -13.77 6.15
N MET B 38 25.18 -12.77 6.85
CA MET B 38 24.49 -12.99 8.11
C MET B 38 23.41 -11.93 8.27
N ILE B 39 22.17 -12.37 8.53
CA ILE B 39 21.10 -11.45 8.90
C ILE B 39 21.23 -11.17 10.40
N ILE B 40 21.33 -9.90 10.76
CA ILE B 40 21.41 -9.45 12.15
C ILE B 40 20.09 -8.80 12.51
N SER B 41 19.45 -9.30 13.57
CA SER B 41 18.11 -8.88 13.93
C SER B 41 18.05 -8.51 15.40
N TRP B 42 17.26 -7.48 15.72
CA TRP B 42 17.08 -7.07 17.11
C TRP B 42 15.90 -6.12 17.21
N VAL B 43 15.50 -5.83 18.44
CA VAL B 43 14.37 -4.96 18.76
C VAL B 43 14.83 -3.85 19.68
N THR B 44 14.38 -2.62 19.41
CA THR B 44 14.49 -1.52 20.37
C THR B 44 13.10 -1.13 20.82
N MET B 45 12.96 -0.85 22.13
CA MET B 45 11.68 -0.58 22.76
C MET B 45 11.41 0.90 23.02
N ASP B 46 12.43 1.74 23.19
CA ASP B 46 12.15 3.11 23.60
C ASP B 46 11.94 4.05 22.43
N GLU B 47 12.61 3.82 21.31
CA GLU B 47 12.42 4.64 20.12
C GLU B 47 12.98 3.89 18.93
N PRO B 48 12.68 4.35 17.70
CA PRO B 48 13.12 3.60 16.51
C PRO B 48 14.61 3.28 16.45
N GLY B 49 15.50 4.25 16.70
CA GLY B 49 16.92 4.00 16.74
C GLY B 49 17.50 3.74 15.35
N SER B 50 18.76 3.32 15.35
CA SER B 50 19.46 3.06 14.09
C SER B 50 19.43 1.58 13.75
N SER B 51 19.29 1.28 12.47
CA SER B 51 19.42 -0.09 11.97
C SER B 51 20.82 -0.41 11.48
N ALA B 52 21.81 0.42 11.83
CA ALA B 52 23.18 0.17 11.39
C ALA B 52 23.83 -0.87 12.29
N VAL B 53 24.66 -1.71 11.69
CA VAL B 53 25.47 -2.69 12.39
C VAL B 53 26.93 -2.40 12.10
N ARG B 54 27.73 -2.32 13.14
CA ARG B 54 29.17 -2.15 13.01
C ARG B 54 29.82 -3.51 13.19
N TYR B 55 30.74 -3.86 12.30
CA TYR B 55 31.31 -5.21 12.39
C TYR B 55 32.74 -5.21 11.87
N TRP B 56 33.56 -6.11 12.45
CA TRP B 56 34.96 -6.25 12.10
C TRP B 56 35.44 -7.63 12.48
N SER B 57 36.44 -8.14 11.77
CA SER B 57 37.04 -9.40 12.14
C SER B 57 38.09 -9.18 13.20
N GLU B 58 38.26 -10.17 14.07
CA GLU B 58 39.18 -10.02 15.18
C GLU B 58 40.64 -9.96 14.73
N LYS B 59 40.93 -10.30 13.48
CA LYS B 59 42.28 -10.30 12.93
C LYS B 59 42.56 -9.08 12.06
N ASN B 60 41.70 -8.81 11.07
CA ASN B 60 41.81 -7.59 10.28
C ASN B 60 41.52 -6.36 11.14
N GLY B 61 40.39 -6.36 11.85
CA GLY B 61 40.02 -5.28 12.73
C GLY B 61 39.38 -4.08 12.05
N ARG B 62 39.27 -4.07 10.73
CA ARG B 62 38.74 -2.90 10.02
C ARG B 62 37.23 -2.82 10.22
N LYS B 63 36.79 -1.84 11.00
CA LYS B 63 35.38 -1.71 11.34
C LYS B 63 34.62 -1.12 10.16
N ARG B 64 33.59 -1.83 9.71
CA ARG B 64 32.70 -1.38 8.64
C ARG B 64 31.28 -1.23 9.20
N ILE B 65 30.42 -0.57 8.41
CA ILE B 65 29.03 -0.37 8.78
C ILE B 65 28.14 -1.02 7.73
N ALA B 66 27.11 -1.74 8.19
CA ALA B 66 26.05 -2.25 7.33
C ALA B 66 24.74 -1.59 7.72
N LYS B 67 23.96 -1.19 6.72
CA LYS B 67 22.69 -0.50 6.93
C LYS B 67 21.53 -1.45 6.69
N GLY B 68 20.51 -1.36 7.55
CA GLY B 68 19.39 -2.27 7.50
C GLY B 68 18.06 -1.53 7.46
N LYS B 69 17.01 -2.19 7.96
CA LYS B 69 15.65 -1.67 7.89
C LYS B 69 14.90 -1.93 9.18
N MET B 70 13.99 -1.00 9.52
CA MET B 70 13.17 -1.09 10.72
C MET B 70 11.71 -1.30 10.33
N SER B 71 11.02 -2.18 11.04
CA SER B 71 9.59 -2.36 10.82
C SER B 71 8.87 -2.46 12.15
N THR B 72 7.54 -2.31 12.11
CA THR B 72 6.68 -2.49 13.28
C THR B 72 5.42 -3.25 12.85
N TYR B 73 4.74 -3.85 13.83
CA TYR B 73 3.46 -4.47 13.53
C TYR B 73 2.54 -4.33 14.74
N ARG B 74 1.25 -4.55 14.49
CA ARG B 74 0.23 -4.65 15.51
C ARG B 74 -0.45 -6.01 15.42
N PHE B 75 -0.84 -6.53 16.57
CA PHE B 75 -1.62 -7.77 16.67
C PHE B 75 -2.67 -7.52 17.72
N PHE B 76 -3.94 -7.46 17.29
CA PHE B 76 -5.05 -7.10 18.16
C PHE B 76 -4.73 -5.79 18.89
N ASN B 77 -4.64 -5.82 20.22
CA ASN B 77 -4.36 -4.59 20.97
C ASN B 77 -2.90 -4.50 21.40
N TYR B 78 -2.04 -5.36 20.88
CA TYR B 78 -0.61 -5.28 21.11
C TYR B 78 0.05 -4.46 20.00
N SER B 79 1.00 -3.61 20.39
CA SER B 79 1.82 -2.84 19.47
C SER B 79 3.28 -3.23 19.69
N SER B 80 3.95 -3.65 18.61
CA SER B 80 5.32 -4.12 18.74
C SER B 80 6.27 -2.96 19.01
N GLY B 81 7.45 -3.32 19.52
CA GLY B 81 8.58 -2.43 19.49
C GLY B 81 9.13 -2.31 18.08
N PHE B 82 10.33 -1.75 17.98
CA PHE B 82 10.91 -1.42 16.69
C PHE B 82 11.88 -2.52 16.29
N ILE B 83 11.55 -3.21 15.19
CA ILE B 83 12.22 -4.44 14.76
C ILE B 83 13.25 -4.09 13.70
N HIS B 84 14.50 -4.50 13.90
CA HIS B 84 15.58 -4.22 12.97
C HIS B 84 16.11 -5.50 12.35
N HIS B 85 16.25 -5.50 11.02
CA HIS B 85 16.94 -6.55 10.29
C HIS B 85 17.97 -5.90 9.38
N THR B 86 19.21 -6.36 9.47
CA THR B 86 20.35 -5.84 8.73
C THR B 86 21.20 -7.01 8.27
N THR B 87 21.55 -7.04 6.99
CA THR B 87 22.33 -8.12 6.41
C THR B 87 23.78 -7.66 6.20
N ILE B 88 24.71 -8.37 6.82
CA ILE B 88 26.15 -8.19 6.62
C ILE B 88 26.59 -9.15 5.53
N ARG B 89 27.33 -8.65 4.54
CA ARG B 89 27.65 -9.42 3.35
C ARG B 89 29.16 -9.51 3.12
N LYS B 90 29.53 -10.43 2.22
CA LYS B 90 30.90 -10.55 1.75
C LYS B 90 31.87 -10.86 2.89
N LEU B 91 31.42 -11.67 3.83
CA LEU B 91 32.31 -12.03 4.92
C LEU B 91 33.35 -13.05 4.44
N LYS B 92 34.45 -13.14 5.18
CA LYS B 92 35.45 -14.18 4.96
C LYS B 92 35.04 -15.45 5.68
N TYR B 93 35.35 -16.61 5.07
CA TYR B 93 35.01 -17.90 5.63
C TYR B 93 35.85 -18.21 6.86
N ASN B 94 35.30 -19.03 7.76
CA ASN B 94 36.02 -19.54 8.93
C ASN B 94 36.70 -18.42 9.73
N THR B 95 36.00 -17.31 9.92
CA THR B 95 36.57 -16.13 10.54
C THR B 95 35.63 -15.64 11.64
N LYS B 96 36.20 -15.32 12.80
CA LYS B 96 35.43 -14.72 13.87
C LYS B 96 35.24 -13.23 13.58
N TYR B 97 34.01 -12.75 13.79
CA TYR B 97 33.67 -11.35 13.62
C TYR B 97 33.03 -10.84 14.91
N TYR B 98 33.35 -9.61 15.27
CA TYR B 98 32.55 -8.88 16.23
C TYR B 98 31.52 -8.05 15.48
N TYR B 99 30.37 -7.81 16.11
CA TYR B 99 29.37 -6.91 15.55
C TYR B 99 28.70 -6.15 16.69
N GLU B 100 28.22 -4.95 16.37
CA GLU B 100 27.61 -4.07 17.36
C GLU B 100 26.32 -3.51 16.81
N VAL B 101 25.31 -3.47 17.67
CA VAL B 101 24.02 -2.87 17.38
C VAL B 101 23.73 -1.84 18.48
N GLY B 102 22.78 -0.96 18.20
CA GLY B 102 22.47 0.10 19.14
C GLY B 102 23.43 1.26 19.03
N LEU B 103 23.81 1.63 17.81
CA LEU B 103 24.92 2.56 17.62
C LEU B 103 24.60 3.98 18.07
N ARG B 104 23.33 4.33 18.27
CA ARG B 104 23.02 5.71 18.62
C ARG B 104 22.95 5.97 20.11
N ASN B 105 22.62 4.98 20.94
CA ASN B 105 22.44 5.28 22.36
C ASN B 105 23.11 4.25 23.26
N THR B 106 22.62 3.01 23.28
CA THR B 106 23.25 1.98 24.08
C THR B 106 23.74 0.87 23.16
N THR B 107 25.06 0.76 23.02
CA THR B 107 25.66 -0.21 22.11
C THR B 107 25.89 -1.52 22.85
N ARG B 108 25.52 -2.64 22.20
CA ARG B 108 25.81 -3.97 22.69
C ARG B 108 26.59 -4.74 21.63
N ARG B 109 27.58 -5.49 22.08
CA ARG B 109 28.53 -6.15 21.20
C ARG B 109 28.42 -7.67 21.36
N PHE B 110 28.50 -8.38 20.24
CA PHE B 110 28.39 -9.82 20.19
C PHE B 110 29.45 -10.31 19.22
N SER B 111 29.47 -11.62 18.94
CA SER B 111 30.34 -12.14 17.89
C SER B 111 29.73 -13.40 17.29
N PHE B 112 30.25 -13.77 16.12
CA PHE B 112 29.95 -15.06 15.50
C PHE B 112 31.17 -15.50 14.71
N ILE B 113 31.15 -16.76 14.27
CA ILE B 113 32.21 -17.32 13.45
C ILE B 113 31.60 -17.84 12.16
N THR B 114 32.02 -17.27 11.03
CA THR B 114 31.53 -17.74 9.74
C THR B 114 31.93 -19.21 9.51
N PRO B 115 31.08 -20.00 8.86
CA PRO B 115 31.43 -21.39 8.59
C PRO B 115 32.60 -21.49 7.64
N PRO B 116 33.24 -22.64 7.53
CA PRO B 116 34.24 -22.85 6.49
C PRO B 116 33.58 -22.86 5.12
N GLN B 117 34.39 -22.64 4.09
CA GLN B 117 33.89 -22.70 2.72
C GLN B 117 33.34 -24.10 2.44
N THR B 118 32.27 -24.15 1.66
CA THR B 118 31.67 -25.43 1.33
C THR B 118 32.70 -26.34 0.69
N GLY B 119 32.72 -27.59 1.13
CA GLY B 119 33.69 -28.56 0.66
C GLY B 119 33.21 -29.94 1.03
N LEU B 120 33.86 -30.92 0.43
CA LEU B 120 33.39 -32.30 0.50
C LEU B 120 33.49 -32.86 1.91
N ASP B 121 34.59 -32.60 2.61
CA ASP B 121 34.88 -33.25 3.88
C ASP B 121 34.86 -32.30 5.07
N VAL B 122 34.42 -31.06 4.86
CA VAL B 122 34.35 -30.04 5.91
C VAL B 122 33.52 -30.55 7.09
N PRO B 123 34.09 -30.70 8.27
CA PRO B 123 33.28 -31.10 9.44
C PRO B 123 32.43 -29.95 9.94
N TYR B 124 31.31 -30.29 10.55
CA TYR B 124 30.44 -29.26 11.12
C TYR B 124 29.42 -29.91 12.06
N THR B 125 29.13 -29.23 13.16
CA THR B 125 28.24 -29.75 14.19
C THR B 125 26.96 -28.93 14.20
N PHE B 126 25.83 -29.55 13.86
CA PHE B 126 24.54 -28.89 13.91
C PHE B 126 23.79 -29.35 15.15
N GLY B 127 23.21 -28.39 15.88
CA GLY B 127 22.24 -28.73 16.89
C GLY B 127 20.84 -28.87 16.31
N LEU B 128 20.05 -29.76 16.90
CA LEU B 128 18.65 -29.97 16.52
C LEU B 128 17.77 -29.64 17.71
N ILE B 129 16.94 -28.61 17.57
CA ILE B 129 16.03 -28.16 18.62
C ILE B 129 14.66 -27.98 17.98
N GLY B 130 13.63 -28.56 18.60
CA GLY B 130 12.29 -28.31 18.11
C GLY B 130 11.30 -28.04 19.22
N ASP B 131 10.30 -27.19 18.97
CA ASP B 131 9.18 -26.96 19.89
C ASP B 131 9.67 -26.45 21.25
N LEU B 132 10.48 -25.39 21.22
CA LEU B 132 11.22 -24.99 22.41
C LEU B 132 10.32 -24.37 23.48
N GLY B 133 9.60 -23.30 23.13
CA GLY B 133 8.74 -22.67 24.11
C GLY B 133 9.55 -21.89 25.15
N GLN B 134 8.90 -21.60 26.28
CA GLN B 134 9.58 -20.85 27.33
C GLN B 134 9.19 -21.37 28.71
N SER B 135 9.11 -22.69 28.85
CA SER B 135 8.92 -23.34 30.14
C SER B 135 10.28 -23.57 30.79
N PHE B 136 10.26 -24.04 32.04
CA PHE B 136 11.53 -24.38 32.69
C PHE B 136 12.24 -25.51 31.94
N ASP B 137 11.47 -26.48 31.42
CA ASP B 137 12.06 -27.53 30.60
C ASP B 137 12.75 -26.94 29.39
N SER B 138 12.14 -25.93 28.78
CA SER B 138 12.77 -25.17 27.70
C SER B 138 14.15 -24.68 28.10
N ASN B 139 14.24 -24.07 29.28
CA ASN B 139 15.52 -23.52 29.74
C ASN B 139 16.56 -24.60 29.95
N THR B 140 16.15 -25.74 30.51
CA THR B 140 17.09 -26.84 30.73
C THR B 140 17.67 -27.33 29.41
N THR B 141 16.82 -27.40 28.37
CA THR B 141 17.28 -27.89 27.07
C THR B 141 18.31 -26.96 26.46
N LEU B 142 18.02 -25.65 26.46
CA LEU B 142 18.98 -24.68 25.94
C LEU B 142 20.30 -24.77 26.72
N SER B 143 20.21 -24.91 28.05
N SER B 143 20.21 -24.92 28.04
CA SER B 143 21.41 -25.08 28.86
CA SER B 143 21.41 -25.08 28.85
C SER B 143 22.20 -26.30 28.41
C SER B 143 22.20 -26.30 28.41
N HIS B 144 21.52 -27.43 28.20
CA HIS B 144 22.21 -28.64 27.77
C HIS B 144 22.85 -28.47 26.40
N TYR B 145 22.16 -27.81 25.47
CA TYR B 145 22.77 -27.58 24.16
C TYR B 145 24.04 -26.74 24.30
N GLU B 146 23.95 -25.62 25.01
CA GLU B 146 25.09 -24.71 25.04
C GLU B 146 26.27 -25.31 25.82
N LEU B 147 26.02 -26.26 26.72
CA LEU B 147 27.07 -26.95 27.46
C LEU B 147 27.54 -28.23 26.79
N SER B 148 27.09 -28.53 25.58
CA SER B 148 27.43 -29.80 24.95
C SER B 148 28.94 -29.90 24.70
N PRO B 149 29.57 -31.01 25.10
CA PRO B 149 30.97 -31.20 24.73
C PRO B 149 31.19 -31.24 23.24
N LYS B 150 30.15 -31.57 22.46
CA LYS B 150 30.30 -31.62 21.01
C LYS B 150 30.35 -30.24 20.36
N LYS B 151 29.95 -29.19 21.10
CA LYS B 151 30.06 -27.81 20.65
C LYS B 151 29.26 -27.52 19.39
N GLY B 152 27.95 -27.33 19.54
CA GLY B 152 27.14 -26.99 18.39
C GLY B 152 27.56 -25.65 17.79
N GLN B 153 27.59 -25.58 16.46
CA GLN B 153 27.96 -24.37 15.76
C GLN B 153 26.80 -23.68 15.04
N THR B 154 25.67 -24.36 14.89
CA THR B 154 24.48 -23.81 14.24
C THR B 154 23.30 -24.68 14.69
N VAL B 155 22.16 -24.04 14.98
CA VAL B 155 20.95 -24.75 15.37
C VAL B 155 20.02 -24.84 14.17
N LEU B 156 19.58 -26.05 13.85
CA LEU B 156 18.48 -26.26 12.93
C LEU B 156 17.21 -26.35 13.76
N PHE B 157 16.32 -25.38 13.61
CA PHE B 157 15.15 -25.24 14.47
C PHE B 157 13.93 -25.68 13.68
N VAL B 158 13.28 -26.78 14.10
CA VAL B 158 12.22 -27.39 13.28
C VAL B 158 10.82 -26.86 13.61
N GLY B 159 10.72 -25.73 14.31
CA GLY B 159 9.45 -25.02 14.37
C GLY B 159 8.80 -25.08 15.76
N ASP B 160 7.84 -24.19 15.95
CA ASP B 160 7.15 -23.91 17.21
C ASP B 160 8.08 -23.18 18.18
N LEU B 161 8.14 -21.86 18.05
CA LEU B 161 9.17 -21.04 18.71
C LEU B 161 8.76 -20.66 20.12
N SER B 162 7.84 -19.68 20.25
CA SER B 162 7.55 -19.03 21.52
C SER B 162 6.32 -19.58 22.24
N TYR B 163 5.37 -20.17 21.51
CA TYR B 163 4.08 -20.58 22.07
C TYR B 163 3.31 -19.39 22.65
N ALA B 164 3.55 -18.19 22.12
CA ALA B 164 2.78 -17.03 22.56
C ALA B 164 1.32 -17.16 22.20
N ASP B 165 1.00 -17.91 21.14
CA ASP B 165 -0.40 -18.05 20.74
C ASP B 165 -1.23 -18.85 21.74
N ARG B 166 -0.63 -19.45 22.77
CA ARG B 166 -1.39 -20.03 23.87
C ARG B 166 -1.86 -18.99 24.88
N TYR B 167 -1.40 -17.76 24.80
CA TYR B 167 -1.83 -16.74 25.75
C TYR B 167 -3.07 -16.03 25.24
N PRO B 168 -3.79 -15.31 26.12
CA PRO B 168 -5.01 -14.59 25.68
C PRO B 168 -4.67 -13.56 24.62
N ASN B 169 -5.44 -13.57 23.52
CA ASN B 169 -5.16 -12.74 22.35
C ASN B 169 -3.72 -12.96 21.84
N HIS B 170 -3.20 -14.16 22.05
CA HIS B 170 -1.84 -14.51 21.63
C HIS B 170 -0.77 -13.65 22.29
N ASP B 171 -1.07 -13.05 23.45
CA ASP B 171 -0.26 -11.99 24.08
C ASP B 171 1.18 -11.92 23.56
N ASN B 172 1.41 -11.10 22.53
CA ASN B 172 2.71 -11.06 21.85
C ASN B 172 3.85 -10.58 22.74
N VAL B 173 3.58 -10.09 23.95
CA VAL B 173 4.66 -9.93 24.92
C VAL B 173 5.47 -11.22 25.06
N ARG B 174 4.82 -12.37 24.89
CA ARG B 174 5.52 -13.65 25.02
C ARG B 174 6.38 -13.98 23.80
N TRP B 175 6.25 -13.23 22.69
CA TRP B 175 7.29 -13.22 21.67
C TRP B 175 8.50 -12.43 22.14
N ASP B 176 8.27 -11.29 22.82
CA ASP B 176 9.36 -10.48 23.34
C ASP B 176 10.20 -11.25 24.37
N THR B 177 9.54 -11.90 25.33
CA THR B 177 10.27 -12.66 26.34
C THR B 177 11.08 -13.79 25.71
N TRP B 178 10.52 -14.46 24.69
CA TRP B 178 11.23 -15.59 24.09
C TRP B 178 12.47 -15.11 23.34
N GLY B 179 12.37 -13.95 22.68
CA GLY B 179 13.54 -13.37 22.03
C GLY B 179 14.63 -13.01 23.02
N ARG B 180 14.25 -12.53 24.21
CA ARG B 180 15.27 -12.23 25.22
C ARG B 180 15.86 -13.51 25.81
N PHE B 181 15.03 -14.54 25.96
CA PHE B 181 15.51 -15.80 26.51
C PHE B 181 16.47 -16.50 25.55
N THR B 182 16.14 -16.56 24.27
CA THR B 182 16.99 -17.29 23.34
C THR B 182 18.23 -16.52 22.96
N GLU B 183 18.31 -15.22 23.28
CA GLU B 183 19.44 -14.40 22.86
C GLU B 183 20.77 -15.02 23.26
N ARG B 184 20.86 -15.59 24.47
CA ARG B 184 22.16 -16.07 24.95
C ARG B 184 22.78 -17.12 24.02
N SER B 185 21.98 -17.76 23.16
CA SER B 185 22.50 -18.62 22.10
C SER B 185 22.48 -17.97 20.72
N VAL B 186 21.33 -17.48 20.27
CA VAL B 186 21.18 -17.10 18.87
C VAL B 186 21.80 -15.75 18.53
N ALA B 187 22.24 -14.97 19.53
CA ALA B 187 23.05 -13.80 19.18
C ALA B 187 24.46 -14.17 18.75
N TYR B 188 24.93 -15.39 19.03
CA TYR B 188 26.32 -15.77 18.75
C TYR B 188 26.48 -16.86 17.69
N GLN B 189 25.41 -17.55 17.29
CA GLN B 189 25.48 -18.54 16.22
C GLN B 189 24.12 -18.59 15.55
N PRO B 190 24.06 -18.89 14.25
CA PRO B 190 22.78 -18.84 13.55
C PRO B 190 21.85 -19.92 14.04
N TRP B 191 20.56 -19.60 14.11
CA TRP B 191 19.50 -20.59 14.13
C TRP B 191 18.80 -20.55 12.78
N ILE B 192 18.54 -21.72 12.21
CA ILE B 192 17.92 -21.85 10.90
C ILE B 192 16.46 -22.18 11.13
N TRP B 193 15.55 -21.26 10.78
CA TRP B 193 14.17 -21.28 11.25
C TRP B 193 13.26 -22.07 10.32
N THR B 194 12.44 -22.93 10.91
CA THR B 194 11.33 -23.61 10.25
C THR B 194 10.04 -23.14 10.91
N ALA B 195 8.97 -22.95 10.11
CA ALA B 195 7.70 -22.46 10.63
C ALA B 195 6.77 -23.62 11.03
N GLY B 196 6.38 -23.66 12.32
CA GLY B 196 5.45 -24.67 12.81
C GLY B 196 4.04 -24.13 13.01
N ASN B 197 3.17 -24.97 13.57
CA ASN B 197 1.75 -24.55 13.60
C ASN B 197 1.48 -23.45 14.63
N HIS B 198 2.32 -23.34 15.66
CA HIS B 198 2.16 -22.24 16.60
C HIS B 198 2.59 -20.90 16.02
N GLU B 199 3.26 -20.90 14.88
CA GLU B 199 3.55 -19.65 14.20
C GLU B 199 2.42 -19.20 13.28
N ILE B 200 1.46 -20.08 12.95
CA ILE B 200 0.38 -19.72 12.03
C ILE B 200 -0.36 -18.49 12.55
N GLU B 201 -0.82 -18.56 13.80
CA GLU B 201 -1.53 -17.47 14.48
C GLU B 201 -2.67 -16.90 13.63
N PHE B 202 -3.50 -17.80 13.12
CA PHE B 202 -4.71 -17.44 12.38
C PHE B 202 -5.83 -17.29 13.41
N ALA B 203 -6.26 -16.06 13.66
CA ALA B 203 -7.24 -15.76 14.70
C ALA B 203 -8.29 -14.79 14.17
N PRO B 204 -9.16 -15.27 13.28
CA PRO B 204 -10.19 -14.37 12.72
C PRO B 204 -11.15 -13.81 13.76
N GLU B 205 -11.32 -14.47 14.91
CA GLU B 205 -12.20 -13.95 15.93
C GLU B 205 -11.69 -12.61 16.48
N ILE B 206 -10.39 -12.34 16.36
CA ILE B 206 -9.87 -11.03 16.73
C ILE B 206 -9.31 -10.30 15.51
N ASN B 207 -9.81 -10.66 14.33
CA ASN B 207 -9.44 -10.04 13.06
C ASN B 207 -7.93 -10.05 12.79
N GLU B 208 -7.29 -11.18 13.08
CA GLU B 208 -5.90 -11.41 12.69
C GLU B 208 -5.92 -12.63 11.77
N THR B 209 -6.00 -12.38 10.45
CA THR B 209 -6.19 -13.46 9.48
C THR B 209 -5.01 -13.64 8.53
N GLU B 210 -3.88 -12.96 8.74
CA GLU B 210 -2.70 -13.12 7.89
C GLU B 210 -1.78 -14.17 8.51
N PRO B 211 -1.69 -15.38 7.95
CA PRO B 211 -0.90 -16.42 8.62
C PRO B 211 0.57 -16.04 8.76
N PHE B 212 1.15 -16.42 9.90
CA PHE B 212 2.57 -16.29 10.21
C PHE B 212 2.99 -14.86 10.48
N LYS B 213 2.07 -13.93 10.75
CA LYS B 213 2.44 -12.51 10.77
C LYS B 213 3.44 -12.15 11.87
N PRO B 214 3.20 -12.43 13.16
CA PRO B 214 4.25 -12.09 14.14
C PRO B 214 5.58 -12.78 13.85
N PHE B 215 5.56 -14.10 13.65
CA PHE B 215 6.77 -14.82 13.31
C PHE B 215 7.52 -14.17 12.14
N SER B 216 6.81 -13.82 11.06
CA SER B 216 7.50 -13.36 9.86
C SER B 216 8.07 -11.96 10.01
N TYR B 217 7.48 -11.12 10.86
CA TYR B 217 8.09 -9.83 11.14
C TYR B 217 9.37 -9.97 11.95
N ARG B 218 9.37 -10.90 12.90
CA ARG B 218 10.47 -11.00 13.85
C ARG B 218 11.62 -11.86 13.34
N TYR B 219 11.36 -12.82 12.46
CA TYR B 219 12.39 -13.80 12.06
C TYR B 219 12.45 -13.81 10.54
N HIS B 220 13.50 -13.21 10.00
CA HIS B 220 13.74 -13.21 8.57
C HIS B 220 14.67 -14.34 8.19
N VAL B 221 14.54 -14.77 6.93
CA VAL B 221 15.35 -15.87 6.37
C VAL B 221 15.78 -15.49 4.96
N PRO B 222 16.89 -16.06 4.48
CA PRO B 222 17.44 -15.63 3.19
C PRO B 222 16.79 -16.29 1.99
N TYR B 223 15.45 -16.16 1.87
CA TYR B 223 14.74 -17.04 0.95
C TYR B 223 15.00 -16.69 -0.52
N GLU B 224 15.21 -15.41 -0.83
CA GLU B 224 15.48 -15.04 -2.22
C GLU B 224 16.78 -15.67 -2.73
N ALA B 225 17.71 -15.98 -1.81
CA ALA B 225 19.00 -16.54 -2.18
C ALA B 225 18.87 -17.88 -2.90
N SER B 226 17.77 -18.61 -2.66
CA SER B 226 17.54 -19.86 -3.38
C SER B 226 16.36 -19.76 -4.34
N GLN B 227 16.04 -18.53 -4.78
CA GLN B 227 14.96 -18.27 -5.74
C GLN B 227 13.61 -18.78 -5.25
N SER B 228 13.39 -18.77 -3.95
CA SER B 228 12.06 -18.97 -3.39
C SER B 228 11.28 -17.67 -3.42
N THR B 229 9.97 -17.76 -3.59
CA THR B 229 9.11 -16.59 -3.51
C THR B 229 8.49 -16.42 -2.12
N SER B 230 8.87 -17.26 -1.15
CA SER B 230 8.26 -17.15 0.17
C SER B 230 9.29 -17.43 1.27
N PRO B 231 9.20 -16.70 2.39
CA PRO B 231 10.10 -17.01 3.51
C PRO B 231 9.87 -18.37 4.13
N PHE B 232 8.73 -19.01 3.87
CA PHE B 232 8.42 -20.25 4.58
C PHE B 232 9.04 -21.49 3.94
N TRP B 233 9.58 -21.39 2.73
CA TRP B 233 10.41 -22.47 2.22
C TRP B 233 11.62 -21.86 1.54
N TYR B 234 12.78 -22.51 1.72
CA TYR B 234 14.03 -21.96 1.20
C TYR B 234 15.13 -22.99 1.46
N SER B 235 16.32 -22.70 0.92
CA SER B 235 17.45 -23.60 1.04
C SER B 235 18.70 -22.80 1.40
N ILE B 236 19.62 -23.43 2.13
CA ILE B 236 20.94 -22.84 2.33
C ILE B 236 21.96 -23.96 2.23
N LYS B 237 23.19 -23.58 1.91
CA LYS B 237 24.34 -24.45 2.03
C LYS B 237 25.22 -23.94 3.16
N ARG B 238 25.69 -24.86 4.00
CA ARG B 238 26.59 -24.49 5.09
C ARG B 238 27.58 -25.62 5.28
N ALA B 239 28.88 -25.30 5.19
CA ALA B 239 29.94 -26.31 5.25
C ALA B 239 29.68 -27.40 4.21
N SER B 240 29.52 -28.64 4.63
CA SER B 240 29.33 -29.74 3.68
C SER B 240 27.88 -30.18 3.56
N ALA B 241 26.93 -29.36 4.01
CA ALA B 241 25.52 -29.72 4.04
C ALA B 241 24.72 -28.83 3.09
N HIS B 242 23.74 -29.43 2.44
CA HIS B 242 22.71 -28.72 1.71
C HIS B 242 21.41 -28.92 2.48
N ILE B 243 20.81 -27.82 2.95
CA ILE B 243 19.68 -27.84 3.87
C ILE B 243 18.46 -27.26 3.18
N ILE B 244 17.34 -28.01 3.22
CA ILE B 244 16.10 -27.60 2.56
C ILE B 244 15.05 -27.44 3.65
N VAL B 245 14.46 -26.25 3.74
CA VAL B 245 13.48 -25.93 4.78
C VAL B 245 12.11 -25.86 4.12
N LEU B 246 11.15 -26.65 4.63
CA LEU B 246 9.81 -26.73 4.08
C LEU B 246 8.75 -26.20 5.04
N SER B 247 7.55 -25.94 4.49
CA SER B 247 6.44 -25.35 5.26
C SER B 247 5.26 -26.33 5.29
N SER B 248 5.10 -27.02 6.44
CA SER B 248 3.98 -27.95 6.57
C SER B 248 2.62 -27.25 6.46
N TYR B 249 2.54 -25.94 6.76
CA TYR B 249 1.26 -25.24 6.77
C TYR B 249 1.11 -24.23 5.64
N SER B 250 1.84 -24.43 4.55
CA SER B 250 1.59 -23.72 3.29
C SER B 250 1.08 -24.70 2.24
N ALA B 251 0.68 -24.18 1.08
CA ALA B 251 0.22 -25.06 0.01
C ALA B 251 1.38 -25.90 -0.52
N TYR B 252 1.07 -27.16 -0.86
CA TYR B 252 2.04 -27.99 -1.58
C TYR B 252 1.36 -28.90 -2.59
N GLY B 253 0.17 -28.53 -3.08
CA GLY B 253 -0.40 -29.24 -4.20
C GLY B 253 0.47 -29.13 -5.44
N ARG B 254 0.23 -30.01 -6.40
CA ARG B 254 0.95 -29.93 -7.66
CA ARG B 254 0.94 -29.93 -7.66
C ARG B 254 0.69 -28.58 -8.33
N GLY B 255 1.77 -27.91 -8.73
CA GLY B 255 1.66 -26.60 -9.37
C GLY B 255 1.70 -25.41 -8.44
N THR B 256 1.62 -25.62 -7.13
CA THR B 256 1.70 -24.52 -6.18
C THR B 256 3.14 -24.01 -6.09
N PRO B 257 3.35 -22.81 -5.55
CA PRO B 257 4.73 -22.31 -5.44
C PRO B 257 5.68 -23.22 -4.66
N GLN B 258 5.27 -23.75 -3.52
CA GLN B 258 6.22 -24.56 -2.73
C GLN B 258 6.57 -25.86 -3.46
N TYR B 259 5.58 -26.50 -4.05
CA TYR B 259 5.81 -27.71 -4.82
C TYR B 259 6.79 -27.47 -5.96
N THR B 260 6.55 -26.39 -6.73
CA THR B 260 7.37 -26.10 -7.88
C THR B 260 8.80 -25.82 -7.46
N TRP B 261 8.95 -24.97 -6.45
CA TRP B 261 10.27 -24.62 -5.95
C TRP B 261 11.03 -25.85 -5.48
N LEU B 262 10.37 -26.75 -4.74
CA LEU B 262 11.12 -27.89 -4.20
C LEU B 262 11.58 -28.82 -5.34
N LYS B 263 10.70 -29.05 -6.31
CA LYS B 263 11.04 -29.95 -7.40
C LYS B 263 12.26 -29.45 -8.16
N LYS B 264 12.31 -28.14 -8.40
CA LYS B 264 13.45 -27.53 -9.06
C LYS B 264 14.67 -27.46 -8.14
N GLU B 265 14.46 -27.30 -6.83
CA GLU B 265 15.58 -27.23 -5.89
C GLU B 265 16.31 -28.57 -5.79
N LEU B 266 15.56 -29.68 -5.71
CA LEU B 266 16.20 -30.99 -5.61
C LEU B 266 17.08 -31.28 -6.82
N ARG B 267 16.72 -30.75 -7.99
CA ARG B 267 17.56 -30.94 -9.18
C ARG B 267 18.86 -30.15 -9.08
N LYS B 268 18.86 -29.05 -8.33
CA LYS B 268 20.08 -28.25 -8.18
C LYS B 268 21.09 -28.89 -7.26
N VAL B 269 20.67 -29.82 -6.40
CA VAL B 269 21.55 -30.37 -5.39
C VAL B 269 22.70 -31.12 -6.06
N LYS B 270 23.93 -30.79 -5.66
CA LYS B 270 25.14 -31.44 -6.17
C LYS B 270 25.80 -32.18 -5.01
N ARG B 271 25.59 -33.50 -4.93
CA ARG B 271 26.19 -34.30 -3.88
C ARG B 271 27.71 -34.44 -4.05
N SER B 272 28.24 -34.07 -5.22
CA SER B 272 29.68 -34.02 -5.40
C SER B 272 30.30 -32.78 -4.79
N GLU B 273 29.48 -31.83 -4.34
CA GLU B 273 29.95 -30.61 -3.69
C GLU B 273 29.47 -30.48 -2.26
N THR B 274 28.18 -30.72 -2.01
CA THR B 274 27.64 -30.81 -0.65
C THR B 274 27.13 -32.23 -0.44
N PRO B 275 27.88 -33.10 0.24
CA PRO B 275 27.45 -34.51 0.34
C PRO B 275 26.20 -34.71 1.18
N TRP B 276 25.97 -33.88 2.18
CA TRP B 276 24.91 -34.13 3.14
C TRP B 276 23.66 -33.36 2.73
N LEU B 277 22.56 -34.08 2.58
CA LEU B 277 21.29 -33.51 2.13
C LEU B 277 20.31 -33.63 3.28
N ILE B 278 19.89 -32.49 3.81
CA ILE B 278 19.08 -32.40 5.02
C ILE B 278 17.80 -31.64 4.72
N VAL B 279 16.67 -32.21 5.13
CA VAL B 279 15.36 -31.57 4.97
C VAL B 279 14.82 -31.24 6.36
N LEU B 280 14.36 -30.01 6.54
CA LEU B 280 13.65 -29.60 7.74
C LEU B 280 12.18 -29.34 7.43
N MET B 281 11.31 -29.79 8.32
CA MET B 281 9.88 -29.53 8.22
C MET B 281 9.31 -29.63 9.63
N HIS B 282 8.11 -29.08 9.83
CA HIS B 282 7.59 -29.15 11.19
C HIS B 282 6.88 -30.47 11.52
N SER B 283 5.94 -30.87 10.67
CA SER B 283 5.08 -32.03 10.93
C SER B 283 5.73 -33.30 10.37
N PRO B 284 6.00 -34.31 11.19
CA PRO B 284 6.78 -35.47 10.73
C PRO B 284 5.98 -36.37 9.80
N LEU B 285 6.65 -36.85 8.75
CA LEU B 285 6.03 -37.80 7.83
C LEU B 285 5.93 -39.19 8.45
N TYR B 286 6.87 -39.55 9.32
CA TYR B 286 6.85 -40.81 10.03
C TYR B 286 6.79 -40.51 11.52
N ASN B 287 5.82 -41.12 12.20
CA ASN B 287 5.45 -40.76 13.56
C ASN B 287 4.56 -41.83 14.14
N SER B 288 5.02 -42.56 15.14
CA SER B 288 4.22 -43.62 15.75
C SER B 288 3.66 -43.23 17.11
N TYR B 289 3.73 -41.96 17.49
CA TYR B 289 3.04 -41.43 18.66
C TYR B 289 1.59 -41.11 18.33
N ASN B 290 0.72 -41.23 19.34
CA ASN B 290 -0.69 -40.93 19.12
C ASN B 290 -0.93 -39.45 18.85
N HIS B 291 -0.25 -38.57 19.58
CA HIS B 291 -0.40 -37.14 19.36
C HIS B 291 0.00 -36.80 17.92
N HIS B 292 -0.93 -36.16 17.18
CA HIS B 292 -0.72 -35.79 15.78
C HIS B 292 -0.48 -36.99 14.87
N PHE B 293 -0.98 -38.16 15.24
CA PHE B 293 -0.72 -39.36 14.44
C PHE B 293 -1.28 -39.19 13.02
N MET B 294 -0.44 -39.43 12.03
CA MET B 294 -0.79 -39.38 10.61
C MET B 294 -1.12 -37.97 10.10
N GLU B 295 -0.81 -36.90 10.85
CA GLU B 295 -0.98 -35.56 10.27
C GLU B 295 -0.06 -35.35 9.10
N GLY B 296 1.10 -36.01 9.10
CA GLY B 296 2.07 -35.89 8.02
C GLY B 296 1.71 -36.61 6.76
N GLU B 297 0.57 -37.29 6.70
CA GLU B 297 0.25 -38.13 5.54
C GLU B 297 0.10 -37.31 4.27
N ALA B 298 -0.47 -36.10 4.37
CA ALA B 298 -0.73 -35.34 3.15
C ALA B 298 0.57 -34.94 2.45
N MET B 299 1.51 -34.34 3.19
CA MET B 299 2.80 -34.00 2.61
C MET B 299 3.56 -35.25 2.18
N ARG B 300 3.42 -36.35 2.92
CA ARG B 300 4.09 -37.58 2.52
C ARG B 300 3.69 -38.00 1.11
N THR B 301 2.40 -37.92 0.79
CA THR B 301 1.95 -38.32 -0.54
C THR B 301 2.63 -37.50 -1.62
N LYS B 302 2.94 -36.23 -1.34
CA LYS B 302 3.54 -35.38 -2.38
C LYS B 302 5.05 -35.57 -2.47
N PHE B 303 5.74 -35.59 -1.33
CA PHE B 303 7.20 -35.40 -1.34
C PHE B 303 8.02 -36.65 -1.02
N GLU B 304 7.42 -37.71 -0.48
CA GLU B 304 8.21 -38.85 -0.02
C GLU B 304 9.00 -39.46 -1.17
N ALA B 305 8.33 -39.67 -2.32
CA ALA B 305 9.00 -40.29 -3.44
C ALA B 305 10.17 -39.42 -3.93
N TRP B 306 10.06 -38.10 -3.82
CA TRP B 306 11.19 -37.23 -4.18
C TRP B 306 12.36 -37.42 -3.23
N PHE B 307 12.09 -37.57 -1.92
CA PHE B 307 13.17 -37.76 -0.95
C PHE B 307 13.93 -39.04 -1.22
N VAL B 308 13.21 -40.08 -1.64
CA VAL B 308 13.85 -41.36 -1.95
C VAL B 308 14.63 -41.24 -3.26
N LYS B 309 14.02 -40.64 -4.27
CA LYS B 309 14.66 -40.50 -5.58
C LYS B 309 15.97 -39.73 -5.47
N TYR B 310 15.98 -38.68 -4.66
CA TYR B 310 17.16 -37.86 -4.47
C TYR B 310 18.02 -38.30 -3.28
N LYS B 311 17.66 -39.39 -2.62
CA LYS B 311 18.48 -40.00 -1.58
C LYS B 311 18.81 -39.01 -0.46
N VAL B 312 17.76 -38.33 0.03
CA VAL B 312 17.94 -37.46 1.18
C VAL B 312 18.57 -38.25 2.33
N ASP B 313 19.56 -37.64 3.01
CA ASP B 313 20.23 -38.32 4.11
C ASP B 313 19.32 -38.42 5.33
N VAL B 314 18.71 -37.32 5.73
CA VAL B 314 17.92 -37.30 6.96
C VAL B 314 16.86 -36.23 6.84
N VAL B 315 15.67 -36.52 7.38
CA VAL B 315 14.58 -35.56 7.49
C VAL B 315 14.31 -35.32 8.97
N PHE B 316 14.38 -34.07 9.40
CA PHE B 316 14.12 -33.70 10.79
C PHE B 316 12.79 -32.97 10.90
N ALA B 317 12.03 -33.29 11.94
CA ALA B 317 10.76 -32.63 12.20
C ALA B 317 10.56 -32.50 13.70
N GLY B 318 9.57 -31.71 14.09
CA GLY B 318 9.19 -31.61 15.48
C GLY B 318 7.74 -31.96 15.70
N HIS B 319 6.97 -31.02 16.28
CA HIS B 319 5.51 -31.08 16.36
C HIS B 319 5.06 -32.06 17.44
N VAL B 320 5.52 -33.30 17.34
CA VAL B 320 5.32 -34.29 18.40
C VAL B 320 6.29 -34.02 19.53
N HIS B 321 5.77 -33.95 20.75
CA HIS B 321 6.58 -33.53 21.90
C HIS B 321 7.29 -34.73 22.52
N ALA B 322 8.19 -35.33 21.74
CA ALA B 322 8.93 -36.53 22.12
C ALA B 322 10.04 -36.76 21.09
N TYR B 323 10.75 -37.86 21.23
CA TYR B 323 11.87 -38.20 20.35
C TYR B 323 11.54 -39.47 19.57
N GLU B 324 11.91 -39.51 18.29
CA GLU B 324 11.73 -40.73 17.50
C GLU B 324 12.74 -40.73 16.35
N ARG B 325 13.31 -41.90 16.10
CA ARG B 325 14.24 -42.11 15.00
C ARG B 325 13.73 -43.31 14.22
N SER B 326 13.48 -43.11 12.92
CA SER B 326 12.96 -44.20 12.09
C SER B 326 14.10 -45.04 11.52
N GLU B 327 13.74 -46.21 10.99
CA GLU B 327 14.57 -46.95 10.05
C GLU B 327 14.49 -46.29 8.69
N ARG B 328 15.40 -46.66 7.79
CA ARG B 328 15.31 -46.19 6.42
C ARG B 328 14.20 -46.99 5.74
N VAL B 329 13.03 -46.38 5.59
CA VAL B 329 11.89 -47.05 5.00
C VAL B 329 11.25 -46.10 3.99
N SER B 330 10.43 -46.69 3.13
CA SER B 330 9.64 -45.94 2.18
CA SER B 330 9.65 -45.96 2.15
C SER B 330 8.29 -46.63 2.01
N ASN B 331 7.29 -45.84 1.61
CA ASN B 331 5.93 -46.31 1.44
C ASN B 331 5.35 -45.61 0.21
N ILE B 332 5.93 -45.90 -0.96
CA ILE B 332 5.70 -45.12 -2.16
C ILE B 332 5.15 -45.95 -3.33
N ALA B 333 4.65 -47.17 -3.07
CA ALA B 333 4.16 -48.04 -4.14
C ALA B 333 2.65 -48.26 -4.09
N TYR B 334 1.93 -47.53 -3.24
CA TYR B 334 0.49 -47.68 -3.13
C TYR B 334 -0.23 -47.14 -4.37
N LYS B 335 -1.23 -47.89 -4.85
CA LYS B 335 -2.04 -47.52 -6.01
C LYS B 335 -3.52 -47.73 -5.74
N ILE B 336 -3.96 -47.43 -4.51
CA ILE B 336 -5.36 -47.45 -4.08
C ILE B 336 -5.88 -48.87 -3.88
N THR B 337 -5.76 -49.72 -4.89
CA THR B 337 -6.38 -51.04 -4.85
C THR B 337 -5.38 -52.19 -4.85
N ASN B 338 -4.07 -51.91 -4.85
CA ASN B 338 -3.07 -52.96 -4.99
C ASN B 338 -2.59 -53.51 -3.65
N GLY B 339 -3.05 -52.96 -2.52
CA GLY B 339 -2.68 -53.48 -1.22
C GLY B 339 -1.24 -53.23 -0.78
N LEU B 340 -0.52 -52.34 -1.45
CA LEU B 340 0.89 -52.09 -1.12
C LEU B 340 0.97 -50.83 -0.27
N CYS B 341 0.60 -50.97 1.01
CA CYS B 341 0.46 -49.80 1.87
C CYS B 341 1.30 -49.91 3.14
N THR B 342 2.28 -50.81 3.17
CA THR B 342 3.09 -51.01 4.35
C THR B 342 4.49 -50.53 4.10
N PRO B 343 5.02 -49.64 4.95
CA PRO B 343 6.40 -49.18 4.79
C PRO B 343 7.36 -50.36 4.78
N VAL B 344 8.35 -50.30 3.90
CA VAL B 344 9.31 -51.38 3.72
C VAL B 344 10.71 -50.79 3.80
N LYS B 345 11.65 -51.61 4.27
CA LYS B 345 13.04 -51.19 4.30
C LYS B 345 13.49 -50.73 2.92
N ASP B 346 14.23 -49.62 2.90
CA ASP B 346 14.62 -48.99 1.62
C ASP B 346 15.90 -48.19 1.86
N GLN B 347 17.02 -48.74 1.40
CA GLN B 347 18.30 -48.08 1.66
C GLN B 347 18.46 -46.77 0.89
N SER B 348 17.59 -46.50 -0.08
CA SER B 348 17.57 -45.20 -0.75
C SER B 348 16.80 -44.13 0.02
N ALA B 349 16.21 -44.44 1.14
CA ALA B 349 15.35 -43.49 1.83
C ALA B 349 16.12 -42.76 2.94
N PRO B 350 15.65 -41.57 3.35
CA PRO B 350 16.23 -40.93 4.53
C PRO B 350 15.83 -41.61 5.83
N VAL B 351 16.60 -41.35 6.87
CA VAL B 351 16.13 -41.58 8.24
C VAL B 351 15.25 -40.40 8.65
N TYR B 352 14.07 -40.69 9.23
CA TYR B 352 13.17 -39.67 9.73
C TYR B 352 13.34 -39.54 11.25
N ILE B 353 13.65 -38.33 11.70
CA ILE B 353 13.89 -38.08 13.11
C ILE B 353 12.91 -37.01 13.59
N THR B 354 12.12 -37.35 14.60
CA THR B 354 11.28 -36.41 15.32
C THR B 354 12.06 -35.90 16.53
N ILE B 355 12.24 -34.59 16.62
CA ILE B 355 13.06 -34.01 17.67
C ILE B 355 12.29 -32.84 18.28
N GLY B 356 10.99 -33.05 18.52
CA GLY B 356 10.11 -31.99 18.97
C GLY B 356 10.04 -31.80 20.47
N ASP B 357 11.08 -32.21 21.19
CA ASP B 357 10.97 -32.41 22.64
C ASP B 357 11.80 -31.42 23.47
N ALA B 358 12.00 -30.19 22.97
CA ALA B 358 12.84 -29.25 23.72
C ALA B 358 12.15 -28.63 24.93
N GLY B 359 10.84 -28.80 25.09
CA GLY B 359 10.24 -28.36 26.34
C GLY B 359 8.85 -27.76 26.22
N ASN B 360 8.56 -27.18 25.05
CA ASN B 360 7.30 -26.47 24.77
C ASN B 360 6.81 -25.74 26.02
N TYR B 361 5.53 -25.89 26.37
CA TYR B 361 5.01 -25.35 27.61
C TYR B 361 5.01 -26.39 28.74
N GLY B 362 5.89 -27.38 28.65
CA GLY B 362 6.16 -28.30 29.74
C GLY B 362 5.41 -29.62 29.73
N VAL B 363 4.93 -30.06 28.57
CA VAL B 363 4.16 -31.30 28.46
C VAL B 363 4.84 -32.22 27.44
N ILE B 364 5.10 -33.46 27.84
CA ILE B 364 5.70 -34.44 26.98
C ILE B 364 4.58 -35.29 26.38
N ASP B 365 4.82 -35.89 25.22
CA ASP B 365 3.85 -36.79 24.60
C ASP B 365 4.28 -38.23 24.86
N SER B 366 3.56 -38.92 25.74
CA SER B 366 3.97 -40.27 26.12
C SER B 366 3.12 -41.39 25.53
N ASN B 367 1.94 -41.10 24.98
CA ASN B 367 1.06 -42.13 24.44
C ASN B 367 1.58 -42.56 23.07
N MET B 368 2.13 -43.77 23.00
CA MET B 368 2.68 -44.32 21.77
C MET B 368 1.78 -45.44 21.25
N ILE B 369 1.71 -45.58 19.93
CA ILE B 369 1.02 -46.71 19.35
C ILE B 369 1.85 -47.97 19.61
N GLN B 370 1.18 -49.02 20.14
CA GLN B 370 1.84 -50.25 20.56
C GLN B 370 1.41 -51.43 19.69
N PRO B 371 2.32 -52.37 19.39
CA PRO B 371 3.76 -52.36 19.71
C PRO B 371 4.50 -51.37 18.82
N GLN B 372 5.74 -51.03 19.13
CA GLN B 372 6.53 -50.20 18.24
C GLN B 372 6.57 -50.82 16.85
N PRO B 373 6.21 -50.08 15.80
CA PRO B 373 6.14 -50.68 14.47
C PRO B 373 7.53 -50.92 13.90
N GLU B 374 7.57 -51.76 12.87
CA GLU B 374 8.86 -52.12 12.29
C GLU B 374 9.59 -50.90 11.73
N TYR B 375 8.86 -49.86 11.32
CA TYR B 375 9.53 -48.71 10.71
C TYR B 375 10.17 -47.78 11.73
N SER B 376 9.86 -47.96 13.01
CA SER B 376 10.40 -47.14 14.08
C SER B 376 11.62 -47.84 14.66
N ALA B 377 12.77 -47.17 14.63
CA ALA B 377 13.99 -47.71 15.23
C ALA B 377 14.08 -47.42 16.73
N PHE B 378 13.89 -46.17 17.13
CA PHE B 378 14.02 -45.76 18.54
C PHE B 378 13.03 -44.64 18.81
N ARG B 379 12.40 -44.68 19.99
CA ARG B 379 11.50 -43.62 20.43
C ARG B 379 11.52 -43.55 21.95
N GLU B 380 11.39 -42.34 22.48
CA GLU B 380 11.27 -42.16 23.93
C GLU B 380 10.64 -40.80 24.21
N ALA B 381 9.73 -40.77 25.20
CA ALA B 381 9.08 -39.54 25.62
C ALA B 381 9.84 -38.89 26.77
N SER B 382 10.97 -38.24 26.43
CA SER B 382 11.74 -37.42 27.35
C SER B 382 12.10 -36.10 26.69
N PHE B 383 12.27 -35.06 27.50
CA PHE B 383 12.74 -33.78 26.99
C PHE B 383 14.22 -33.86 26.62
N GLY B 384 14.64 -33.05 25.65
CA GLY B 384 16.04 -33.01 25.29
C GLY B 384 16.23 -32.40 23.91
N HIS B 385 17.40 -32.68 23.33
CA HIS B 385 17.79 -32.09 22.06
C HIS B 385 18.73 -33.05 21.33
N GLY B 386 18.99 -32.74 20.06
CA GLY B 386 19.82 -33.58 19.22
C GLY B 386 21.04 -32.85 18.68
N MET B 387 21.95 -33.64 18.11
N MET B 387 21.96 -33.64 18.12
CA MET B 387 23.19 -33.14 17.53
CA MET B 387 23.19 -33.12 17.53
C MET B 387 23.51 -33.96 16.29
C MET B 387 23.52 -33.95 16.30
N PHE B 388 23.69 -33.28 15.16
CA PHE B 388 24.07 -33.91 13.89
C PHE B 388 25.48 -33.44 13.59
N ASP B 389 26.44 -34.32 13.84
CA ASP B 389 27.87 -34.00 13.87
C ASP B 389 28.56 -34.56 12.64
N ILE B 390 28.78 -33.73 11.63
CA ILE B 390 29.34 -34.19 10.37
C ILE B 390 30.85 -34.29 10.49
N LYS B 391 31.41 -35.44 10.12
CA LYS B 391 32.84 -35.73 10.18
C LYS B 391 33.54 -35.53 8.85
N ASN B 392 32.92 -35.98 7.76
CA ASN B 392 33.46 -35.94 6.40
C ASN B 392 32.35 -36.39 5.46
N ARG B 393 32.70 -36.59 4.19
CA ARG B 393 31.69 -36.87 3.19
C ARG B 393 30.98 -38.21 3.41
N THR B 394 31.55 -39.14 4.18
CA THR B 394 30.91 -40.44 4.36
C THR B 394 30.22 -40.63 5.69
N HIS B 395 30.69 -39.97 6.75
CA HIS B 395 30.20 -40.22 8.10
C HIS B 395 29.65 -38.95 8.75
N ALA B 396 28.51 -39.09 9.41
CA ALA B 396 27.98 -38.09 10.33
C ALA B 396 27.42 -38.81 11.54
N HIS B 397 27.63 -38.25 12.72
CA HIS B 397 27.21 -38.87 13.97
C HIS B 397 26.02 -38.10 14.54
N PHE B 398 24.92 -38.81 14.78
CA PHE B 398 23.75 -38.22 15.42
C PHE B 398 23.60 -38.77 16.83
N SER B 399 23.31 -37.87 17.77
CA SER B 399 23.09 -38.26 19.15
C SER B 399 21.96 -37.44 19.74
N TRP B 400 21.32 -38.02 20.74
CA TRP B 400 20.17 -37.44 21.44
C TRP B 400 20.51 -37.37 22.92
N ASN B 401 20.40 -36.19 23.50
CA ASN B 401 20.75 -35.95 24.89
C ASN B 401 19.49 -35.63 25.68
N ARG B 402 19.28 -36.34 26.80
CA ARG B 402 18.11 -36.14 27.66
C ARG B 402 18.38 -35.08 28.73
N ASN B 403 17.37 -34.25 29.01
CA ASN B 403 17.49 -33.25 30.06
C ASN B 403 17.79 -33.90 31.41
N GLN B 404 17.24 -35.09 31.68
CA GLN B 404 17.47 -35.74 32.96
C GLN B 404 18.86 -36.38 33.08
N ASP B 405 19.66 -36.38 32.02
CA ASP B 405 20.99 -36.97 32.04
C ASP B 405 22.05 -35.88 32.12
N GLY B 406 23.30 -36.29 32.30
CA GLY B 406 24.41 -35.36 32.20
C GLY B 406 24.56 -34.80 30.79
N VAL B 407 25.20 -33.64 30.70
CA VAL B 407 25.30 -32.94 29.43
C VAL B 407 26.14 -33.68 28.40
N ALA B 408 26.92 -34.68 28.81
CA ALA B 408 27.77 -35.43 27.90
C ALA B 408 27.26 -36.84 27.64
N VAL B 409 26.03 -37.16 28.07
CA VAL B 409 25.44 -38.48 27.92
C VAL B 409 24.57 -38.51 26.67
N GLU B 410 24.76 -39.53 25.83
CA GLU B 410 23.89 -39.79 24.67
C GLU B 410 22.98 -40.96 25.02
N ALA B 411 21.67 -40.70 25.12
CA ALA B 411 20.72 -41.80 25.28
C ALA B 411 20.36 -42.48 23.96
N ASP B 412 20.61 -41.84 22.83
CA ASP B 412 20.51 -42.49 21.53
C ASP B 412 21.65 -41.92 20.71
N SER B 413 22.26 -42.79 19.90
CA SER B 413 23.43 -42.42 19.11
C SER B 413 23.48 -43.33 17.89
N VAL B 414 23.74 -42.74 16.72
CA VAL B 414 23.82 -43.53 15.49
C VAL B 414 24.73 -42.83 14.51
N TRP B 415 25.54 -43.64 13.83
CA TRP B 415 26.37 -43.17 12.74
C TRP B 415 25.60 -43.26 11.43
N PHE B 416 25.53 -42.13 10.72
CA PHE B 416 24.96 -42.06 9.38
C PHE B 416 26.04 -42.34 8.36
N PHE B 417 25.76 -43.25 7.42
CA PHE B 417 26.56 -43.45 6.22
CA PHE B 417 26.58 -43.39 6.25
C PHE B 417 25.93 -42.64 5.10
N ASN B 418 26.69 -41.75 4.47
CA ASN B 418 26.16 -40.87 3.44
C ASN B 418 25.50 -41.66 2.30
N ARG B 419 24.30 -41.25 1.91
CA ARG B 419 23.57 -41.95 0.86
C ARG B 419 24.21 -41.81 -0.51
N HIS B 420 25.10 -40.84 -0.70
CA HIS B 420 25.78 -40.72 -1.98
C HIS B 420 27.18 -41.34 -1.95
N TRP B 421 27.98 -41.01 -0.93
CA TRP B 421 29.38 -41.39 -0.88
C TRP B 421 29.64 -42.70 -0.15
N TYR B 422 28.69 -43.19 0.64
CA TYR B 422 28.90 -44.44 1.37
C TYR B 422 27.57 -45.17 1.50
N PRO B 423 26.92 -45.55 0.38
CA PRO B 423 25.54 -46.06 0.46
C PRO B 423 25.48 -47.50 0.96
N VAL B 424 25.68 -47.69 2.26
CA VAL B 424 25.67 -49.00 2.87
C VAL B 424 24.70 -48.97 4.04
N ASP B 425 24.13 -50.13 4.36
CA ASP B 425 23.19 -50.28 5.47
C ASP B 425 23.80 -49.77 6.77
N ASP B 426 23.18 -48.73 7.34
CA ASP B 426 23.67 -48.16 8.60
C ASP B 426 22.66 -48.32 9.74
N SER B 427 21.75 -49.29 9.64
CA SER B 427 20.77 -49.50 10.69
C SER B 427 21.46 -49.94 11.98
N THR B 428 20.81 -49.65 13.11
CA THR B 428 21.35 -50.03 14.44
C THR B 428 20.82 -51.39 14.88
N THR C 1 11.64 27.14 26.96
CA THR C 1 11.28 28.51 27.31
C THR C 1 9.77 28.63 27.61
N ASN C 2 9.41 29.70 28.32
CA ASN C 2 8.06 29.97 28.85
C ASN C 2 7.72 29.06 30.04
N LYS C 3 7.20 29.65 31.11
CA LYS C 3 6.70 28.88 32.24
C LYS C 3 5.64 27.89 31.77
N ASN C 4 5.67 26.69 32.33
CA ASN C 4 4.72 25.66 31.93
C ASN C 4 3.36 25.95 32.55
N ARG C 5 2.42 26.38 31.71
CA ARG C 5 1.07 26.67 32.16
C ARG C 5 0.05 25.65 31.68
N ASP C 6 0.50 24.54 31.07
CA ASP C 6 -0.43 23.50 30.64
C ASP C 6 -1.02 22.78 31.84
N MET C 7 -2.29 22.42 31.74
CA MET C 7 -2.93 21.67 32.81
C MET C 7 -2.25 20.32 32.99
N PRO C 8 -1.98 19.89 34.23
CA PRO C 8 -1.28 18.63 34.45
C PRO C 8 -2.12 17.41 34.08
N LEU C 9 -1.43 16.29 33.89
CA LEU C 9 -2.09 15.10 33.34
C LEU C 9 -3.20 14.59 34.26
N ASP C 10 -3.06 14.75 35.56
CA ASP C 10 -4.11 14.30 36.47
C ASP C 10 -5.23 15.33 36.65
N SER C 11 -5.27 16.38 35.83
CA SER C 11 -6.37 17.35 35.90
C SER C 11 -7.71 16.65 35.68
N ASP C 12 -8.76 17.22 36.29
CA ASP C 12 -10.08 16.61 36.22
C ASP C 12 -10.60 16.58 34.77
N VAL C 13 -10.27 17.59 33.97
CA VAL C 13 -10.73 17.61 32.58
C VAL C 13 -10.09 16.50 31.74
N PHE C 14 -9.06 15.82 32.27
CA PHE C 14 -8.38 14.75 31.55
C PHE C 14 -8.76 13.36 32.04
N ARG C 15 -9.78 13.27 32.90
CA ARG C 15 -10.13 11.97 33.46
C ARG C 15 -10.60 11.01 32.37
N VAL C 16 -10.20 9.76 32.51
CA VAL C 16 -10.60 8.71 31.57
C VAL C 16 -12.01 8.25 31.90
N PRO C 17 -12.93 8.22 30.93
CA PRO C 17 -14.24 7.59 31.18
C PRO C 17 -14.07 6.15 31.59
N PRO C 18 -14.74 5.74 32.68
CA PRO C 18 -14.49 4.41 33.26
C PRO C 18 -15.26 3.31 32.55
N GLY C 19 -14.84 2.08 32.82
CA GLY C 19 -15.40 0.92 32.17
C GLY C 19 -14.43 0.35 31.14
N TYR C 20 -14.45 -0.98 30.99
CA TYR C 20 -13.57 -1.60 30.00
C TYR C 20 -13.88 -1.08 28.60
N ASN C 21 -12.82 -0.58 27.94
CA ASN C 21 -12.87 -0.06 26.55
C ASN C 21 -13.91 1.03 26.37
N ALA C 22 -14.11 1.85 27.38
CA ALA C 22 -15.07 2.93 27.27
C ALA C 22 -14.63 3.94 26.20
N PRO C 23 -15.52 4.35 25.30
CA PRO C 23 -15.17 5.38 24.32
C PRO C 23 -14.70 6.65 25.03
N GLN C 24 -13.67 7.28 24.47
CA GLN C 24 -13.22 8.58 24.98
C GLN C 24 -12.92 9.49 23.80
N GLN C 25 -12.67 10.77 24.11
CA GLN C 25 -12.36 11.78 23.11
C GLN C 25 -13.46 11.83 22.04
N VAL C 26 -14.71 11.82 22.48
CA VAL C 26 -15.85 11.80 21.57
C VAL C 26 -16.01 13.18 20.97
N HIS C 27 -16.21 13.26 19.66
CA HIS C 27 -16.41 14.55 19.02
C HIS C 27 -17.23 14.37 17.76
N ILE C 28 -17.98 15.41 17.40
CA ILE C 28 -18.85 15.38 16.23
C ILE C 28 -18.58 16.59 15.36
N THR C 29 -18.88 16.46 14.08
CA THR C 29 -18.89 17.60 13.15
C THR C 29 -19.85 17.29 12.03
N GLN C 30 -20.18 18.32 11.26
CA GLN C 30 -21.17 18.16 10.21
C GLN C 30 -20.66 17.18 9.16
N GLY C 31 -21.56 16.32 8.68
CA GLY C 31 -21.12 15.19 7.90
C GLY C 31 -21.47 15.28 6.43
N ASP C 32 -22.13 16.36 6.05
CA ASP C 32 -22.60 16.52 4.69
C ASP C 32 -22.55 18.00 4.34
N LEU C 33 -23.07 18.35 3.17
CA LEU C 33 -23.04 19.73 2.72
C LEU C 33 -24.07 20.59 3.44
N VAL C 34 -25.25 20.05 3.75
CA VAL C 34 -26.40 20.89 4.09
C VAL C 34 -26.91 20.66 5.51
N GLY C 35 -26.34 19.73 6.25
CA GLY C 35 -26.69 19.57 7.65
C GLY C 35 -27.52 18.35 8.01
N ARG C 36 -27.76 17.43 7.07
CA ARG C 36 -28.49 16.21 7.38
C ARG C 36 -27.59 15.06 7.82
N ALA C 37 -26.33 15.33 8.13
CA ALA C 37 -25.42 14.25 8.50
C ALA C 37 -24.44 14.74 9.55
N MET C 38 -23.87 13.79 10.28
CA MET C 38 -22.93 14.07 11.36
C MET C 38 -21.85 13.00 11.37
N ILE C 39 -20.60 13.42 11.41
CA ILE C 39 -19.48 12.52 11.63
C ILE C 39 -19.28 12.34 13.13
N ILE C 40 -19.40 11.10 13.61
CA ILE C 40 -19.18 10.75 15.01
C ILE C 40 -17.81 10.10 15.14
N SER C 41 -16.99 10.63 16.05
CA SER C 41 -15.60 10.21 16.20
C SER C 41 -15.30 9.93 17.67
N TRP C 42 -14.44 8.94 17.91
CA TRP C 42 -14.06 8.62 19.29
C TRP C 42 -12.92 7.62 19.26
N VAL C 43 -12.31 7.41 20.43
CA VAL C 43 -11.14 6.55 20.59
C VAL C 43 -11.44 5.50 21.64
N THR C 44 -11.06 4.26 21.34
CA THR C 44 -11.01 3.21 22.35
C THR C 44 -9.55 2.83 22.57
N MET C 45 -9.20 2.59 23.83
CA MET C 45 -7.83 2.37 24.24
C MET C 45 -7.49 0.91 24.57
N ASP C 46 -8.46 0.10 24.99
CA ASP C 46 -8.16 -1.25 25.44
C ASP C 46 -8.14 -2.26 24.30
N GLU C 47 -9.02 -2.12 23.32
CA GLU C 47 -9.04 -2.99 22.17
C GLU C 47 -9.82 -2.31 21.06
N PRO C 48 -9.72 -2.82 19.82
CA PRO C 48 -10.40 -2.14 18.69
C PRO C 48 -11.87 -1.81 18.92
N GLY C 49 -12.66 -2.76 19.41
CA GLY C 49 -14.07 -2.46 19.61
C GLY C 49 -14.82 -2.26 18.30
N SER C 50 -16.07 -1.83 18.44
CA SER C 50 -16.97 -1.64 17.31
C SER C 50 -17.03 -0.17 16.89
N SER C 51 -17.15 0.04 15.58
CA SER C 51 -17.37 1.38 15.03
C SER C 51 -18.85 1.68 14.83
N ALA C 52 -19.73 0.90 15.44
CA ALA C 52 -21.16 1.11 15.25
C ALA C 52 -21.64 2.27 16.11
N VAL C 53 -22.58 3.05 15.58
CA VAL C 53 -23.24 4.11 16.32
C VAL C 53 -24.75 3.85 16.31
N ARG C 54 -25.35 3.80 17.49
CA ARG C 54 -26.79 3.67 17.63
C ARG C 54 -27.36 5.06 17.81
N TYR C 55 -28.39 5.41 17.04
CA TYR C 55 -28.93 6.77 17.10
C TYR C 55 -30.44 6.74 16.91
N TRP C 56 -31.08 7.80 17.39
CA TRP C 56 -32.52 7.92 17.31
C TRP C 56 -32.91 9.33 17.73
N SER C 57 -33.97 9.84 17.12
CA SER C 57 -34.53 11.13 17.52
C SER C 57 -35.39 10.96 18.76
N GLU C 58 -35.56 12.06 19.49
CA GLU C 58 -36.38 12.02 20.68
C GLU C 58 -37.88 12.02 20.36
N LYS C 59 -38.27 12.40 19.15
CA LYS C 59 -39.68 12.41 18.77
C LYS C 59 -40.21 10.99 18.59
N ASN C 60 -39.93 10.39 17.43
CA ASN C 60 -40.29 9.00 17.18
C ASN C 60 -39.52 8.08 18.13
N GLY C 61 -38.21 8.04 17.95
CA GLY C 61 -37.37 7.17 18.74
C GLY C 61 -37.03 5.84 18.12
N ARG C 62 -37.17 5.70 16.80
CA ARG C 62 -36.74 4.47 16.16
C ARG C 62 -35.21 4.41 16.16
N LYS C 63 -34.65 3.34 16.72
CA LYS C 63 -33.21 3.24 16.90
C LYS C 63 -32.57 2.56 15.70
N ARG C 64 -31.60 3.24 15.11
CA ARG C 64 -30.88 2.77 13.94
C ARG C 64 -29.40 2.66 14.26
N ILE C 65 -28.71 1.87 13.44
CA ILE C 65 -27.28 1.60 13.56
C ILE C 65 -26.60 2.09 12.29
N ALA C 66 -25.57 2.91 12.44
CA ALA C 66 -24.65 3.24 11.36
C ALA C 66 -23.28 2.60 11.62
N LYS C 67 -22.65 2.11 10.56
CA LYS C 67 -21.37 1.42 10.64
C LYS C 67 -20.29 2.34 10.10
N GLY C 68 -19.18 2.45 10.84
CA GLY C 68 -18.07 3.31 10.45
C GLY C 68 -16.78 2.55 10.24
N LYS C 69 -15.64 3.23 10.41
CA LYS C 69 -14.33 2.64 10.18
C LYS C 69 -13.40 2.91 11.35
N MET C 70 -12.44 2.01 11.54
CA MET C 70 -11.45 2.12 12.58
C MET C 70 -10.07 2.31 11.95
N SER C 71 -9.22 3.09 12.59
CA SER C 71 -7.86 3.30 12.10
C SER C 71 -6.92 3.56 13.27
N THR C 72 -5.61 3.42 13.00
CA THR C 72 -4.58 3.66 14.00
C THR C 72 -3.40 4.34 13.33
N TYR C 73 -2.52 4.94 14.14
CA TYR C 73 -1.30 5.51 13.59
C TYR C 73 -0.20 5.43 14.65
N ARG C 74 1.04 5.61 14.19
CA ARG C 74 2.19 5.80 15.04
C ARG C 74 2.82 7.15 14.77
N PHE C 75 3.48 7.69 15.79
CA PHE C 75 4.25 8.92 15.64
C PHE C 75 5.50 8.78 16.50
N PHE C 76 6.65 8.58 15.85
CA PHE C 76 7.91 8.32 16.55
C PHE C 76 7.69 7.10 17.45
N ASN C 77 7.83 7.19 18.77
CA ASN C 77 7.64 6.02 19.63
C ASN C 77 6.25 5.97 20.24
N TYR C 78 5.33 6.79 19.75
CA TYR C 78 3.94 6.79 20.19
C TYR C 78 3.09 5.93 19.26
N SER C 79 2.23 5.11 19.84
CA SER C 79 1.23 4.34 19.12
C SER C 79 -0.17 4.77 19.58
N SER C 80 -1.02 5.15 18.62
CA SER C 80 -2.35 5.61 18.92
C SER C 80 -3.20 4.48 19.50
N GLY C 81 -4.30 4.85 20.13
CA GLY C 81 -5.37 3.90 20.38
C GLY C 81 -6.15 3.69 19.10
N PHE C 82 -7.36 3.16 19.20
CA PHE C 82 -8.16 2.77 18.04
C PHE C 82 -9.20 3.84 17.77
N ILE C 83 -9.10 4.47 16.60
CA ILE C 83 -9.86 5.67 16.25
C ILE C 83 -11.02 5.27 15.36
N HIS C 84 -12.22 5.71 15.72
CA HIS C 84 -13.43 5.39 14.99
C HIS C 84 -14.03 6.66 14.42
N HIS C 85 -14.42 6.60 13.14
CA HIS C 85 -15.19 7.65 12.51
C HIS C 85 -16.39 7.02 11.83
N THR C 86 -17.58 7.55 12.10
CA THR C 86 -18.82 6.98 11.60
C THR C 86 -19.79 8.10 11.24
N THR C 87 -20.38 8.02 10.04
CA THR C 87 -21.26 9.07 9.55
C THR C 87 -22.71 8.61 9.61
N ILE C 88 -23.52 9.31 10.38
CA ILE C 88 -24.96 9.15 10.41
CA ILE C 88 -24.95 9.10 10.35
C ILE C 88 -25.56 10.10 9.38
N ARG C 89 -26.45 9.61 8.52
CA ARG C 89 -26.99 10.42 7.44
C ARG C 89 -28.51 10.42 7.46
N LYS C 90 -29.08 11.25 6.58
CA LYS C 90 -30.52 11.39 6.39
C LYS C 90 -31.23 11.75 7.69
N LEU C 91 -30.62 12.61 8.49
CA LEU C 91 -31.29 13.07 9.70
C LEU C 91 -32.36 14.10 9.35
N LYS C 92 -33.32 14.26 10.26
CA LYS C 92 -34.33 15.31 10.11
C LYS C 92 -33.78 16.63 10.64
N TYR C 93 -34.16 17.73 10.00
CA TYR C 93 -33.74 19.05 10.44
C TYR C 93 -34.34 19.41 11.80
N ASN C 94 -33.65 20.29 12.52
CA ASN C 94 -34.15 20.92 13.75
C ASN C 94 -34.70 19.87 14.74
N THR C 95 -33.91 18.84 14.97
CA THR C 95 -34.35 17.68 15.72
C THR C 95 -33.26 17.24 16.70
N LYS C 96 -33.65 16.93 17.94
CA LYS C 96 -32.71 16.36 18.88
C LYS C 96 -32.56 14.86 18.64
N TYR C 97 -31.31 14.41 18.50
CA TYR C 97 -30.96 13.00 18.36
C TYR C 97 -30.10 12.56 19.54
N TYR C 98 -30.36 11.35 20.03
CA TYR C 98 -29.46 10.66 20.94
C TYR C 98 -28.59 9.71 20.14
N TYR C 99 -27.32 9.61 20.52
CA TYR C 99 -26.44 8.64 19.86
C TYR C 99 -25.59 7.94 20.93
N GLU C 100 -25.19 6.72 20.60
CA GLU C 100 -24.44 5.86 21.51
C GLU C 100 -23.27 5.23 20.79
N VAL C 101 -22.13 5.16 21.48
CA VAL C 101 -20.92 4.54 20.97
C VAL C 101 -20.39 3.60 22.06
N GLY C 102 -19.55 2.67 21.65
CA GLY C 102 -19.05 1.67 22.58
C GLY C 102 -19.99 0.49 22.75
N LEU C 103 -20.61 0.05 21.65
CA LEU C 103 -21.75 -0.86 21.77
C LEU C 103 -21.33 -2.24 22.26
N ARG C 104 -20.08 -2.64 22.05
CA ARG C 104 -19.65 -3.98 22.45
C ARG C 104 -19.45 -4.09 23.96
N ASN C 105 -18.90 -3.07 24.60
CA ASN C 105 -18.54 -3.25 26.01
C ASN C 105 -19.11 -2.17 26.93
N THR C 106 -18.62 -0.93 26.86
CA THR C 106 -19.15 0.12 27.71
C THR C 106 -19.76 1.20 26.82
N THR C 107 -21.09 1.27 26.80
CA THR C 107 -21.78 2.25 25.99
C THR C 107 -21.78 3.59 26.69
N ARG C 108 -21.56 4.66 25.92
CA ARG C 108 -21.76 6.02 26.42
C ARG C 108 -22.74 6.73 25.50
N ARG C 109 -23.62 7.54 26.09
CA ARG C 109 -24.69 8.21 25.36
C ARG C 109 -24.46 9.71 25.36
N PHE C 110 -24.77 10.34 24.23
CA PHE C 110 -24.67 11.78 24.07
C PHE C 110 -25.86 12.21 23.23
N SER C 111 -25.88 13.48 22.83
CA SER C 111 -26.98 13.97 22.01
C SER C 111 -26.51 15.17 21.22
N PHE C 112 -27.22 15.46 20.13
CA PHE C 112 -27.03 16.70 19.39
C PHE C 112 -28.36 17.14 18.80
N ILE C 113 -28.37 18.36 18.30
CA ILE C 113 -29.56 18.95 17.69
C ILE C 113 -29.20 19.37 16.27
N THR C 114 -29.88 18.77 15.28
CA THR C 114 -29.61 19.11 13.89
C THR C 114 -30.00 20.58 13.63
N PRO C 115 -29.31 21.25 12.73
CA PRO C 115 -29.70 22.63 12.40
C PRO C 115 -30.97 22.64 11.57
N PRO C 116 -31.64 23.79 11.46
CA PRO C 116 -32.75 23.90 10.51
C PRO C 116 -32.22 23.76 9.10
N GLN C 117 -33.15 23.52 8.18
CA GLN C 117 -32.80 23.50 6.77
C GLN C 117 -32.23 24.84 6.35
N THR C 118 -31.27 24.82 5.42
CA THR C 118 -30.71 26.09 4.96
C THR C 118 -31.82 26.96 4.39
N GLY C 119 -31.68 28.26 4.58
CA GLY C 119 -32.71 29.17 4.14
C GLY C 119 -32.30 30.60 4.42
N LEU C 120 -32.99 31.51 3.74
CA LEU C 120 -32.55 32.89 3.66
C LEU C 120 -32.60 33.61 5.01
N ASP C 121 -33.61 33.33 5.83
CA ASP C 121 -33.79 34.10 7.06
CA ASP C 121 -33.85 34.07 7.06
C ASP C 121 -33.66 33.22 8.31
N VAL C 122 -32.90 32.13 8.22
CA VAL C 122 -32.73 31.18 9.33
C VAL C 122 -31.71 31.69 10.35
N PRO C 123 -32.13 32.02 11.58
CA PRO C 123 -31.16 32.46 12.58
C PRO C 123 -30.30 31.30 13.09
N TYR C 124 -29.08 31.63 13.54
CA TYR C 124 -28.17 30.62 14.08
C TYR C 124 -27.00 31.31 14.76
N THR C 125 -26.50 30.68 15.83
CA THR C 125 -25.46 31.26 16.69
C THR C 125 -24.21 30.39 16.58
N PHE C 126 -23.14 30.96 16.02
CA PHE C 126 -21.85 30.28 15.91
C PHE C 126 -20.89 30.83 16.97
N GLY C 127 -20.23 29.92 17.69
CA GLY C 127 -19.09 30.30 18.50
C GLY C 127 -17.81 30.40 17.66
N LEU C 128 -16.89 31.24 18.13
CA LEU C 128 -15.61 31.43 17.47
CA LEU C 128 -15.60 31.44 17.47
C LEU C 128 -14.48 31.18 18.46
N ILE C 129 -13.69 30.15 18.19
CA ILE C 129 -12.62 29.74 19.10
C ILE C 129 -11.41 29.47 18.24
N GLY C 130 -10.27 30.04 18.63
CA GLY C 130 -9.02 29.83 17.92
C GLY C 130 -7.89 29.57 18.87
N ASP C 131 -7.00 28.65 18.47
CA ASP C 131 -5.71 28.45 19.15
C ASP C 131 -5.95 28.07 20.63
N LEU C 132 -6.79 27.06 20.84
CA LEU C 132 -7.30 26.76 22.17
C LEU C 132 -6.20 26.22 23.09
N GLY C 133 -5.53 25.14 22.68
CA GLY C 133 -4.57 24.52 23.56
C GLY C 133 -5.20 23.85 24.78
N GLN C 134 -4.37 23.63 25.80
CA GLN C 134 -4.85 22.96 27.01
C GLN C 134 -4.14 23.55 28.24
N SER C 135 -4.06 24.87 28.29
CA SER C 135 -3.61 25.59 29.48
C SER C 135 -4.82 25.93 30.35
N PHE C 136 -4.57 26.47 31.54
CA PHE C 136 -5.67 26.87 32.39
C PHE C 136 -6.49 27.97 31.73
N ASP C 137 -5.84 28.82 30.94
CA ASP C 137 -6.58 29.83 30.16
C ASP C 137 -7.54 29.16 29.17
N SER C 138 -7.08 28.08 28.53
CA SER C 138 -7.93 27.30 27.62
C SER C 138 -9.21 26.85 28.31
N ASN C 139 -9.07 26.34 29.55
CA ASN C 139 -10.23 25.82 30.26
C ASN C 139 -11.20 26.94 30.62
N THR C 140 -10.68 28.13 30.92
CA THR C 140 -11.56 29.25 31.21
C THR C 140 -12.33 29.68 29.97
N THR C 141 -11.67 29.76 28.81
CA THR C 141 -12.36 30.16 27.57
C THR C 141 -13.50 29.21 27.25
N LEU C 142 -13.26 27.91 27.31
CA LEU C 142 -14.32 26.93 27.06
C LEU C 142 -15.45 27.08 28.07
N SER C 143 -15.13 27.32 29.34
CA SER C 143 -16.16 27.54 30.35
C SER C 143 -17.00 28.78 30.00
N HIS C 144 -16.33 29.88 29.64
CA HIS C 144 -17.04 31.08 29.20
C HIS C 144 -17.92 30.79 27.98
N TYR C 145 -17.41 30.00 27.01
CA TYR C 145 -18.24 29.64 25.88
C TYR C 145 -19.46 28.83 26.30
N GLU C 146 -19.25 27.81 27.15
CA GLU C 146 -20.36 26.99 27.59
C GLU C 146 -21.39 27.79 28.35
N LEU C 147 -20.95 28.81 29.07
CA LEU C 147 -21.84 29.56 29.95
C LEU C 147 -22.41 30.80 29.28
N SER C 148 -22.20 30.97 27.98
CA SER C 148 -22.63 32.19 27.33
C SER C 148 -24.15 32.26 27.32
N PRO C 149 -24.75 33.39 27.71
CA PRO C 149 -26.22 33.50 27.62
C PRO C 149 -26.74 33.43 26.19
N LYS C 150 -25.91 33.71 25.18
CA LYS C 150 -26.30 33.65 23.78
C LYS C 150 -26.43 32.24 23.22
N LYS C 151 -25.90 31.23 23.93
CA LYS C 151 -26.07 29.83 23.55
C LYS C 151 -25.53 29.50 22.16
N GLY C 152 -24.23 29.26 22.05
CA GLY C 152 -23.66 28.84 20.78
C GLY C 152 -24.17 27.47 20.35
N GLN C 153 -24.40 27.31 19.06
CA GLN C 153 -24.92 26.05 18.53
C GLN C 153 -23.91 25.28 17.70
N THR C 154 -22.83 25.92 17.25
CA THR C 154 -21.74 25.27 16.52
C THR C 154 -20.52 26.15 16.71
N VAL C 155 -19.36 25.53 16.91
CA VAL C 155 -18.11 26.28 17.03
C VAL C 155 -17.41 26.28 15.67
N LEU C 156 -17.01 27.47 15.23
CA LEU C 156 -16.10 27.60 14.10
C LEU C 156 -14.70 27.70 14.67
N PHE C 157 -13.86 26.70 14.37
CA PHE C 157 -12.57 26.57 15.01
C PHE C 157 -11.49 26.87 14.00
N VAL C 158 -10.68 27.91 14.26
CA VAL C 158 -9.79 28.46 13.23
C VAL C 158 -8.35 27.93 13.35
N GLY C 159 -8.14 26.83 14.06
CA GLY C 159 -6.87 26.12 13.98
C GLY C 159 -6.03 26.25 15.25
N ASP C 160 -5.01 25.39 15.30
CA ASP C 160 -4.11 25.18 16.43
C ASP C 160 -4.92 24.58 17.59
N LEU C 161 -5.02 23.26 17.60
CA LEU C 161 -5.91 22.52 18.49
C LEU C 161 -5.23 22.22 19.84
N SER C 162 -4.36 21.20 19.85
CA SER C 162 -3.84 20.62 21.10
C SER C 162 -2.51 21.22 21.57
N TYR C 163 -1.72 21.80 20.66
CA TYR C 163 -0.33 22.21 20.92
C TYR C 163 0.52 21.06 21.44
N ALA C 164 0.18 19.82 21.03
CA ALA C 164 0.99 18.66 21.39
C ALA C 164 2.41 18.76 20.84
N ASP C 165 2.57 19.45 19.70
CA ASP C 165 3.89 19.49 19.08
C ASP C 165 4.90 20.31 19.87
N ARG C 166 4.48 21.00 20.94
CA ARG C 166 5.42 21.67 21.83
C ARG C 166 6.11 20.74 22.80
N TYR C 167 5.62 19.53 22.95
CA TYR C 167 6.16 18.53 23.87
C TYR C 167 7.28 17.75 23.20
N PRO C 168 8.11 17.04 23.98
CA PRO C 168 9.19 16.25 23.37
C PRO C 168 8.66 15.17 22.44
N ASN C 169 9.23 15.11 21.23
CA ASN C 169 8.74 14.22 20.18
C ASN C 169 7.25 14.40 19.93
N HIS C 170 6.75 15.62 20.17
CA HIS C 170 5.34 15.98 19.96
C HIS C 170 4.41 15.17 20.83
N ASP C 171 4.90 14.71 21.99
CA ASP C 171 4.24 13.71 22.81
C ASP C 171 2.74 13.60 22.54
N ASN C 172 2.34 12.66 21.68
CA ASN C 172 0.96 12.61 21.18
C ASN C 172 -0.04 12.23 22.26
N VAL C 173 0.42 11.84 23.45
CA VAL C 173 -0.53 11.69 24.55
C VAL C 173 -1.28 13.00 24.77
N ARG C 174 -0.64 14.14 24.50
CA ARG C 174 -1.31 15.42 24.62
C ARG C 174 -2.34 15.65 23.52
N TRP C 175 -2.45 14.76 22.52
CA TRP C 175 -3.64 14.82 21.67
C TRP C 175 -4.81 14.13 22.35
N ASP C 176 -4.53 13.03 23.04
CA ASP C 176 -5.58 12.28 23.74
C ASP C 176 -6.20 13.13 24.85
N THR C 177 -5.36 13.75 25.70
CA THR C 177 -5.85 14.62 26.78
C THR C 177 -6.71 15.75 26.23
N TRP C 178 -6.25 16.39 25.15
CA TRP C 178 -7.04 17.46 24.55
C TRP C 178 -8.39 16.93 24.06
N GLY C 179 -8.40 15.72 23.47
CA GLY C 179 -9.67 15.12 23.07
C GLY C 179 -10.62 14.89 24.24
N ARG C 180 -10.07 14.43 25.38
CA ARG C 180 -10.92 14.20 26.55
C ARG C 180 -11.39 15.52 27.14
N PHE C 181 -10.55 16.56 27.05
CA PHE C 181 -10.86 17.87 27.60
C PHE C 181 -11.99 18.54 26.83
N THR C 182 -11.92 18.53 25.50
CA THR C 182 -12.92 19.24 24.69
C THR C 182 -14.22 18.48 24.51
N GLU C 183 -14.24 17.17 24.85
CA GLU C 183 -15.44 16.36 24.70
C GLU C 183 -16.69 17.01 25.32
N ARG C 184 -16.55 17.62 26.50
CA ARG C 184 -17.73 18.18 27.18
C ARG C 184 -18.45 19.21 26.33
N SER C 185 -17.80 19.77 25.31
CA SER C 185 -18.49 20.58 24.31
C SER C 185 -18.72 19.83 22.99
N VAL C 186 -17.69 19.24 22.40
CA VAL C 186 -17.78 18.83 21.01
C VAL C 186 -18.46 17.49 20.82
N ALA C 187 -18.74 16.78 21.91
CA ALA C 187 -19.58 15.59 21.80
C ALA C 187 -21.06 15.94 21.61
N TYR C 188 -21.45 17.20 21.86
CA TYR C 188 -22.85 17.61 21.83
C TYR C 188 -23.19 18.66 20.77
N GLN C 189 -22.20 19.34 20.19
CA GLN C 189 -22.44 20.25 19.08
C GLN C 189 -21.23 20.18 18.17
N PRO C 190 -21.42 20.31 16.86
CA PRO C 190 -20.29 20.18 15.95
C PRO C 190 -19.29 21.32 16.15
N TRP C 191 -18.02 20.99 16.00
CA TRP C 191 -16.97 21.99 15.81
C TRP C 191 -16.48 21.85 14.37
N ILE C 192 -16.31 22.97 13.69
CA ILE C 192 -15.89 22.99 12.29
C ILE C 192 -14.40 23.26 12.24
N TRP C 193 -13.64 22.28 11.75
CA TRP C 193 -12.19 22.27 11.97
C TRP C 193 -11.43 23.01 10.88
N THR C 194 -10.47 23.83 11.29
CA THR C 194 -9.51 24.46 10.39
C THR C 194 -8.13 24.01 10.82
N ALA C 195 -7.24 23.74 9.85
CA ALA C 195 -5.90 23.28 10.17
C ALA C 195 -4.96 24.48 10.35
N GLY C 196 -4.27 24.53 11.49
CA GLY C 196 -3.29 25.54 11.78
C GLY C 196 -1.86 25.01 11.70
N ASN C 197 -0.91 25.88 12.04
CA ASN C 197 0.48 25.47 11.89
C ASN C 197 0.88 24.43 12.92
N HIS C 198 0.20 24.38 14.06
CA HIS C 198 0.52 23.35 15.05
C HIS C 198 -0.02 21.98 14.67
N GLU C 199 -0.84 21.90 13.62
CA GLU C 199 -1.27 20.62 13.10
C GLU C 199 -0.32 20.06 12.05
N ILE C 200 0.61 20.87 11.52
CA ILE C 200 1.50 20.39 10.46
C ILE C 200 2.34 19.21 10.96
N GLU C 201 3.00 19.40 12.10
CA GLU C 201 3.84 18.37 12.73
C GLU C 201 4.82 17.77 11.73
N PHE C 202 5.51 18.66 11.03
CA PHE C 202 6.58 18.28 10.13
C PHE C 202 7.87 18.18 10.94
N ALA C 203 8.34 16.95 11.14
CA ALA C 203 9.44 16.69 12.07
C ALA C 203 10.44 15.74 11.43
N PRO C 204 11.17 16.19 10.42
CA PRO C 204 12.10 15.28 9.74
C PRO C 204 13.19 14.77 10.65
N GLU C 205 13.53 15.53 11.71
CA GLU C 205 14.58 15.09 12.61
C GLU C 205 14.22 13.81 13.38
N ILE C 206 12.94 13.44 13.47
CA ILE C 206 12.55 12.15 14.03
C ILE C 206 11.76 11.35 13.02
N ASN C 207 12.02 11.60 11.73
CA ASN C 207 11.42 10.84 10.63
CA ASN C 207 11.41 10.89 10.59
C ASN C 207 9.89 10.88 10.63
N GLU C 208 9.31 12.06 10.87
CA GLU C 208 7.86 12.21 10.69
C GLU C 208 7.65 13.31 9.66
N THR C 209 7.46 12.93 8.40
CA THR C 209 7.52 13.87 7.29
C THR C 209 6.18 14.05 6.59
N GLU C 210 5.10 13.50 7.13
CA GLU C 210 3.79 13.53 6.49
C GLU C 210 2.98 14.66 7.11
N PRO C 211 2.79 15.79 6.42
CA PRO C 211 2.09 16.92 7.03
C PRO C 211 0.71 16.53 7.55
N PHE C 212 0.37 17.07 8.72
CA PHE C 212 -0.96 16.95 9.32
C PHE C 212 -1.35 15.54 9.76
N LYS C 213 -0.42 14.60 9.86
CA LYS C 213 -0.82 13.20 10.09
C LYS C 213 -1.64 13.00 11.36
N PRO C 214 -1.15 13.35 12.57
CA PRO C 214 -1.99 13.11 13.75
C PRO C 214 -3.34 13.80 13.70
N PHE C 215 -3.36 15.08 13.31
CA PHE C 215 -4.62 15.82 13.17
C PHE C 215 -5.56 15.11 12.20
N SER C 216 -5.03 14.69 11.05
CA SER C 216 -5.92 14.20 10.00
C SER C 216 -6.46 12.80 10.31
N TYR C 217 -5.76 12.03 11.13
CA TYR C 217 -6.30 10.75 11.60
C TYR C 217 -7.40 10.97 12.62
N ARG C 218 -7.26 12.00 13.46
CA ARG C 218 -8.13 12.19 14.61
C ARG C 218 -9.36 13.02 14.29
N TYR C 219 -9.23 13.98 13.37
CA TYR C 219 -10.32 14.91 13.05
C TYR C 219 -10.66 14.78 11.57
N HIS C 220 -11.81 14.22 11.27
CA HIS C 220 -12.27 14.13 9.89
C HIS C 220 -13.24 15.26 9.55
N VAL C 221 -13.34 15.54 8.24
CA VAL C 221 -14.21 16.60 7.73
C VAL C 221 -14.89 16.10 6.47
N PRO C 222 -16.08 16.63 6.15
CA PRO C 222 -16.82 16.11 4.99
C PRO C 222 -16.38 16.73 3.66
N TYR C 223 -15.09 16.61 3.33
CA TYR C 223 -14.54 17.39 2.22
C TYR C 223 -15.05 16.94 0.86
N GLU C 224 -15.34 15.66 0.69
CA GLU C 224 -15.85 15.21 -0.60
C GLU C 224 -17.23 15.80 -0.90
N ALA C 225 -17.98 16.22 0.13
CA ALA C 225 -19.32 16.75 -0.11
C ALA C 225 -19.31 18.07 -0.86
N SER C 226 -18.20 18.82 -0.81
CA SER C 226 -18.03 20.01 -1.63
C SER C 226 -17.07 19.77 -2.77
N GLN C 227 -16.78 18.51 -3.08
CA GLN C 227 -15.98 18.14 -4.24
C GLN C 227 -14.54 18.63 -4.09
N SER C 228 -14.05 18.70 -2.85
CA SER C 228 -12.63 18.91 -2.60
C SER C 228 -11.91 17.58 -2.63
N THR C 229 -10.64 17.61 -3.03
CA THR C 229 -9.80 16.43 -3.06
C THR C 229 -8.95 16.30 -1.80
N SER C 230 -9.12 17.18 -0.83
CA SER C 230 -8.28 17.19 0.37
C SER C 230 -9.12 17.56 1.58
N PRO C 231 -8.83 16.96 2.74
CA PRO C 231 -9.51 17.39 3.96
C PRO C 231 -9.17 18.79 4.42
N PHE C 232 -8.09 19.40 3.90
CA PHE C 232 -7.64 20.67 4.47
C PHE C 232 -8.35 21.88 3.87
N TRP C 233 -9.14 21.72 2.83
CA TRP C 233 -10.02 22.80 2.38
C TRP C 233 -11.35 22.19 1.96
N TYR C 234 -12.45 22.84 2.36
CA TYR C 234 -13.79 22.33 2.10
C TYR C 234 -14.78 23.41 2.49
N SER C 235 -16.05 23.14 2.22
CA SER C 235 -17.11 24.07 2.55
CA SER C 235 -17.12 24.07 2.53
C SER C 235 -18.31 23.30 3.08
N ILE C 236 -19.13 23.99 3.89
CA ILE C 236 -20.40 23.45 4.34
C ILE C 236 -21.41 24.58 4.38
N LYS C 237 -22.68 24.21 4.31
CA LYS C 237 -23.79 25.11 4.57
C LYS C 237 -24.50 24.68 5.85
N ARG C 238 -24.93 25.66 6.63
CA ARG C 238 -25.61 25.38 7.89
C ARG C 238 -26.50 26.58 8.18
N ALA C 239 -27.79 26.36 8.29
CA ALA C 239 -28.76 27.44 8.54
C ALA C 239 -28.63 28.45 7.40
N SER C 240 -28.40 29.74 7.66
CA SER C 240 -28.30 30.75 6.62
C SER C 240 -26.86 31.13 6.28
N ALA C 241 -25.89 30.27 6.58
CA ALA C 241 -24.48 30.57 6.36
C ALA C 241 -23.85 29.57 5.41
N HIS C 242 -23.00 30.08 4.52
CA HIS C 242 -22.12 29.29 3.66
C HIS C 242 -20.70 29.48 4.17
N ILE C 243 -20.09 28.41 4.68
CA ILE C 243 -18.81 28.48 5.36
C ILE C 243 -17.73 27.84 4.49
N ILE C 244 -16.66 28.58 4.21
CA ILE C 244 -15.53 28.11 3.39
C ILE C 244 -14.30 28.00 4.29
N VAL C 245 -13.71 26.80 4.33
CA VAL C 245 -12.55 26.50 5.15
C VAL C 245 -11.34 26.38 4.24
N LEU C 246 -10.29 27.16 4.52
CA LEU C 246 -9.09 27.18 3.71
C LEU C 246 -7.88 26.75 4.53
N SER C 247 -6.82 26.39 3.81
CA SER C 247 -5.63 25.82 4.42
C SER C 247 -4.43 26.73 4.13
N SER C 248 -4.02 27.50 5.15
CA SER C 248 -2.86 28.39 5.04
C SER C 248 -1.55 27.63 4.78
N TYR C 249 -1.48 26.35 5.14
CA TYR C 249 -0.23 25.61 5.04
C TYR C 249 -0.31 24.49 4.01
N SER C 250 -1.21 24.63 3.04
CA SER C 250 -1.26 23.85 1.81
C SER C 250 -0.96 24.77 0.64
N ALA C 251 -0.79 24.20 -0.54
CA ALA C 251 -0.50 24.99 -1.73
C ALA C 251 -1.73 25.80 -2.13
N TYR C 252 -1.49 27.03 -2.60
CA TYR C 252 -2.57 27.82 -3.19
C TYR C 252 -2.07 28.62 -4.39
N GLY C 253 -0.96 28.20 -5.00
CA GLY C 253 -0.56 28.81 -6.25
C GLY C 253 -1.61 28.59 -7.33
N ARG C 254 -1.57 29.45 -8.35
CA ARG C 254 -2.49 29.29 -9.47
C ARG C 254 -2.35 27.90 -10.09
N GLY C 255 -3.49 27.26 -10.38
CA GLY C 255 -3.47 25.90 -10.90
C GLY C 255 -3.36 24.80 -9.85
N THR C 256 -3.09 25.12 -8.59
CA THR C 256 -3.01 24.09 -7.57
C THR C 256 -4.41 23.59 -7.21
N PRO C 257 -4.51 22.43 -6.56
CA PRO C 257 -5.83 21.91 -6.16
C PRO C 257 -6.66 22.88 -5.34
N GLN C 258 -6.10 23.48 -4.29
CA GLN C 258 -6.89 24.36 -3.43
C GLN C 258 -7.35 25.60 -4.19
N TYR C 259 -6.40 26.26 -4.89
CA TYR C 259 -6.74 27.43 -5.70
C TYR C 259 -7.88 27.11 -6.66
N THR C 260 -7.77 26.00 -7.38
CA THR C 260 -8.81 25.61 -8.35
CA THR C 260 -8.83 25.71 -8.34
C THR C 260 -10.13 25.32 -7.65
N TRP C 261 -10.05 24.63 -6.51
CA TRP C 261 -11.27 24.33 -5.77
C TRP C 261 -11.97 25.61 -5.34
N LEU C 262 -11.24 26.53 -4.71
CA LEU C 262 -11.86 27.75 -4.20
C LEU C 262 -12.49 28.56 -5.33
N LYS C 263 -11.81 28.68 -6.46
CA LYS C 263 -12.39 29.49 -7.53
C LYS C 263 -13.73 28.92 -8.00
N LYS C 264 -13.84 27.60 -8.16
CA LYS C 264 -15.12 27.01 -8.52
C LYS C 264 -16.14 27.11 -7.39
N GLU C 265 -15.70 26.94 -6.14
CA GLU C 265 -16.63 26.93 -5.01
C GLU C 265 -17.34 28.27 -4.85
N LEU C 266 -16.61 29.37 -5.05
CA LEU C 266 -17.22 30.69 -4.91
C LEU C 266 -18.35 30.88 -5.91
N ARG C 267 -18.22 30.33 -7.11
CA ARG C 267 -19.29 30.41 -8.09
C ARG C 267 -20.55 29.64 -7.68
N LYS C 268 -20.43 28.67 -6.76
CA LYS C 268 -21.58 27.92 -6.28
C LYS C 268 -22.35 28.63 -5.18
N VAL C 269 -21.83 29.71 -4.61
CA VAL C 269 -22.51 30.37 -3.51
C VAL C 269 -23.77 31.05 -4.04
N LYS C 270 -24.89 30.85 -3.35
CA LYS C 270 -26.16 31.50 -3.66
CA LYS C 270 -26.14 31.53 -3.67
C LYS C 270 -26.64 32.23 -2.42
N ARG C 271 -26.48 33.56 -2.39
CA ARG C 271 -26.81 34.36 -1.23
C ARG C 271 -28.31 34.48 -0.97
N SER C 272 -29.16 34.02 -1.90
CA SER C 272 -30.59 33.93 -1.63
C SER C 272 -30.95 32.66 -0.86
N GLU C 273 -30.02 31.71 -0.74
N GLU C 273 -30.01 31.73 -0.70
CA GLU C 273 -30.19 30.54 0.12
CA GLU C 273 -30.19 30.53 0.11
C GLU C 273 -29.40 30.69 1.41
C GLU C 273 -29.34 30.52 1.37
N THR C 274 -28.13 31.08 1.32
CA THR C 274 -27.27 31.26 2.50
C THR C 274 -26.70 32.66 2.37
N PRO C 275 -27.38 33.65 2.97
CA PRO C 275 -26.92 35.04 2.82
C PRO C 275 -25.58 35.33 3.48
N TRP C 276 -25.21 34.58 4.51
CA TRP C 276 -23.98 34.88 5.24
C TRP C 276 -22.83 34.05 4.67
N LEU C 277 -21.87 34.72 4.06
CA LEU C 277 -20.72 34.07 3.45
C LEU C 277 -19.52 34.29 4.37
N ILE C 278 -18.99 33.18 4.90
CA ILE C 278 -18.01 33.20 5.97
C ILE C 278 -16.81 32.37 5.51
N VAL C 279 -15.60 32.90 5.72
CA VAL C 279 -14.36 32.20 5.41
C VAL C 279 -13.59 31.97 6.69
N LEU C 280 -13.07 30.76 6.86
CA LEU C 280 -12.16 30.42 7.94
C LEU C 280 -10.79 30.08 7.36
N MET C 281 -9.74 30.60 7.97
CA MET C 281 -8.36 30.24 7.66
C MET C 281 -7.55 30.39 8.94
N HIS C 282 -6.36 29.82 8.95
CA HIS C 282 -5.64 29.96 10.21
C HIS C 282 -4.86 31.27 10.29
N SER C 283 -4.11 31.60 9.25
CA SER C 283 -3.21 32.74 9.29
C SER C 283 -3.93 33.97 8.75
N PRO C 284 -3.98 35.08 9.50
CA PRO C 284 -4.81 36.22 9.08
C PRO C 284 -4.18 37.05 7.97
N LEU C 285 -5.04 37.49 7.05
CA LEU C 285 -4.59 38.35 5.96
C LEU C 285 -4.37 39.78 6.42
N TYR C 286 -5.13 40.22 7.43
CA TYR C 286 -4.97 41.52 8.06
C TYR C 286 -4.61 41.30 9.52
N ASN C 287 -3.49 41.90 9.96
CA ASN C 287 -2.96 41.65 11.29
C ASN C 287 -1.96 42.75 11.65
N SER C 288 -2.28 43.54 12.69
CA SER C 288 -1.42 44.64 13.10
C SER C 288 -0.65 44.33 14.38
N TYR C 289 -0.51 43.05 14.73
CA TYR C 289 0.35 42.63 15.82
C TYR C 289 1.73 42.31 15.26
N ASN C 290 2.76 42.54 16.09
CA ASN C 290 4.12 42.23 15.67
CA ASN C 290 4.12 42.23 15.67
C ASN C 290 4.31 40.74 15.44
N HIS C 291 3.77 39.90 16.32
CA HIS C 291 3.92 38.46 16.16
C HIS C 291 3.18 37.99 14.90
N HIS C 292 3.92 37.38 13.96
CA HIS C 292 3.42 36.88 12.67
C HIS C 292 3.00 37.99 11.73
N PHE C 293 3.50 39.20 11.94
CA PHE C 293 3.18 40.31 11.04
C PHE C 293 3.48 39.95 9.60
N MET C 294 2.49 40.16 8.74
CA MET C 294 2.60 39.99 7.29
C MET C 294 2.83 38.55 6.84
N GLU C 295 2.65 37.55 7.72
CA GLU C 295 2.71 36.17 7.24
C GLU C 295 1.58 35.87 6.28
N GLY C 296 0.44 36.56 6.42
CA GLY C 296 -0.69 36.34 5.54
C GLY C 296 -0.56 36.93 4.16
N GLU C 297 0.57 37.60 3.86
CA GLU C 297 0.65 38.35 2.61
C GLU C 297 0.55 37.46 1.39
N ALA C 298 1.17 36.27 1.42
CA ALA C 298 1.16 35.40 0.25
C ALA C 298 -0.27 35.02 -0.12
N MET C 299 -1.02 34.46 0.82
CA MET C 299 -2.40 34.08 0.51
C MET C 299 -3.21 35.32 0.13
N ARG C 300 -2.90 36.47 0.74
CA ARG C 300 -3.67 37.67 0.44
C ARG C 300 -3.54 38.03 -1.05
N THR C 301 -2.34 37.88 -1.62
CA THR C 301 -2.17 38.20 -3.04
C THR C 301 -3.05 37.32 -3.93
N LYS C 302 -3.30 36.08 -3.51
CA LYS C 302 -4.05 35.16 -4.36
C LYS C 302 -5.54 35.33 -4.19
N PHE C 303 -6.01 35.57 -2.97
CA PHE C 303 -7.43 35.40 -2.66
C PHE C 303 -8.17 36.67 -2.28
N GLU C 304 -7.49 37.77 -1.90
CA GLU C 304 -8.23 38.91 -1.35
C GLU C 304 -9.18 39.50 -2.38
N ALA C 305 -8.74 39.61 -3.63
CA ALA C 305 -9.64 40.18 -4.62
C ALA C 305 -10.87 39.30 -4.84
N TRP C 306 -10.72 37.96 -4.74
CA TRP C 306 -11.89 37.09 -4.85
C TRP C 306 -12.86 37.34 -3.71
N PHE C 307 -12.34 37.56 -2.48
CA PHE C 307 -13.24 37.81 -1.35
C PHE C 307 -14.05 39.08 -1.55
N VAL C 308 -13.44 40.09 -2.18
CA VAL C 308 -14.17 41.33 -2.42
C VAL C 308 -15.15 41.17 -3.55
N LYS C 309 -14.75 40.43 -4.58
CA LYS C 309 -15.62 40.22 -5.74
C LYS C 309 -16.89 39.48 -5.34
N TYR C 310 -16.77 38.51 -4.44
CA TYR C 310 -17.92 37.74 -4.00
C TYR C 310 -18.55 38.28 -2.72
N LYS C 311 -18.06 39.43 -2.23
CA LYS C 311 -18.68 40.14 -1.11
C LYS C 311 -18.81 39.24 0.12
N VAL C 312 -17.71 38.55 0.46
CA VAL C 312 -17.65 37.81 1.70
C VAL C 312 -18.00 38.74 2.85
N ASP C 313 -18.78 38.24 3.81
CA ASP C 313 -19.18 39.06 4.95
C ASP C 313 -18.07 39.19 5.97
N VAL C 314 -17.41 38.09 6.30
CA VAL C 314 -16.42 38.06 7.39
C VAL C 314 -15.39 36.97 7.11
N VAL C 315 -14.12 37.25 7.43
CA VAL C 315 -13.05 36.25 7.39
C VAL C 315 -12.52 36.10 8.81
N PHE C 316 -12.59 34.88 9.36
CA PHE C 316 -12.08 34.60 10.69
C PHE C 316 -10.75 33.85 10.61
N ALA C 317 -9.84 34.22 11.51
CA ALA C 317 -8.51 33.63 11.55
C ALA C 317 -8.04 33.55 13.00
N GLY C 318 -7.00 32.75 13.23
CA GLY C 318 -6.39 32.70 14.55
C GLY C 318 -4.92 33.05 14.49
N HIS C 319 -4.06 32.15 14.95
CA HIS C 319 -2.61 32.21 14.77
C HIS C 319 -1.98 33.28 15.67
N VAL C 320 -2.48 34.51 15.62
CA VAL C 320 -2.03 35.55 16.53
C VAL C 320 -2.81 35.41 17.83
N HIS C 321 -2.11 35.38 18.97
CA HIS C 321 -2.74 35.03 20.25
C HIS C 321 -3.27 36.29 20.93
N ALA C 322 -4.35 36.81 20.34
CA ALA C 322 -4.91 38.10 20.69
C ALA C 322 -6.17 38.30 19.86
N TYR C 323 -6.79 39.48 19.97
CA TYR C 323 -8.04 39.75 19.30
C TYR C 323 -7.89 40.98 18.41
N GLU C 324 -8.48 40.93 17.22
CA GLU C 324 -8.46 42.12 16.38
C GLU C 324 -9.63 42.08 15.41
N ARG C 325 -10.21 43.24 15.15
CA ARG C 325 -11.31 43.39 14.20
C ARG C 325 -10.93 44.50 13.24
N SER C 326 -10.89 44.20 11.95
CA SER C 326 -10.54 45.22 10.96
C SER C 326 -11.76 46.05 10.58
N GLU C 327 -11.49 47.16 9.91
CA GLU C 327 -12.49 47.84 9.12
C GLU C 327 -12.73 47.05 7.83
N ARG C 328 -13.81 47.39 7.11
CA ARG C 328 -13.99 46.86 5.75
C ARG C 328 -13.07 47.62 4.85
N VAL C 329 -11.96 46.99 4.46
CA VAL C 329 -10.98 47.59 3.56
C VAL C 329 -10.56 46.54 2.53
N SER C 330 -9.97 47.03 1.44
CA SER C 330 -9.32 46.17 0.47
C SER C 330 -7.99 46.81 0.09
N ASN C 331 -7.08 45.96 -0.39
CA ASN C 331 -5.75 46.37 -0.82
C ASN C 331 -5.41 45.56 -2.07
N ILE C 332 -6.24 45.69 -3.09
CA ILE C 332 -6.16 44.84 -4.28
C ILE C 332 -5.84 45.63 -5.54
N ALA C 333 -5.36 46.87 -5.40
CA ALA C 333 -5.14 47.73 -6.56
C ALA C 333 -3.70 47.76 -7.04
N TYR C 334 -2.81 47.03 -6.37
CA TYR C 334 -1.38 47.16 -6.60
C TYR C 334 -0.97 46.50 -7.91
N LYS C 335 -0.16 47.19 -8.70
CA LYS C 335 0.33 46.70 -9.98
C LYS C 335 1.86 46.87 -10.11
N ILE C 336 2.58 46.73 -9.00
CA ILE C 336 4.05 46.79 -8.89
C ILE C 336 4.56 48.23 -8.99
N THR C 337 4.29 48.89 -10.12
CA THR C 337 4.82 50.23 -10.34
C THR C 337 3.77 51.34 -10.25
N ASN C 338 2.51 51.03 -9.93
CA ASN C 338 1.53 52.11 -9.78
C ASN C 338 1.48 52.67 -8.37
N GLY C 339 2.25 52.11 -7.43
CA GLY C 339 2.33 52.65 -6.09
C GLY C 339 1.08 52.53 -5.24
N LEU C 340 0.09 51.71 -5.64
CA LEU C 340 -1.17 51.62 -4.89
C LEU C 340 -1.10 50.43 -3.93
N CYS C 341 -0.48 50.67 -2.76
CA CYS C 341 -0.27 49.59 -1.80
C CYS C 341 -0.84 49.88 -0.42
N THR C 342 -1.71 50.87 -0.30
CA THR C 342 -2.34 51.21 0.96
C THR C 342 -3.78 50.71 0.97
N PRO C 343 -4.20 50.00 2.03
CA PRO C 343 -5.60 49.57 2.09
C PRO C 343 -6.52 50.78 2.12
N VAL C 344 -7.67 50.65 1.45
CA VAL C 344 -8.67 51.72 1.41
C VAL C 344 -10.02 51.15 1.84
N LYS C 345 -10.87 52.03 2.39
CA LYS C 345 -12.23 51.65 2.73
C LYS C 345 -12.94 51.09 1.51
N ASP C 346 -13.66 49.99 1.70
CA ASP C 346 -14.26 49.29 0.56
C ASP C 346 -15.48 48.55 1.09
N GLN C 347 -16.67 49.07 0.79
CA GLN C 347 -17.87 48.46 1.35
C GLN C 347 -18.22 47.11 0.72
N SER C 348 -17.51 46.65 -0.30
CA SER C 348 -17.70 45.31 -0.81
C SER C 348 -16.81 44.28 -0.11
N ALA C 349 -15.87 44.72 0.76
CA ALA C 349 -14.89 43.85 1.37
C ALA C 349 -15.43 43.22 2.65
N PRO C 350 -14.89 42.08 3.07
CA PRO C 350 -15.23 41.55 4.39
C PRO C 350 -14.55 42.34 5.49
N VAL C 351 -15.03 42.09 6.70
CA VAL C 351 -14.32 42.40 7.93
C VAL C 351 -13.42 41.22 8.28
N TYR C 352 -12.20 41.50 8.69
CA TYR C 352 -11.24 40.48 9.08
C TYR C 352 -11.13 40.45 10.60
N ILE C 353 -11.36 39.29 11.21
CA ILE C 353 -11.30 39.16 12.65
C ILE C 353 -10.26 38.11 13.01
N THR C 354 -9.30 38.50 13.84
CA THR C 354 -8.35 37.58 14.46
C THR C 354 -8.92 37.19 15.82
N ILE C 355 -9.10 35.89 16.03
CA ILE C 355 -9.73 35.42 17.25
C ILE C 355 -8.92 34.22 17.77
N GLY C 356 -7.60 34.35 17.72
CA GLY C 356 -6.75 33.25 18.15
C GLY C 356 -6.31 33.34 19.60
N ASP C 357 -7.21 33.80 20.49
CA ASP C 357 -6.85 34.11 21.88
C ASP C 357 -7.53 33.20 22.89
N ALA C 358 -7.80 31.95 22.54
CA ALA C 358 -8.55 31.12 23.49
C ALA C 358 -7.69 30.54 24.61
N GLY C 359 -6.36 30.69 24.57
CA GLY C 359 -5.55 30.19 25.65
C GLY C 359 -4.19 29.65 25.26
N ASN C 360 -4.11 28.96 24.12
CA ASN C 360 -2.91 28.22 23.68
C ASN C 360 -2.18 27.59 24.88
N TYR C 361 -0.88 27.84 25.03
CA TYR C 361 -0.11 27.33 26.17
C TYR C 361 0.06 28.38 27.26
N GLY C 362 -0.79 29.40 27.29
CA GLY C 362 -0.81 30.37 28.36
C GLY C 362 -0.15 31.70 28.07
N VAL C 363 0.13 32.02 26.80
CA VAL C 363 0.89 33.22 26.44
C VAL C 363 0.07 34.08 25.49
N ILE C 364 -0.07 35.38 25.84
CA ILE C 364 -0.77 36.34 25.00
C ILE C 364 0.25 37.09 24.14
N ASP C 365 -0.18 37.51 22.95
CA ASP C 365 0.63 38.31 22.04
C ASP C 365 0.24 39.77 22.25
N SER C 366 1.06 40.53 22.97
CA SER C 366 0.70 41.89 23.35
C SER C 366 1.44 42.99 22.59
N ASN C 367 2.53 42.68 21.89
CA ASN C 367 3.25 43.69 21.12
C ASN C 367 2.52 44.01 19.83
N MET C 368 2.15 45.28 19.66
CA MET C 368 1.37 45.71 18.51
C MET C 368 2.15 46.73 17.69
N ILE C 369 1.91 46.71 16.37
CA ILE C 369 2.45 47.77 15.53
C ILE C 369 1.84 49.10 15.96
N GLN C 370 2.66 50.16 15.94
CA GLN C 370 2.18 51.46 16.35
C GLN C 370 2.41 52.49 15.26
N PRO C 371 1.47 53.41 15.07
CA PRO C 371 0.16 53.49 15.74
C PRO C 371 -0.80 52.42 15.22
N GLN C 372 -1.95 52.24 15.85
CA GLN C 372 -2.97 51.39 15.25
C GLN C 372 -3.25 51.85 13.83
N PRO C 373 -3.11 50.99 12.82
CA PRO C 373 -3.33 51.44 11.44
C PRO C 373 -4.80 51.75 11.19
N GLU C 374 -5.04 52.54 10.14
CA GLU C 374 -6.40 52.90 9.79
C GLU C 374 -7.26 51.67 9.50
N TYR C 375 -6.66 50.59 9.02
CA TYR C 375 -7.46 49.43 8.66
C TYR C 375 -7.91 48.62 9.87
N SER C 376 -7.40 48.92 11.08
CA SER C 376 -7.73 48.18 12.29
C SER C 376 -8.77 48.95 13.10
N ALA C 377 -9.91 48.30 13.37
CA ALA C 377 -10.97 48.95 14.14
C ALA C 377 -10.76 48.80 15.64
N PHE C 378 -10.48 47.59 16.11
CA PHE C 378 -10.37 47.28 17.53
C PHE C 378 -9.32 46.19 17.69
N ARG C 379 -8.44 46.33 18.68
CA ARG C 379 -7.50 45.25 18.98
C ARG C 379 -7.20 45.25 20.48
N GLU C 380 -7.05 44.05 21.04
CA GLU C 380 -6.67 43.95 22.45
C GLU C 380 -6.08 42.57 22.73
N ALA C 381 -4.99 42.55 23.49
CA ALA C 381 -4.32 41.31 23.86
C ALA C 381 -4.93 40.80 25.17
N SER C 382 -6.06 40.10 25.04
CA SER C 382 -6.71 39.42 26.16
C SER C 382 -7.21 38.05 25.69
N PHE C 383 -7.24 37.08 26.60
CA PHE C 383 -7.83 35.78 26.28
C PHE C 383 -9.34 35.90 26.21
N GLY C 384 -9.93 35.23 25.22
CA GLY C 384 -11.36 35.23 25.12
C GLY C 384 -11.80 34.41 23.93
N HIS C 385 -13.04 34.66 23.50
CA HIS C 385 -13.65 33.94 22.40
C HIS C 385 -14.74 34.83 21.82
N GLY C 386 -15.22 34.47 20.63
CA GLY C 386 -16.20 35.26 19.93
C GLY C 386 -17.51 34.51 19.75
N MET C 387 -18.54 35.27 19.35
CA MET C 387 -19.84 34.72 19.01
CA MET C 387 -19.84 34.72 19.02
C MET C 387 -20.39 35.48 17.83
N PHE C 388 -20.79 34.76 16.78
CA PHE C 388 -21.37 35.33 15.57
C PHE C 388 -22.83 34.90 15.51
N ASP C 389 -23.71 35.81 15.89
CA ASP C 389 -25.12 35.52 16.14
C ASP C 389 -25.95 36.06 14.98
N ILE C 390 -26.33 35.18 14.04
CA ILE C 390 -27.13 35.57 12.88
C ILE C 390 -28.59 35.74 13.28
N LYS C 391 -29.13 36.94 13.07
CA LYS C 391 -30.55 37.23 13.31
C LYS C 391 -31.43 36.97 12.09
N ASN C 392 -30.96 37.36 10.91
CA ASN C 392 -31.76 37.27 9.68
C ASN C 392 -30.84 37.62 8.53
N ARG C 393 -31.40 37.77 7.32
CA ARG C 393 -30.55 37.94 6.15
C ARG C 393 -29.80 39.28 6.14
N THR C 394 -30.21 40.27 6.94
CA THR C 394 -29.54 41.57 6.95
C THR C 394 -28.62 41.79 8.14
N HIS C 395 -28.92 41.19 9.29
CA HIS C 395 -28.21 41.48 10.54
C HIS C 395 -27.61 40.24 11.18
N ALA C 396 -26.34 40.34 11.56
CA ALA C 396 -25.69 39.41 12.47
C ALA C 396 -24.91 40.21 13.50
N HIS C 397 -24.92 39.74 14.75
CA HIS C 397 -24.26 40.43 15.85
CA HIS C 397 -24.28 40.43 15.86
C HIS C 397 -23.03 39.66 16.27
N PHE C 398 -21.87 40.31 16.18
CA PHE C 398 -20.64 39.71 16.66
C PHE C 398 -20.28 40.32 18.00
N SER C 399 -19.86 39.47 18.93
CA SER C 399 -19.42 39.94 20.24
C SER C 399 -18.15 39.21 20.63
N TRP C 400 -17.30 39.90 21.39
CA TRP C 400 -16.07 39.35 21.94
C TRP C 400 -16.15 39.37 23.47
N ASN C 401 -15.95 38.22 24.09
CA ASN C 401 -16.06 38.06 25.53
C ASN C 401 -14.68 37.71 26.09
N ARG C 402 -14.26 38.45 27.11
CA ARG C 402 -12.94 38.28 27.71
C ARG C 402 -13.00 37.37 28.93
N ASN C 403 -11.97 36.53 29.08
CA ASN C 403 -11.90 35.64 30.24
C ASN C 403 -11.90 36.41 31.55
N GLN C 404 -11.31 37.61 31.58
CA GLN C 404 -11.28 38.35 32.84
C GLN C 404 -12.59 39.03 33.18
N ASP C 405 -13.60 38.98 32.29
CA ASP C 405 -14.90 39.56 32.51
C ASP C 405 -15.93 38.50 32.91
N GLY C 406 -17.11 38.97 33.29
CA GLY C 406 -18.23 38.05 33.47
C GLY C 406 -18.64 37.42 32.14
N VAL C 407 -19.27 36.25 32.24
CA VAL C 407 -19.59 35.48 31.03
C VAL C 407 -20.59 36.19 30.13
N ALA C 408 -21.27 37.22 30.63
CA ALA C 408 -22.26 37.95 29.84
C ALA C 408 -21.79 39.33 29.36
N VAL C 409 -20.57 39.73 29.71
CA VAL C 409 -20.04 41.04 29.32
C VAL C 409 -19.36 40.90 27.97
N GLU C 410 -19.66 41.84 27.04
CA GLU C 410 -18.99 41.90 25.73
C GLU C 410 -18.06 43.11 25.70
N ALA C 411 -16.74 42.86 25.75
CA ALA C 411 -15.80 43.97 25.64
C ALA C 411 -15.78 44.57 24.23
N ASP C 412 -16.24 43.85 23.23
CA ASP C 412 -16.37 44.41 21.90
C ASP C 412 -17.57 43.76 21.26
N SER C 413 -18.29 44.53 20.47
CA SER C 413 -19.39 44.00 19.71
C SER C 413 -19.65 44.92 18.53
N VAL C 414 -20.32 44.38 17.52
CA VAL C 414 -20.60 45.14 16.32
C VAL C 414 -21.70 44.40 15.56
N TRP C 415 -22.65 45.16 15.03
CA TRP C 415 -23.62 44.62 14.10
C TRP C 415 -22.97 44.52 12.72
N PHE C 416 -22.95 43.32 12.17
CA PHE C 416 -22.65 43.11 10.76
C PHE C 416 -23.89 43.36 9.92
N PHE C 417 -23.75 44.16 8.88
CA PHE C 417 -24.79 44.36 7.87
C PHE C 417 -24.41 43.58 6.63
N ASN C 418 -25.32 42.70 6.20
CA ASN C 418 -25.01 41.72 5.18
C ASN C 418 -24.58 42.39 3.88
N ARG C 419 -23.46 41.90 3.30
CA ARG C 419 -22.90 42.56 2.12
C ARG C 419 -23.76 42.38 0.88
N HIS C 420 -24.59 41.35 0.83
CA HIS C 420 -25.46 41.14 -0.32
C HIS C 420 -26.80 41.86 -0.13
N TRP C 421 -27.40 41.71 1.04
CA TRP C 421 -28.75 42.18 1.28
C TRP C 421 -28.82 43.57 1.91
N TYR C 422 -27.76 44.04 2.54
CA TYR C 422 -27.84 45.30 3.28
C TYR C 422 -26.48 45.97 3.38
N PRO C 423 -25.84 46.33 2.27
CA PRO C 423 -24.42 46.74 2.29
C PRO C 423 -24.22 48.16 2.81
N VAL C 424 -24.62 48.39 4.03
CA VAL C 424 -24.55 49.68 4.70
C VAL C 424 -23.26 49.74 5.50
N ASP C 425 -22.70 50.94 5.61
CA ASP C 425 -21.51 51.16 6.43
C ASP C 425 -21.77 50.70 7.87
N ASP C 426 -21.20 49.56 8.27
CA ASP C 426 -21.36 49.06 9.64
C ASP C 426 -20.12 49.31 10.48
N SER C 427 -19.33 50.33 10.12
CA SER C 427 -18.04 50.57 10.74
C SER C 427 -18.20 50.94 12.21
N THR C 428 -17.05 50.96 12.89
CA THR C 428 -16.87 51.35 14.30
C THR C 428 -17.35 50.26 15.25
N THR D 1 3.98 -31.34 -28.84
CA THR D 1 2.76 -30.66 -28.43
C THR D 1 1.54 -31.21 -29.19
N ASN D 2 0.38 -30.58 -28.97
CA ASN D 2 -0.87 -30.93 -29.63
C ASN D 2 -1.22 -29.89 -30.69
N LYS D 3 -2.00 -30.33 -31.68
CA LYS D 3 -2.50 -29.43 -32.71
C LYS D 3 -3.37 -28.35 -32.07
N ASN D 4 -3.31 -27.14 -32.64
CA ASN D 4 -4.05 -26.01 -32.10
C ASN D 4 -5.52 -26.13 -32.47
N ARG D 5 -6.37 -26.29 -31.46
CA ARG D 5 -7.81 -26.37 -31.68
C ARG D 5 -8.57 -25.24 -31.01
N ASP D 6 -7.88 -24.23 -30.49
CA ASP D 6 -8.57 -23.06 -29.93
C ASP D 6 -9.23 -22.27 -31.05
N MET D 7 -10.39 -21.70 -30.75
CA MET D 7 -11.09 -20.88 -31.73
C MET D 7 -10.27 -19.63 -32.05
N PRO D 8 -10.12 -19.27 -33.31
CA PRO D 8 -9.28 -18.13 -33.66
C PRO D 8 -9.90 -16.84 -33.14
N LEU D 9 -9.04 -15.81 -33.06
CA LEU D 9 -9.44 -14.54 -32.45
C LEU D 9 -10.65 -13.90 -33.14
N ASP D 10 -10.81 -14.10 -34.46
CA ASP D 10 -11.90 -13.43 -35.17
C ASP D 10 -13.18 -14.26 -35.19
N SER D 11 -13.24 -15.33 -34.39
CA SER D 11 -14.46 -16.14 -34.30
C SER D 11 -15.64 -15.31 -33.82
N ASP D 12 -16.83 -15.76 -34.20
CA ASP D 12 -18.04 -15.01 -33.89
C ASP D 12 -18.29 -14.93 -32.39
N VAL D 13 -17.91 -15.98 -31.64
CA VAL D 13 -18.15 -15.97 -30.19
C VAL D 13 -17.28 -14.94 -29.47
N PHE D 14 -16.24 -14.42 -30.13
CA PHE D 14 -15.36 -13.43 -29.52
C PHE D 14 -15.65 -12.00 -29.96
N ARG D 15 -16.72 -11.78 -30.72
CA ARG D 15 -17.02 -10.44 -31.23
CA ARG D 15 -17.01 -10.44 -31.23
C ARG D 15 -17.09 -9.42 -30.10
N VAL D 16 -16.65 -8.20 -30.39
CA VAL D 16 -16.68 -7.10 -29.43
C VAL D 16 -18.03 -6.40 -29.52
N PRO D 17 -18.76 -6.25 -28.41
CA PRO D 17 -20.01 -5.48 -28.43
C PRO D 17 -19.75 -4.05 -28.89
N PRO D 18 -20.54 -3.58 -29.85
CA PRO D 18 -20.25 -2.27 -30.47
C PRO D 18 -20.78 -1.10 -29.65
N GLY D 19 -20.23 0.06 -29.95
CA GLY D 19 -20.53 1.29 -29.25
C GLY D 19 -19.39 1.70 -28.33
N TYR D 20 -19.25 3.01 -28.15
CA TYR D 20 -18.11 3.51 -27.39
C TYR D 20 -18.17 3.03 -25.94
N ASN D 21 -17.11 2.37 -25.50
CA ASN D 21 -16.97 1.88 -24.13
C ASN D 21 -18.10 0.94 -23.75
N ALA D 22 -18.55 0.14 -24.71
CA ALA D 22 -19.60 -0.81 -24.46
C ALA D 22 -19.11 -1.88 -23.49
N PRO D 23 -19.86 -2.16 -22.43
CA PRO D 23 -19.48 -3.25 -21.52
C PRO D 23 -19.39 -4.58 -22.27
N GLN D 24 -18.40 -5.39 -21.90
CA GLN D 24 -18.22 -6.69 -22.48
C GLN D 24 -17.77 -7.63 -21.38
N GLN D 25 -17.68 -8.92 -21.71
CA GLN D 25 -17.33 -9.94 -20.72
C GLN D 25 -18.23 -9.84 -19.48
N VAL D 26 -19.52 -9.67 -19.70
CA VAL D 26 -20.45 -9.51 -18.58
C VAL D 26 -20.70 -10.88 -17.93
N HIS D 27 -20.67 -10.92 -16.60
CA HIS D 27 -20.89 -12.19 -15.90
C HIS D 27 -21.44 -11.93 -14.51
N ILE D 28 -22.31 -12.84 -14.05
CA ILE D 28 -22.95 -12.73 -12.74
C ILE D 28 -22.69 -13.98 -11.93
N THR D 29 -22.79 -13.83 -10.61
CA THR D 29 -22.78 -14.97 -9.71
C THR D 29 -23.51 -14.54 -8.45
N GLN D 30 -23.87 -15.54 -7.62
CA GLN D 30 -24.57 -15.23 -6.38
C GLN D 30 -23.71 -14.35 -5.49
N GLY D 31 -24.35 -13.33 -4.88
CA GLY D 31 -23.63 -12.32 -4.13
C GLY D 31 -23.81 -12.37 -2.62
N ASP D 32 -24.61 -13.32 -2.12
CA ASP D 32 -24.82 -13.48 -0.69
C ASP D 32 -24.88 -14.97 -0.37
N LEU D 33 -25.16 -15.27 0.90
CA LEU D 33 -25.20 -16.66 1.35
C LEU D 33 -26.46 -17.40 0.90
N VAL D 34 -27.61 -16.73 0.85
CA VAL D 34 -28.88 -17.44 0.68
C VAL D 34 -29.60 -17.14 -0.63
N GLY D 35 -29.11 -16.20 -1.45
CA GLY D 35 -29.68 -16.05 -2.78
C GLY D 35 -30.37 -14.74 -3.08
N ARG D 36 -30.28 -13.78 -2.17
CA ARG D 36 -30.92 -12.48 -2.30
C ARG D 36 -30.03 -11.43 -2.94
N ALA D 37 -28.83 -11.80 -3.38
CA ALA D 37 -27.89 -10.84 -3.91
C ALA D 37 -27.21 -11.45 -5.13
N MET D 38 -26.69 -10.57 -5.97
CA MET D 38 -25.97 -10.96 -7.17
C MET D 38 -24.78 -10.05 -7.34
N ILE D 39 -23.62 -10.63 -7.66
CA ILE D 39 -22.45 -9.87 -8.09
C ILE D 39 -22.50 -9.74 -9.60
N ILE D 40 -22.52 -8.49 -10.09
CA ILE D 40 -22.51 -8.18 -11.51
C ILE D 40 -21.10 -7.72 -11.90
N SER D 41 -20.53 -8.33 -12.95
CA SER D 41 -19.17 -8.05 -13.35
C SER D 41 -19.07 -7.79 -14.84
N TRP D 42 -18.21 -6.84 -15.23
CA TRP D 42 -17.98 -6.60 -16.64
C TRP D 42 -16.69 -5.81 -16.81
N VAL D 43 -16.25 -5.75 -18.08
CA VAL D 43 -15.05 -5.02 -18.48
C VAL D 43 -15.45 -3.93 -19.47
N THR D 44 -14.88 -2.73 -19.30
CA THR D 44 -14.91 -1.70 -20.31
C THR D 44 -13.49 -1.48 -20.84
N MET D 45 -13.36 -1.27 -22.15
CA MET D 45 -12.04 -1.23 -22.78
C MET D 45 -11.59 0.16 -23.19
N ASP D 46 -12.51 1.11 -23.39
CA ASP D 46 -12.13 2.43 -23.88
C ASP D 46 -11.78 3.43 -22.78
N GLU D 47 -12.45 3.37 -21.63
CA GLU D 47 -12.14 4.26 -20.51
C GLU D 47 -12.78 3.66 -19.26
N PRO D 48 -12.40 4.17 -18.06
CA PRO D 48 -12.90 3.50 -16.83
C PRO D 48 -14.42 3.35 -16.79
N GLY D 49 -15.18 4.39 -17.08
CA GLY D 49 -16.63 4.29 -17.05
C GLY D 49 -17.18 4.25 -15.63
N SER D 50 -18.48 3.99 -15.55
CA SER D 50 -19.18 3.95 -14.28
C SER D 50 -19.37 2.51 -13.84
N SER D 51 -19.29 2.29 -12.52
CA SER D 51 -19.55 0.96 -11.96
C SER D 51 -20.98 0.84 -11.44
N ALA D 52 -21.88 1.71 -11.88
CA ALA D 52 -23.27 1.64 -11.45
C ALA D 52 -24.03 0.60 -12.26
N VAL D 53 -24.92 -0.12 -11.59
CA VAL D 53 -25.79 -1.08 -12.22
C VAL D 53 -27.22 -0.63 -11.98
N ARG D 54 -28.02 -0.55 -13.04
CA ARG D 54 -29.43 -0.22 -12.94
C ARG D 54 -30.24 -1.51 -13.05
N TYR D 55 -31.17 -1.72 -12.12
CA TYR D 55 -31.90 -2.99 -12.09
C TYR D 55 -33.33 -2.75 -11.63
N TRP D 56 -34.24 -3.59 -12.11
CA TRP D 56 -35.64 -3.55 -11.70
C TRP D 56 -36.26 -4.91 -11.94
N SER D 57 -37.22 -5.28 -11.08
CA SER D 57 -37.95 -6.50 -11.35
C SER D 57 -38.93 -6.26 -12.50
N GLU D 58 -39.19 -7.31 -13.27
CA GLU D 58 -40.22 -7.19 -14.29
C GLU D 58 -41.57 -6.92 -13.62
N LYS D 59 -42.51 -6.43 -14.43
CA LYS D 59 -43.83 -5.98 -13.98
C LYS D 59 -43.73 -4.66 -13.24
N ASN D 60 -43.75 -4.68 -11.90
CA ASN D 60 -43.86 -3.44 -11.14
C ASN D 60 -42.69 -2.49 -11.43
N GLY D 61 -41.48 -3.04 -11.55
CA GLY D 61 -40.33 -2.35 -12.11
C GLY D 61 -39.93 -0.99 -11.59
N ARG D 62 -39.72 -0.84 -10.29
CA ARG D 62 -39.11 0.38 -9.78
C ARG D 62 -37.60 0.29 -9.97
N LYS D 63 -37.06 1.21 -10.78
CA LYS D 63 -35.66 1.13 -11.19
C LYS D 63 -34.75 1.68 -10.10
N ARG D 64 -33.75 0.88 -9.71
CA ARG D 64 -32.80 1.26 -8.68
C ARG D 64 -31.38 1.21 -9.22
N ILE D 65 -30.47 1.84 -8.48
CA ILE D 65 -29.06 1.89 -8.85
C ILE D 65 -28.25 1.29 -7.71
N ALA D 66 -27.37 0.35 -8.05
CA ALA D 66 -26.36 -0.13 -7.12
C ALA D 66 -25.00 0.37 -7.59
N LYS D 67 -24.12 0.63 -6.63
CA LYS D 67 -22.80 1.17 -6.91
C LYS D 67 -21.73 0.13 -6.62
N GLY D 68 -20.77 0.01 -7.53
CA GLY D 68 -19.71 -0.97 -7.39
C GLY D 68 -18.31 -0.37 -7.39
N LYS D 69 -17.31 -1.16 -7.80
CA LYS D 69 -15.92 -0.75 -7.76
C LYS D 69 -15.22 -1.17 -9.05
N MET D 70 -14.25 -0.36 -9.46
CA MET D 70 -13.48 -0.61 -10.66
C MET D 70 -12.05 -0.98 -10.28
N SER D 71 -11.45 -1.91 -11.03
CA SER D 71 -10.07 -2.29 -10.75
C SER D 71 -9.39 -2.63 -12.06
N THR D 72 -8.06 -2.66 -12.04
CA THR D 72 -7.26 -3.05 -13.19
C THR D 72 -6.10 -3.92 -12.73
N TYR D 73 -5.46 -4.59 -13.67
CA TYR D 73 -4.25 -5.34 -13.33
C TYR D 73 -3.35 -5.44 -14.56
N ARG D 74 -2.08 -5.76 -14.31
CA ARG D 74 -1.09 -6.07 -15.33
C ARG D 74 -0.56 -7.47 -15.13
N PHE D 75 -0.17 -8.08 -16.24
CA PHE D 75 0.47 -9.38 -16.20
C PHE D 75 1.53 -9.38 -17.30
N PHE D 76 2.81 -9.46 -16.89
CA PHE D 76 3.92 -9.32 -17.84
C PHE D 76 3.76 -8.03 -18.63
N ASN D 77 3.66 -8.10 -19.96
CA ASN D 77 3.50 -6.90 -20.76
C ASN D 77 2.04 -6.62 -21.11
N TYR D 78 1.10 -7.37 -20.54
CA TYR D 78 -0.33 -7.17 -20.72
C TYR D 78 -0.87 -6.17 -19.69
N SER D 79 -1.77 -5.28 -20.13
CA SER D 79 -2.50 -4.39 -19.24
C SER D 79 -4.00 -4.61 -19.43
N SER D 80 -4.70 -4.87 -18.34
CA SER D 80 -6.13 -5.13 -18.43
C SER D 80 -6.89 -3.87 -18.78
N GLY D 81 -8.09 -4.08 -19.32
CA GLY D 81 -9.12 -3.07 -19.31
C GLY D 81 -9.62 -2.82 -17.90
N PHE D 82 -10.74 -2.10 -17.83
CA PHE D 82 -11.27 -1.62 -16.56
C PHE D 82 -12.33 -2.60 -16.07
N ILE D 83 -12.03 -3.30 -14.99
CA ILE D 83 -12.87 -4.40 -14.50
C ILE D 83 -13.83 -3.83 -13.46
N HIS D 84 -15.10 -4.18 -13.58
CA HIS D 84 -16.15 -3.66 -12.71
C HIS D 84 -16.80 -4.80 -11.94
N HIS D 85 -16.99 -4.62 -10.63
CA HIS D 85 -17.77 -5.56 -9.83
C HIS D 85 -18.73 -4.78 -8.95
N THR D 86 -20.01 -5.13 -9.00
CA THR D 86 -21.08 -4.42 -8.31
C THR D 86 -22.05 -5.45 -7.74
N THR D 87 -22.43 -5.28 -6.48
CA THR D 87 -23.33 -6.24 -5.84
C THR D 87 -24.72 -5.65 -5.68
N ILE D 88 -25.69 -6.26 -6.32
CA ILE D 88 -27.11 -5.93 -6.12
CA ILE D 88 -27.11 -5.93 -6.12
C ILE D 88 -27.61 -6.72 -4.91
N ARG D 89 -28.27 -6.04 -3.97
CA ARG D 89 -28.69 -6.73 -2.75
C ARG D 89 -30.20 -6.61 -2.50
N LYS D 90 -30.65 -7.34 -1.48
CA LYS D 90 -32.04 -7.32 -1.02
C LYS D 90 -33.01 -7.63 -2.16
N LEU D 91 -32.64 -8.60 -2.99
CA LEU D 91 -33.52 -8.98 -4.09
C LEU D 91 -34.66 -9.85 -3.60
N LYS D 92 -35.74 -9.85 -4.36
CA LYS D 92 -36.88 -10.71 -4.08
C LYS D 92 -36.65 -12.10 -4.64
N TYR D 93 -37.14 -13.11 -3.92
CA TYR D 93 -36.97 -14.49 -4.36
C TYR D 93 -37.88 -14.82 -5.54
N ASN D 94 -37.43 -15.77 -6.37
CA ASN D 94 -38.21 -16.29 -7.49
C ASN D 94 -38.72 -15.17 -8.39
N THR D 95 -37.86 -14.21 -8.68
CA THR D 95 -38.27 -13.01 -9.40
C THR D 95 -37.30 -12.70 -10.54
N LYS D 96 -37.85 -12.43 -11.72
CA LYS D 96 -37.05 -12.00 -12.85
C LYS D 96 -36.70 -10.53 -12.71
N TYR D 97 -35.41 -10.22 -12.82
CA TYR D 97 -34.91 -8.85 -12.77
C TYR D 97 -34.20 -8.52 -14.06
N TYR D 98 -34.35 -7.29 -14.52
CA TYR D 98 -33.52 -6.74 -15.57
C TYR D 98 -32.41 -5.92 -14.92
N TYR D 99 -31.24 -5.93 -15.54
CA TYR D 99 -30.18 -5.04 -15.11
C TYR D 99 -29.46 -4.46 -16.32
N GLU D 100 -28.86 -3.30 -16.11
CA GLU D 100 -28.17 -2.54 -17.15
C GLU D 100 -26.81 -2.10 -16.65
N VAL D 101 -25.81 -2.22 -17.52
CA VAL D 101 -24.44 -1.80 -17.24
C VAL D 101 -23.99 -0.88 -18.37
N GLY D 102 -23.00 -0.06 -18.06
CA GLY D 102 -22.48 0.86 -19.06
C GLY D 102 -23.33 2.11 -19.12
N LEU D 103 -23.67 2.65 -17.95
CA LEU D 103 -24.66 3.71 -17.87
C LEU D 103 -24.15 5.07 -18.34
N ARG D 104 -22.84 5.26 -18.47
CA ARG D 104 -22.37 6.57 -18.93
C ARG D 104 -22.40 6.71 -20.45
N ASN D 105 -21.99 5.67 -21.19
CA ASN D 105 -21.89 5.78 -22.65
C ASN D 105 -22.75 4.78 -23.37
N THR D 106 -22.41 3.49 -23.40
CA THR D 106 -23.18 2.50 -24.14
C THR D 106 -23.82 1.50 -23.17
N THR D 107 -25.13 1.63 -22.94
CA THR D 107 -25.83 0.78 -22.02
C THR D 107 -26.18 -0.56 -22.67
N ARG D 108 -25.95 -1.65 -21.94
CA ARG D 108 -26.34 -3.00 -22.38
C ARG D 108 -27.22 -3.63 -21.31
N ARG D 109 -28.28 -4.31 -21.74
CA ARG D 109 -29.32 -4.79 -20.85
C ARG D 109 -29.35 -6.31 -20.84
N PHE D 110 -29.47 -6.89 -19.64
CA PHE D 110 -29.52 -8.33 -19.44
C PHE D 110 -30.63 -8.63 -18.43
N SER D 111 -30.73 -9.88 -17.99
CA SER D 111 -31.74 -10.26 -17.01
C SER D 111 -31.31 -11.56 -16.32
N PHE D 112 -31.86 -11.78 -15.12
CA PHE D 112 -31.62 -13.01 -14.38
C PHE D 112 -32.86 -13.30 -13.53
N ILE D 113 -32.93 -14.51 -12.98
CA ILE D 113 -34.05 -14.92 -12.14
C ILE D 113 -33.51 -15.38 -10.80
N THR D 114 -33.88 -14.68 -9.73
CA THR D 114 -33.45 -15.10 -8.42
C THR D 114 -34.05 -16.46 -8.09
N PRO D 115 -33.36 -17.28 -7.30
CA PRO D 115 -33.89 -18.59 -6.94
C PRO D 115 -35.03 -18.43 -5.95
N PRO D 116 -35.79 -19.49 -5.71
CA PRO D 116 -36.69 -19.48 -4.56
C PRO D 116 -35.89 -19.35 -3.28
N GLN D 117 -36.59 -18.95 -2.22
CA GLN D 117 -36.01 -18.98 -0.88
C GLN D 117 -35.52 -20.39 -0.55
N THR D 118 -34.43 -20.48 0.21
CA THR D 118 -33.89 -21.78 0.57
C THR D 118 -34.93 -22.57 1.35
N GLY D 119 -34.92 -23.89 1.16
CA GLY D 119 -35.97 -24.70 1.74
C GLY D 119 -35.78 -26.16 1.43
N LEU D 120 -36.51 -26.98 2.19
CA LEU D 120 -36.29 -28.43 2.22
C LEU D 120 -36.60 -29.07 0.88
N ASP D 121 -37.75 -28.74 0.30
CA ASP D 121 -38.23 -29.45 -0.89
C ASP D 121 -38.20 -28.57 -2.14
N VAL D 122 -37.39 -27.53 -2.16
CA VAL D 122 -37.27 -26.59 -3.28
C VAL D 122 -36.52 -27.25 -4.44
N PRO D 123 -37.15 -27.49 -5.58
CA PRO D 123 -36.43 -28.06 -6.73
C PRO D 123 -35.58 -27.03 -7.44
N TYR D 124 -34.53 -27.52 -8.11
CA TYR D 124 -33.58 -26.64 -8.79
C TYR D 124 -32.65 -27.47 -9.65
N THR D 125 -32.27 -26.93 -10.79
CA THR D 125 -31.51 -27.66 -11.80
C THR D 125 -30.15 -27.01 -11.96
N PHE D 126 -29.08 -27.76 -11.69
CA PHE D 126 -27.72 -27.24 -11.74
C PHE D 126 -27.01 -27.84 -12.94
N GLY D 127 -26.36 -26.99 -13.73
CA GLY D 127 -25.42 -27.49 -14.72
C GLY D 127 -24.05 -27.72 -14.12
N LEU D 128 -23.36 -28.73 -14.64
CA LEU D 128 -22.00 -29.05 -14.22
CA LEU D 128 -22.00 -29.07 -14.22
C LEU D 128 -21.09 -28.95 -15.43
N ILE D 129 -20.13 -28.03 -15.36
CA ILE D 129 -19.17 -27.77 -16.42
C ILE D 129 -17.79 -27.66 -15.79
N GLY D 130 -16.79 -28.30 -16.40
CA GLY D 130 -15.45 -28.22 -15.89
C GLY D 130 -14.41 -28.19 -16.99
N ASP D 131 -13.33 -27.40 -16.81
CA ASP D 131 -12.20 -27.40 -17.75
C ASP D 131 -12.68 -26.98 -19.14
N LEU D 132 -13.36 -25.84 -19.20
CA LEU D 132 -14.11 -25.48 -20.39
C LEU D 132 -13.18 -25.06 -21.52
N GLY D 133 -12.36 -24.03 -21.30
CA GLY D 133 -11.47 -23.56 -22.35
C GLY D 133 -12.23 -22.86 -23.47
N GLN D 134 -11.55 -22.75 -24.61
CA GLN D 134 -12.10 -22.00 -25.72
C GLN D 134 -11.76 -22.66 -27.04
N SER D 135 -11.82 -23.98 -27.07
CA SER D 135 -11.68 -24.74 -28.29
C SER D 135 -13.05 -24.90 -28.95
N PHE D 136 -13.08 -25.52 -30.14
CA PHE D 136 -14.38 -25.76 -30.76
C PHE D 136 -15.20 -26.74 -29.95
N ASP D 137 -14.54 -27.69 -29.30
CA ASP D 137 -15.23 -28.58 -28.37
C ASP D 137 -15.89 -27.79 -27.26
N SER D 138 -15.19 -26.77 -26.74
CA SER D 138 -15.75 -25.92 -25.69
C SER D 138 -17.06 -25.29 -26.16
N ASN D 139 -17.08 -24.79 -27.39
CA ASN D 139 -18.26 -24.14 -27.90
C ASN D 139 -19.42 -25.13 -28.04
N THR D 140 -19.11 -26.38 -28.40
CA THR D 140 -20.18 -27.37 -28.55
C THR D 140 -20.79 -27.72 -27.21
N THR D 141 -19.95 -27.89 -26.17
CA THR D 141 -20.46 -28.20 -24.83
C THR D 141 -21.38 -27.10 -24.33
N LEU D 142 -20.96 -25.86 -24.50
CA LEU D 142 -21.79 -24.75 -24.06
C LEU D 142 -23.11 -24.73 -24.83
N SER D 143 -23.05 -25.04 -26.13
CA SER D 143 -24.28 -25.12 -26.93
C SER D 143 -25.19 -26.23 -26.43
N HIS D 144 -24.62 -27.42 -26.12
CA HIS D 144 -25.44 -28.49 -25.57
C HIS D 144 -26.07 -28.09 -24.24
N TYR D 145 -25.33 -27.37 -23.40
CA TYR D 145 -25.91 -26.98 -22.12
C TYR D 145 -27.07 -26.02 -22.32
N GLU D 146 -26.88 -25.01 -23.18
CA GLU D 146 -27.93 -24.01 -23.39
C GLU D 146 -29.19 -24.62 -23.96
N LEU D 147 -29.05 -25.65 -24.78
CA LEU D 147 -30.19 -26.28 -25.43
C LEU D 147 -30.75 -27.46 -24.66
N SER D 148 -30.28 -27.68 -23.43
CA SER D 148 -30.74 -28.83 -22.66
C SER D 148 -32.24 -28.71 -22.37
N PRO D 149 -33.04 -29.73 -22.65
CA PRO D 149 -34.46 -29.66 -22.28
C PRO D 149 -34.69 -29.67 -20.77
N LYS D 150 -33.69 -30.03 -19.97
CA LYS D 150 -33.81 -29.90 -18.52
C LYS D 150 -33.71 -28.46 -18.03
N LYS D 151 -33.20 -27.54 -18.84
CA LYS D 151 -33.07 -26.13 -18.47
C LYS D 151 -32.27 -25.90 -17.20
N GLY D 152 -30.94 -25.80 -17.31
CA GLY D 152 -30.14 -25.49 -16.14
C GLY D 152 -30.33 -24.04 -15.70
N GLN D 153 -30.32 -23.84 -14.38
CA GLN D 153 -30.59 -22.53 -13.79
C GLN D 153 -29.36 -21.87 -13.17
N THR D 154 -28.29 -22.62 -12.96
CA THR D 154 -27.05 -22.18 -12.34
C THR D 154 -26.00 -23.22 -12.72
N VAL D 155 -24.81 -22.75 -13.09
CA VAL D 155 -23.72 -23.65 -13.45
C VAL D 155 -22.78 -23.73 -12.26
N LEU D 156 -22.48 -24.95 -11.83
CA LEU D 156 -21.42 -25.21 -10.87
C LEU D 156 -20.16 -25.51 -11.67
N PHE D 157 -19.16 -24.62 -11.60
CA PHE D 157 -18.01 -24.67 -12.49
C PHE D 157 -16.80 -25.15 -11.69
N VAL D 158 -16.25 -26.31 -12.04
CA VAL D 158 -15.30 -26.98 -11.16
C VAL D 158 -13.85 -26.69 -11.53
N GLY D 159 -13.61 -25.64 -12.30
CA GLY D 159 -12.28 -25.08 -12.46
C GLY D 159 -11.71 -25.29 -13.85
N ASP D 160 -10.62 -24.55 -14.11
CA ASP D 160 -9.93 -24.45 -15.39
C ASP D 160 -10.84 -23.73 -16.38
N LEU D 161 -10.73 -22.40 -16.42
CA LEU D 161 -11.66 -21.56 -17.16
C LEU D 161 -11.21 -21.32 -18.60
N SER D 162 -10.22 -20.44 -18.78
CA SER D 162 -9.85 -19.91 -20.08
C SER D 162 -8.69 -20.63 -20.75
N TYR D 163 -7.80 -21.24 -19.97
CA TYR D 163 -6.56 -21.83 -20.46
C TYR D 163 -5.66 -20.78 -21.12
N ALA D 164 -5.77 -19.52 -20.69
CA ALA D 164 -4.87 -18.47 -21.19
C ALA D 164 -3.41 -18.80 -20.92
N ASP D 165 -3.12 -19.54 -19.84
CA ASP D 165 -1.73 -19.76 -19.46
C ASP D 165 -1.02 -20.74 -20.39
N ARG D 166 -1.74 -21.33 -21.34
CA ARG D 166 -1.10 -22.12 -22.38
C ARG D 166 -0.47 -21.28 -23.47
N TYR D 167 -0.72 -19.98 -23.48
CA TYR D 167 -0.24 -19.08 -24.52
C TYR D 167 1.09 -18.47 -24.10
N PRO D 168 1.85 -17.92 -25.08
CA PRO D 168 3.08 -17.19 -24.76
C PRO D 168 2.84 -16.12 -23.70
N ASN D 169 3.59 -16.18 -22.60
CA ASN D 169 3.47 -15.25 -21.48
C ASN D 169 2.06 -15.23 -20.90
N HIS D 170 1.33 -16.33 -21.07
CA HIS D 170 -0.06 -16.46 -20.62
C HIS D 170 -0.98 -15.46 -21.29
N ASP D 171 -0.72 -15.12 -22.57
CA ASP D 171 -1.41 -14.05 -23.29
C ASP D 171 -2.78 -13.74 -22.71
N ASN D 172 -2.84 -12.81 -21.74
CA ASN D 172 -4.10 -12.58 -21.03
C ASN D 172 -5.20 -12.07 -21.94
N VAL D 173 -4.90 -11.73 -23.19
CA VAL D 173 -5.96 -11.46 -24.15
C VAL D 173 -6.91 -12.65 -24.19
N ARG D 174 -6.39 -13.86 -23.99
CA ARG D 174 -7.23 -15.04 -24.03
C ARG D 174 -8.11 -15.17 -22.79
N TRP D 175 -7.89 -14.38 -21.74
CA TRP D 175 -8.92 -14.22 -20.71
C TRP D 175 -10.09 -13.37 -21.23
N ASP D 176 -9.78 -12.31 -21.99
CA ASP D 176 -10.81 -11.43 -22.51
C ASP D 176 -11.71 -12.16 -23.50
N THR D 177 -11.13 -12.96 -24.39
CA THR D 177 -11.93 -13.74 -25.33
C THR D 177 -12.84 -14.72 -24.60
N TRP D 178 -12.32 -15.39 -23.56
CA TRP D 178 -13.16 -16.33 -22.81
C TRP D 178 -14.31 -15.61 -22.13
N GLY D 179 -14.06 -14.41 -21.59
CA GLY D 179 -15.14 -13.61 -21.02
C GLY D 179 -16.22 -13.26 -22.02
N ARG D 180 -15.83 -12.93 -23.26
CA ARG D 180 -16.84 -12.56 -24.24
C ARG D 180 -17.57 -13.79 -24.75
N PHE D 181 -16.84 -14.90 -24.93
CA PHE D 181 -17.44 -16.18 -25.33
C PHE D 181 -18.49 -16.65 -24.33
N THR D 182 -18.15 -16.71 -23.03
CA THR D 182 -19.06 -17.31 -22.05
C THR D 182 -20.22 -16.39 -21.67
N GLU D 183 -20.13 -15.10 -22.00
CA GLU D 183 -21.17 -14.13 -21.64
C GLU D 183 -22.59 -14.60 -22.01
N ARG D 184 -22.75 -15.25 -23.16
CA ARG D 184 -24.08 -15.64 -23.61
C ARG D 184 -24.79 -16.55 -22.61
N SER D 185 -24.05 -17.18 -21.70
CA SER D 185 -24.67 -17.93 -20.60
C SER D 185 -24.58 -17.17 -19.28
N VAL D 186 -23.37 -16.82 -18.86
CA VAL D 186 -23.16 -16.33 -17.49
C VAL D 186 -23.69 -14.92 -17.27
N ALA D 187 -24.05 -14.18 -18.33
CA ALA D 187 -24.72 -12.89 -18.11
C ALA D 187 -26.16 -13.05 -17.64
N TYR D 188 -26.75 -14.22 -17.83
CA TYR D 188 -28.15 -14.41 -17.52
C TYR D 188 -28.40 -15.39 -16.39
N GLN D 189 -27.40 -16.18 -16.00
CA GLN D 189 -27.55 -17.07 -14.86
C GLN D 189 -26.20 -17.20 -14.17
N PRO D 190 -26.18 -17.34 -12.85
CA PRO D 190 -24.91 -17.38 -12.13
C PRO D 190 -24.11 -18.63 -12.48
N TRP D 191 -22.80 -18.45 -12.61
CA TRP D 191 -21.85 -19.56 -12.55
C TRP D 191 -21.10 -19.46 -11.21
N ILE D 192 -20.96 -20.61 -10.55
CA ILE D 192 -20.34 -20.71 -9.22
C ILE D 192 -18.91 -21.17 -9.44
N TRP D 193 -17.94 -20.28 -9.17
CA TRP D 193 -16.56 -20.47 -9.61
C TRP D 193 -15.75 -21.31 -8.63
N THR D 194 -15.03 -22.29 -9.15
CA THR D 194 -13.99 -23.03 -8.44
C THR D 194 -12.64 -22.74 -9.10
N ALA D 195 -11.57 -22.65 -8.31
CA ALA D 195 -10.25 -22.32 -8.85
C ALA D 195 -9.46 -23.61 -9.19
N GLY D 196 -9.02 -23.73 -10.44
CA GLY D 196 -8.24 -24.85 -10.90
C GLY D 196 -6.76 -24.54 -11.10
N ASN D 197 -6.02 -25.56 -11.55
CA ASN D 197 -4.58 -25.37 -11.65
C ASN D 197 -4.21 -24.38 -12.75
N HIS D 198 -5.02 -24.30 -13.82
CA HIS D 198 -4.76 -23.30 -14.86
C HIS D 198 -5.08 -21.88 -14.40
N GLU D 199 -5.69 -21.72 -13.24
CA GLU D 199 -5.87 -20.38 -12.67
C GLU D 199 -4.68 -19.96 -11.81
N ILE D 200 -3.81 -20.88 -11.41
CA ILE D 200 -2.71 -20.54 -10.51
C ILE D 200 -1.84 -19.45 -11.15
N GLU D 201 -1.37 -19.69 -12.36
CA GLU D 201 -0.52 -18.77 -13.13
C GLU D 201 0.66 -18.27 -12.30
N PHE D 202 1.34 -19.22 -11.67
CA PHE D 202 2.60 -18.95 -10.98
C PHE D 202 3.71 -19.04 -12.02
N ALA D 203 4.29 -17.90 -12.38
CA ALA D 203 5.28 -17.83 -13.46
C ALA D 203 6.45 -16.98 -13.01
N PRO D 204 7.28 -17.51 -12.11
CA PRO D 204 8.42 -16.70 -11.63
C PRO D 204 9.42 -16.37 -12.73
N GLU D 205 9.44 -17.13 -13.82
CA GLU D 205 10.38 -16.83 -14.87
C GLU D 205 10.04 -15.54 -15.62
N ILE D 206 8.83 -15.00 -15.46
CA ILE D 206 8.53 -13.68 -16.01
C ILE D 206 8.05 -12.77 -14.89
N ASN D 207 8.46 -13.07 -13.66
CA ASN D 207 8.24 -12.18 -12.52
C ASN D 207 6.76 -12.02 -12.18
N GLU D 208 5.96 -13.07 -12.35
CA GLU D 208 4.56 -13.07 -11.94
C GLU D 208 4.37 -14.17 -10.91
N THR D 209 4.40 -13.82 -9.62
CA THR D 209 4.49 -14.80 -8.55
C THR D 209 3.32 -14.80 -7.58
N GLU D 210 2.27 -14.00 -7.85
CA GLU D 210 1.09 -13.98 -7.00
C GLU D 210 0.08 -15.01 -7.51
N PRO D 211 -0.14 -16.12 -6.82
CA PRO D 211 -1.03 -17.15 -7.36
C PRO D 211 -2.44 -16.61 -7.55
N PHE D 212 -3.06 -17.01 -8.66
CA PHE D 212 -4.46 -16.74 -9.00
C PHE D 212 -4.74 -15.28 -9.38
N LYS D 213 -3.71 -14.45 -9.61
CA LYS D 213 -3.95 -13.01 -9.80
C LYS D 213 -4.94 -12.69 -10.92
N PRO D 214 -4.74 -13.15 -12.17
CA PRO D 214 -5.72 -12.78 -13.21
C PRO D 214 -7.12 -13.28 -12.88
N PHE D 215 -7.25 -14.54 -12.47
CA PHE D 215 -8.56 -15.10 -12.17
C PHE D 215 -9.25 -14.32 -11.06
N SER D 216 -8.50 -13.97 -10.02
CA SER D 216 -9.11 -13.34 -8.84
C SER D 216 -9.52 -11.90 -9.12
N TYR D 217 -8.82 -11.21 -10.03
CA TYR D 217 -9.27 -9.88 -10.46
C TYR D 217 -10.55 -9.97 -11.27
N ARG D 218 -10.68 -11.00 -12.09
CA ARG D 218 -11.78 -11.05 -13.06
C ARG D 218 -13.04 -11.68 -12.49
N TYR D 219 -12.91 -12.66 -11.60
CA TYR D 219 -14.04 -13.40 -11.07
C TYR D 219 -14.06 -13.25 -9.55
N HIS D 220 -15.05 -12.53 -9.06
CA HIS D 220 -15.29 -12.37 -7.63
C HIS D 220 -16.32 -13.37 -7.14
N VAL D 221 -16.22 -13.71 -5.85
CA VAL D 221 -17.15 -14.63 -5.19
C VAL D 221 -17.54 -14.05 -3.85
N PRO D 222 -18.69 -14.46 -3.31
CA PRO D 222 -19.16 -13.88 -2.04
C PRO D 222 -18.56 -14.56 -0.80
N TYR D 223 -17.22 -14.59 -0.72
CA TYR D 223 -16.59 -15.43 0.30
C TYR D 223 -16.77 -14.87 1.72
N GLU D 224 -16.85 -13.56 1.88
CA GLU D 224 -17.10 -13.02 3.22
C GLU D 224 -18.42 -13.51 3.81
N ALA D 225 -19.40 -13.80 2.96
CA ALA D 225 -20.73 -14.15 3.44
C ALA D 225 -20.78 -15.49 4.17
N SER D 226 -19.75 -16.35 4.00
CA SER D 226 -19.62 -17.57 4.77
C SER D 226 -18.45 -17.50 5.75
N GLN D 227 -18.03 -16.28 6.11
CA GLN D 227 -16.92 -16.02 7.02
C GLN D 227 -15.62 -16.69 6.57
N SER D 228 -15.44 -16.87 5.27
CA SER D 228 -14.13 -17.24 4.75
C SER D 228 -13.25 -16.01 4.65
N THR D 229 -11.94 -16.22 4.77
CA THR D 229 -10.98 -15.14 4.62
C THR D 229 -10.27 -15.15 3.25
N SER D 230 -10.73 -15.96 2.30
CA SER D 230 -10.12 -16.00 0.97
C SER D 230 -11.18 -16.27 -0.09
N PRO D 231 -11.03 -15.71 -1.30
CA PRO D 231 -11.96 -16.07 -2.37
C PRO D 231 -11.88 -17.52 -2.81
N PHE D 232 -10.82 -18.25 -2.45
CA PHE D 232 -10.62 -19.58 -3.03
C PHE D 232 -11.38 -20.68 -2.29
N TRP D 233 -11.95 -20.40 -1.11
CA TRP D 233 -12.88 -21.35 -0.50
C TRP D 233 -14.02 -20.57 0.13
N TYR D 234 -15.24 -21.07 -0.05
CA TYR D 234 -16.42 -20.37 0.43
C TYR D 234 -17.61 -21.31 0.25
N SER D 235 -18.78 -20.88 0.73
CA SER D 235 -19.98 -21.68 0.57
CA SER D 235 -19.99 -21.68 0.62
C SER D 235 -21.15 -20.78 0.23
N ILE D 236 -22.13 -21.36 -0.47
CA ILE D 236 -23.39 -20.68 -0.72
C ILE D 236 -24.52 -21.68 -0.49
N LYS D 237 -25.70 -21.13 -0.23
CA LYS D 237 -26.94 -21.90 -0.26
C LYS D 237 -27.82 -21.36 -1.37
N ARG D 238 -28.44 -22.26 -2.11
CA ARG D 238 -29.33 -21.91 -3.21
C ARG D 238 -30.38 -22.99 -3.30
N ALA D 239 -31.66 -22.60 -3.18
CA ALA D 239 -32.79 -23.53 -3.20
C ALA D 239 -32.55 -24.56 -2.09
N SER D 240 -32.50 -25.85 -2.39
CA SER D 240 -32.34 -26.86 -1.36
C SER D 240 -30.92 -27.39 -1.28
N ALA D 241 -29.95 -26.68 -1.86
CA ALA D 241 -28.56 -27.10 -1.88
C ALA D 241 -27.72 -26.24 -0.95
N HIS D 242 -26.77 -26.88 -0.27
CA HIS D 242 -25.68 -26.22 0.41
C HIS D 242 -24.41 -26.59 -0.34
N ILE D 243 -23.72 -25.60 -0.92
CA ILE D 243 -22.60 -25.83 -1.82
C ILE D 243 -21.33 -25.34 -1.14
N ILE D 244 -20.32 -26.20 -1.05
CA ILE D 244 -19.05 -25.91 -0.41
C ILE D 244 -17.99 -25.98 -1.50
N VAL D 245 -17.29 -24.86 -1.72
CA VAL D 245 -16.28 -24.72 -2.76
C VAL D 245 -14.89 -24.71 -2.11
N LEU D 246 -14.03 -25.65 -2.50
CA LEU D 246 -12.71 -25.82 -1.92
C LEU D 246 -11.63 -25.53 -2.95
N SER D 247 -10.41 -25.32 -2.45
CA SER D 247 -9.27 -24.94 -3.29
C SER D 247 -8.19 -26.00 -3.24
N SER D 248 -8.09 -26.80 -4.31
CA SER D 248 -7.08 -27.85 -4.35
C SER D 248 -5.66 -27.29 -4.25
N TYR D 249 -5.44 -26.06 -4.70
CA TYR D 249 -4.10 -25.51 -4.79
C TYR D 249 -3.85 -24.41 -3.76
N SER D 250 -4.62 -24.38 -2.67
CA SER D 250 -4.32 -23.61 -1.46
C SER D 250 -3.91 -24.56 -0.34
N ALA D 251 -3.39 -24.00 0.76
CA ALA D 251 -3.04 -24.84 1.90
C ALA D 251 -4.30 -25.45 2.50
N TYR D 252 -4.18 -26.70 2.97
CA TYR D 252 -5.26 -27.33 3.71
C TYR D 252 -4.72 -28.21 4.83
N GLY D 253 -3.50 -27.98 5.28
CA GLY D 253 -2.99 -28.69 6.44
C GLY D 253 -3.72 -28.28 7.71
N ARG D 254 -3.60 -29.12 8.73
CA ARG D 254 -4.29 -28.86 10.00
CA ARG D 254 -4.29 -28.86 9.99
C ARG D 254 -3.85 -27.51 10.55
N GLY D 255 -4.84 -26.66 10.90
CA GLY D 255 -4.55 -25.33 11.41
C GLY D 255 -4.51 -24.23 10.36
N THR D 256 -4.44 -24.57 9.07
CA THR D 256 -4.43 -23.55 8.05
C THR D 256 -5.82 -22.91 7.92
N PRO D 257 -5.90 -21.72 7.33
CA PRO D 257 -7.22 -21.06 7.16
C PRO D 257 -8.28 -21.91 6.46
N GLN D 258 -7.95 -22.58 5.34
CA GLN D 258 -8.99 -23.35 4.65
C GLN D 258 -9.45 -24.56 5.46
N TYR D 259 -8.49 -25.26 6.08
CA TYR D 259 -8.82 -26.40 6.93
C TYR D 259 -9.74 -25.96 8.07
N THR D 260 -9.34 -24.91 8.78
CA THR D 260 -10.14 -24.37 9.89
CA THR D 260 -10.15 -24.46 9.91
C THR D 260 -11.51 -23.93 9.44
N TRP D 261 -11.56 -23.23 8.29
CA TRP D 261 -12.83 -22.74 7.76
C TRP D 261 -13.79 -23.89 7.46
N LEU D 262 -13.32 -24.90 6.71
CA LEU D 262 -14.17 -26.02 6.34
C LEU D 262 -14.70 -26.76 7.57
N LYS D 263 -13.84 -27.02 8.55
CA LYS D 263 -14.30 -27.77 9.72
C LYS D 263 -15.44 -27.06 10.42
N LYS D 264 -15.34 -25.73 10.58
N LYS D 264 -15.31 -25.74 10.62
CA LYS D 264 -16.42 -24.96 11.19
CA LYS D 264 -16.41 -24.95 11.16
C LYS D 264 -17.61 -24.78 10.25
C LYS D 264 -17.62 -25.00 10.23
N GLU D 265 -17.38 -24.79 8.93
CA GLU D 265 -18.50 -24.65 7.99
C GLU D 265 -19.37 -25.90 7.97
N LEU D 266 -18.75 -27.07 8.06
CA LEU D 266 -19.54 -28.30 8.05
C LEU D 266 -20.51 -28.34 9.23
N ARG D 267 -20.08 -27.82 10.40
N ARG D 267 -20.09 -27.82 10.39
CA ARG D 267 -20.97 -27.77 11.56
CA ARG D 267 -20.94 -27.77 11.58
C ARG D 267 -22.26 -27.02 11.25
C ARG D 267 -22.10 -26.79 11.45
N LYS D 268 -22.20 -26.05 10.34
CA LYS D 268 -23.33 -25.15 10.13
C LYS D 268 -24.38 -25.72 9.17
N VAL D 269 -24.06 -26.79 8.44
CA VAL D 269 -25.02 -27.32 7.49
C VAL D 269 -26.26 -27.79 8.24
N LYS D 270 -27.43 -27.39 7.75
CA LYS D 270 -28.72 -27.82 8.29
C LYS D 270 -29.44 -28.59 7.19
N ARG D 271 -29.41 -29.92 7.28
CA ARG D 271 -30.00 -30.73 6.22
C ARG D 271 -31.51 -30.69 6.21
N SER D 272 -32.15 -30.11 7.23
CA SER D 272 -33.57 -29.84 7.14
C SER D 272 -33.89 -28.51 6.45
N GLU D 273 -32.90 -27.63 6.29
CA GLU D 273 -33.09 -26.45 5.47
C GLU D 273 -32.60 -26.69 4.04
N THR D 274 -31.39 -27.25 3.90
CA THR D 274 -30.77 -27.53 2.61
C THR D 274 -30.33 -28.98 2.62
N PRO D 275 -31.18 -29.91 2.19
CA PRO D 275 -30.84 -31.33 2.32
C PRO D 275 -29.75 -31.81 1.37
N TRP D 276 -29.46 -31.09 0.28
CA TRP D 276 -28.49 -31.54 -0.70
C TRP D 276 -27.15 -30.88 -0.38
N LEU D 277 -26.18 -31.69 0.01
CA LEU D 277 -24.87 -31.20 0.42
C LEU D 277 -23.90 -31.52 -0.70
N ILE D 278 -23.36 -30.48 -1.33
CA ILE D 278 -22.56 -30.59 -2.54
C ILE D 278 -21.22 -29.95 -2.30
N VAL D 279 -20.15 -30.65 -2.64
CA VAL D 279 -18.79 -30.11 -2.55
C VAL D 279 -18.23 -29.97 -3.95
N LEU D 280 -17.57 -28.85 -4.21
CA LEU D 280 -16.85 -28.60 -5.45
C LEU D 280 -15.37 -28.43 -5.16
N MET D 281 -14.54 -29.08 -5.98
CA MET D 281 -13.10 -28.91 -5.91
C MET D 281 -12.56 -29.21 -7.30
N HIS D 282 -11.35 -28.73 -7.59
CA HIS D 282 -10.85 -28.99 -8.93
C HIS D 282 -10.31 -30.40 -9.09
N SER D 283 -9.44 -30.83 -8.19
CA SER D 283 -8.70 -32.08 -8.37
C SER D 283 -9.47 -33.22 -7.72
N PRO D 284 -9.82 -34.28 -8.46
CA PRO D 284 -10.69 -35.32 -7.89
C PRO D 284 -9.97 -36.22 -6.89
N LEU D 285 -10.69 -36.57 -5.82
CA LEU D 285 -10.18 -37.47 -4.79
C LEU D 285 -10.23 -38.93 -5.23
N TYR D 286 -11.20 -39.28 -6.09
CA TYR D 286 -11.30 -40.60 -6.68
C TYR D 286 -11.21 -40.44 -8.18
N ASN D 287 -10.28 -41.18 -8.79
CA ASN D 287 -9.94 -40.94 -10.20
C ASN D 287 -9.16 -42.16 -10.68
N SER D 288 -9.72 -42.91 -11.63
CA SER D 288 -9.08 -44.10 -12.16
C SER D 288 -8.52 -43.87 -13.56
N TYR D 289 -8.37 -42.62 -13.97
CA TYR D 289 -7.65 -42.30 -15.20
C TYR D 289 -6.15 -42.21 -14.94
N ASN D 290 -5.36 -42.49 -15.98
CA ASN D 290 -3.92 -42.38 -15.82
CA ASN D 290 -3.92 -42.37 -15.85
C ASN D 290 -3.49 -40.93 -15.62
N HIS D 291 -4.07 -40.00 -16.37
CA HIS D 291 -3.72 -38.59 -16.23
CA HIS D 291 -3.70 -38.59 -16.22
C HIS D 291 -4.09 -38.09 -14.83
N HIS D 292 -3.11 -37.49 -14.13
CA HIS D 292 -3.27 -36.94 -12.78
C HIS D 292 -3.69 -37.98 -11.75
N PHE D 293 -3.48 -39.27 -12.03
CA PHE D 293 -3.81 -40.32 -11.08
C PHE D 293 -3.17 -40.05 -9.72
N MET D 294 -3.97 -40.15 -8.67
CA MET D 294 -3.59 -39.98 -7.27
C MET D 294 -3.12 -38.57 -6.91
N GLU D 295 -3.29 -37.58 -7.79
CA GLU D 295 -2.95 -36.22 -7.38
C GLU D 295 -3.84 -35.75 -6.22
N GLY D 296 -5.08 -36.23 -6.16
CA GLY D 296 -5.99 -35.89 -5.08
C GLY D 296 -5.75 -36.60 -3.76
N GLU D 297 -4.71 -37.44 -3.66
CA GLU D 297 -4.52 -38.19 -2.43
C GLU D 297 -4.29 -37.29 -1.21
N ALA D 298 -3.51 -36.21 -1.38
CA ALA D 298 -3.18 -35.37 -0.21
C ALA D 298 -4.44 -34.77 0.41
N MET D 299 -5.28 -34.10 -0.41
CA MET D 299 -6.53 -33.58 0.14
C MET D 299 -7.43 -34.69 0.65
N ARG D 300 -7.42 -35.86 0.00
CA ARG D 300 -8.25 -36.96 0.46
C ARG D 300 -7.93 -37.32 1.90
N THR D 301 -6.63 -37.42 2.23
CA THR D 301 -6.24 -37.76 3.61
C THR D 301 -6.80 -36.75 4.60
N LYS D 302 -6.91 -35.47 4.22
CA LYS D 302 -7.36 -34.46 5.18
C LYS D 302 -8.87 -34.45 5.35
N PHE D 303 -9.62 -34.54 4.25
CA PHE D 303 -11.05 -34.20 4.24
C PHE D 303 -11.99 -35.37 4.00
N GLU D 304 -11.52 -36.51 3.49
CA GLU D 304 -12.46 -37.58 3.15
C GLU D 304 -13.30 -38.01 4.34
N ALA D 305 -12.67 -38.15 5.52
CA ALA D 305 -13.43 -38.64 6.67
C ALA D 305 -14.48 -37.62 7.13
N TRP D 306 -14.18 -36.33 6.98
CA TRP D 306 -15.20 -35.31 7.21
C TRP D 306 -16.36 -35.46 6.26
N PHE D 307 -16.09 -35.69 4.97
CA PHE D 307 -17.18 -35.84 3.99
C PHE D 307 -18.09 -36.99 4.37
N VAL D 308 -17.52 -38.09 4.85
CA VAL D 308 -18.33 -39.23 5.26
C VAL D 308 -19.09 -38.91 6.55
N LYS D 309 -18.40 -38.28 7.51
CA LYS D 309 -19.01 -37.93 8.78
C LYS D 309 -20.23 -37.04 8.59
N TYR D 310 -20.18 -36.12 7.65
CA TYR D 310 -21.28 -35.19 7.42
C TYR D 310 -22.18 -35.62 6.28
N LYS D 311 -21.94 -36.79 5.69
CA LYS D 311 -22.84 -37.41 4.71
C LYS D 311 -23.06 -36.51 3.49
N VAL D 312 -21.96 -36.01 2.94
CA VAL D 312 -22.02 -35.29 1.68
C VAL D 312 -22.71 -36.17 0.65
N ASP D 313 -23.62 -35.57 -0.12
CA ASP D 313 -24.33 -36.29 -1.16
C ASP D 313 -23.43 -36.57 -2.36
N VAL D 314 -22.69 -35.56 -2.83
CA VAL D 314 -21.91 -35.67 -4.06
C VAL D 314 -20.74 -34.72 -3.98
N VAL D 315 -19.60 -35.15 -4.54
CA VAL D 315 -18.39 -34.33 -4.71
C VAL D 315 -18.09 -34.24 -6.20
N PHE D 316 -18.13 -33.03 -6.75
CA PHE D 316 -17.87 -32.79 -8.16
C PHE D 316 -16.48 -32.20 -8.34
N ALA D 317 -15.78 -32.67 -9.37
CA ALA D 317 -14.42 -32.22 -9.63
C ALA D 317 -14.20 -32.22 -11.14
N GLY D 318 -13.10 -31.61 -11.57
CA GLY D 318 -12.73 -31.62 -12.98
C GLY D 318 -11.32 -32.15 -13.17
N HIS D 319 -10.45 -31.35 -13.83
CA HIS D 319 -9.01 -31.56 -13.91
C HIS D 319 -8.66 -32.68 -14.87
N VAL D 320 -9.26 -33.86 -14.69
CA VAL D 320 -9.12 -34.96 -15.64
C VAL D 320 -10.09 -34.70 -16.78
N HIS D 321 -9.60 -34.78 -18.02
CA HIS D 321 -10.40 -34.36 -19.17
C HIS D 321 -11.17 -35.57 -19.71
N ALA D 322 -12.17 -35.97 -18.93
CA ALA D 322 -12.98 -37.15 -19.19
C ALA D 322 -14.11 -37.14 -18.16
N TYR D 323 -14.91 -38.20 -18.16
CA TYR D 323 -16.03 -38.32 -17.23
C TYR D 323 -15.88 -39.58 -16.37
N GLU D 324 -16.18 -39.46 -15.07
CA GLU D 324 -16.18 -40.63 -14.21
C GLU D 324 -17.22 -40.45 -13.10
N ARG D 325 -17.88 -41.56 -12.75
CA ARG D 325 -18.80 -41.62 -11.62
C ARG D 325 -18.35 -42.74 -10.70
N SER D 326 -18.08 -42.43 -9.43
CA SER D 326 -17.63 -43.47 -8.51
C SER D 326 -18.83 -44.23 -7.92
N GLU D 327 -18.54 -45.36 -7.26
CA GLU D 327 -19.49 -45.92 -6.32
C GLU D 327 -19.44 -45.13 -5.01
N ARG D 328 -20.37 -45.41 -4.09
CA ARG D 328 -20.34 -44.80 -2.76
C ARG D 328 -19.38 -45.60 -1.90
N VAL D 329 -18.15 -45.08 -1.73
CA VAL D 329 -17.10 -45.80 -1.00
C VAL D 329 -16.34 -44.83 -0.12
N SER D 330 -15.59 -45.41 0.82
CA SER D 330 -14.67 -44.66 1.68
C SER D 330 -13.40 -45.46 1.87
N ASN D 331 -12.33 -44.72 2.19
CA ASN D 331 -10.98 -45.29 2.35
C ASN D 331 -10.33 -44.55 3.52
N ILE D 332 -10.99 -44.61 4.68
CA ILE D 332 -10.66 -43.77 5.82
C ILE D 332 -10.18 -44.59 7.02
N ALA D 333 -9.97 -45.90 6.86
CA ALA D 333 -9.61 -46.76 7.98
C ALA D 333 -8.11 -47.03 8.08
N TYR D 334 -7.30 -46.44 7.21
CA TYR D 334 -5.88 -46.79 7.16
C TYR D 334 -5.11 -46.19 8.34
N LYS D 335 -4.17 -46.96 8.88
CA LYS D 335 -3.35 -46.52 10.01
C LYS D 335 -1.90 -47.00 9.85
N ILE D 336 -1.36 -46.83 8.64
CA ILE D 336 0.05 -47.06 8.32
C ILE D 336 0.39 -48.55 8.29
N THR D 337 0.15 -49.25 9.39
CA THR D 337 0.57 -50.65 9.53
C THR D 337 -0.58 -51.65 9.60
N ASN D 338 -1.84 -51.20 9.65
CA ASN D 338 -2.97 -52.11 9.83
C ASN D 338 -3.50 -52.69 8.54
N GLY D 339 -2.87 -52.39 7.40
CA GLY D 339 -3.28 -52.96 6.13
C GLY D 339 -4.67 -52.64 5.60
N LEU D 340 -5.37 -51.66 6.20
CA LEU D 340 -6.73 -51.33 5.73
C LEU D 340 -6.62 -50.18 4.72
N CYS D 341 -6.21 -50.52 3.50
CA CYS D 341 -5.95 -49.50 2.49
C CYS D 341 -6.77 -49.68 1.21
N THR D 342 -7.91 -50.41 1.27
CA THR D 342 -8.79 -50.56 0.11
C THR D 342 -10.11 -49.85 0.32
N PRO D 343 -10.62 -49.09 -0.67
CA PRO D 343 -11.95 -48.50 -0.52
C PRO D 343 -13.01 -49.59 -0.36
N VAL D 344 -13.99 -49.32 0.52
CA VAL D 344 -15.09 -50.25 0.78
C VAL D 344 -16.40 -49.51 0.58
N LYS D 345 -17.46 -50.27 0.28
CA LYS D 345 -18.82 -49.73 0.23
C LYS D 345 -19.13 -49.00 1.52
N ASP D 346 -19.66 -47.79 1.40
CA ASP D 346 -19.96 -46.99 2.57
C ASP D 346 -21.16 -46.11 2.23
N GLN D 347 -22.33 -46.46 2.77
CA GLN D 347 -23.53 -45.73 2.39
C GLN D 347 -23.60 -44.32 2.97
N SER D 348 -22.67 -43.93 3.85
CA SER D 348 -22.58 -42.55 4.35
C SER D 348 -21.66 -41.67 3.51
N ALA D 349 -20.97 -42.23 2.54
CA ALA D 349 -20.01 -41.53 1.70
C ALA D 349 -20.71 -40.87 0.51
N PRO D 350 -20.14 -39.79 -0.03
CA PRO D 350 -20.66 -39.21 -1.27
C PRO D 350 -20.35 -40.08 -2.48
N VAL D 351 -21.02 -39.77 -3.59
CA VAL D 351 -20.55 -40.20 -4.90
C VAL D 351 -19.57 -39.15 -5.40
N TYR D 352 -18.46 -39.59 -5.99
CA TYR D 352 -17.45 -38.69 -6.55
C TYR D 352 -17.59 -38.66 -8.06
N ILE D 353 -17.83 -37.49 -8.63
CA ILE D 353 -18.00 -37.37 -10.07
C ILE D 353 -16.92 -36.45 -10.62
N THR D 354 -16.18 -36.97 -11.60
CA THR D 354 -15.24 -36.18 -12.38
C THR D 354 -15.96 -35.73 -13.64
N ILE D 355 -15.97 -34.43 -13.89
CA ILE D 355 -16.72 -33.88 -15.01
C ILE D 355 -15.89 -32.81 -15.69
N GLY D 356 -14.59 -33.07 -15.85
CA GLY D 356 -13.71 -32.10 -16.47
C GLY D 356 -13.58 -32.18 -17.98
N ASP D 357 -14.65 -32.56 -18.68
CA ASP D 357 -14.61 -32.88 -20.10
C ASP D 357 -15.36 -31.86 -20.97
N ALA D 358 -15.43 -30.61 -20.56
CA ALA D 358 -16.20 -29.65 -21.36
C ALA D 358 -15.49 -29.21 -22.64
N GLY D 359 -14.19 -29.50 -22.80
CA GLY D 359 -13.53 -29.19 -24.05
C GLY D 359 -12.06 -28.81 -23.96
N ASN D 360 -11.68 -28.14 -22.86
CA ASN D 360 -10.35 -27.56 -22.67
C ASN D 360 -9.77 -27.02 -23.97
N TYR D 361 -8.58 -27.44 -24.38
CA TYR D 361 -8.01 -27.01 -25.65
C TYR D 361 -8.14 -28.10 -26.71
N GLY D 362 -9.13 -28.96 -26.56
CA GLY D 362 -9.46 -29.95 -27.57
C GLY D 362 -8.84 -31.32 -27.40
N VAL D 363 -8.40 -31.70 -26.20
CA VAL D 363 -7.77 -33.00 -25.95
CA VAL D 363 -7.81 -33.01 -25.98
C VAL D 363 -8.55 -33.73 -24.86
N ILE D 364 -8.84 -35.01 -25.08
CA ILE D 364 -9.52 -35.87 -24.12
C ILE D 364 -8.48 -36.73 -23.43
N ASP D 365 -8.75 -37.10 -22.17
CA ASP D 365 -7.92 -38.06 -21.46
C ASP D 365 -8.56 -39.43 -21.64
N SER D 366 -7.93 -40.30 -22.45
CA SER D 366 -8.49 -41.61 -22.74
C SER D 366 -7.79 -42.79 -22.06
N ASN D 367 -6.53 -42.66 -21.66
CA ASN D 367 -5.89 -43.80 -21.01
C ASN D 367 -6.38 -43.94 -19.57
N MET D 368 -6.85 -45.14 -19.24
CA MET D 368 -7.45 -45.44 -17.96
C MET D 368 -6.68 -46.55 -17.28
N ILE D 369 -6.76 -46.57 -15.94
CA ILE D 369 -6.25 -47.71 -15.19
C ILE D 369 -7.09 -48.94 -15.53
N GLN D 370 -6.42 -50.06 -15.80
CA GLN D 370 -7.04 -51.31 -16.20
C GLN D 370 -6.65 -52.42 -15.23
N PRO D 371 -7.61 -53.26 -14.81
CA PRO D 371 -9.04 -53.21 -15.10
C PRO D 371 -9.72 -52.09 -14.32
N GLN D 372 -10.95 -51.71 -14.68
CA GLN D 372 -11.72 -50.73 -13.94
C GLN D 372 -11.84 -51.17 -12.48
N PRO D 373 -11.41 -50.35 -11.53
CA PRO D 373 -11.44 -50.77 -10.12
C PRO D 373 -12.87 -50.81 -9.60
N GLU D 374 -13.05 -51.54 -8.49
CA GLU D 374 -14.39 -51.68 -7.91
C GLU D 374 -14.98 -50.34 -7.49
N TYR D 375 -14.15 -49.36 -7.14
CA TYR D 375 -14.70 -48.08 -6.71
C TYR D 375 -15.25 -47.24 -7.86
N SER D 376 -14.98 -47.62 -9.11
CA SER D 376 -15.43 -46.85 -10.25
C SER D 376 -16.72 -47.45 -10.78
N ALA D 377 -17.79 -46.66 -10.81
CA ALA D 377 -19.05 -47.15 -11.36
C ALA D 377 -19.09 -46.99 -12.87
N PHE D 378 -18.68 -45.82 -13.38
CA PHE D 378 -18.81 -45.53 -14.81
C PHE D 378 -17.76 -44.50 -15.20
N ARG D 379 -17.11 -44.74 -16.35
CA ARG D 379 -16.11 -43.81 -16.83
C ARG D 379 -16.10 -43.83 -18.36
N GLU D 380 -15.95 -42.66 -18.96
CA GLU D 380 -15.81 -42.62 -20.41
C GLU D 380 -15.11 -41.34 -20.83
N ALA D 381 -14.23 -41.50 -21.82
CA ALA D 381 -13.44 -40.37 -22.34
C ALA D 381 -14.20 -39.74 -23.50
N SER D 382 -15.18 -38.89 -23.15
CA SER D 382 -15.90 -38.10 -24.14
C SER D 382 -16.11 -36.70 -23.60
N PHE D 383 -16.21 -35.74 -24.54
CA PHE D 383 -16.53 -34.36 -24.21
C PHE D 383 -18.02 -34.24 -23.88
N GLY D 384 -18.34 -33.36 -22.92
CA GLY D 384 -19.73 -33.18 -22.53
C GLY D 384 -19.85 -32.40 -21.24
N HIS D 385 -21.05 -32.45 -20.67
CA HIS D 385 -21.37 -31.74 -19.45
C HIS D 385 -22.41 -32.54 -18.69
N GLY D 386 -22.70 -32.11 -17.45
CA GLY D 386 -23.66 -32.79 -16.61
C GLY D 386 -24.76 -31.86 -16.13
N MET D 387 -25.77 -32.49 -15.51
CA MET D 387 -26.92 -31.78 -14.94
CA MET D 387 -26.91 -31.78 -14.94
C MET D 387 -27.30 -32.48 -13.64
N PHE D 388 -27.38 -31.72 -12.55
CA PHE D 388 -27.78 -32.23 -11.24
C PHE D 388 -29.13 -31.59 -10.91
N ASP D 389 -30.19 -32.37 -11.13
CA ASP D 389 -31.57 -31.88 -11.17
C ASP D 389 -32.28 -32.31 -9.89
N ILE D 390 -32.37 -31.39 -8.94
CA ILE D 390 -32.97 -31.67 -7.63
C ILE D 390 -34.49 -31.64 -7.77
N LYS D 391 -35.13 -32.76 -7.42
CA LYS D 391 -36.59 -32.85 -7.45
C LYS D 391 -37.23 -32.47 -6.11
N ASN D 392 -36.58 -32.82 -5.00
CA ASN D 392 -37.13 -32.68 -3.67
C ASN D 392 -36.10 -33.21 -2.68
N ARG D 393 -36.45 -33.27 -1.40
CA ARG D 393 -35.50 -33.61 -0.35
C ARG D 393 -34.95 -35.03 -0.46
N THR D 394 -35.61 -35.94 -1.19
CA THR D 394 -35.17 -37.33 -1.28
C THR D 394 -34.45 -37.67 -2.58
N HIS D 395 -34.78 -37.01 -3.70
CA HIS D 395 -34.34 -37.45 -5.02
C HIS D 395 -33.72 -36.29 -5.79
N ALA D 396 -32.57 -36.54 -6.42
CA ALA D 396 -32.03 -35.66 -7.46
C ALA D 396 -31.57 -36.51 -8.64
N HIS D 397 -31.76 -36.01 -9.85
CA HIS D 397 -31.42 -36.79 -11.03
C HIS D 397 -30.15 -36.21 -11.65
N PHE D 398 -29.11 -37.03 -11.72
CA PHE D 398 -27.87 -36.62 -12.39
C PHE D 398 -27.79 -37.24 -13.78
N SER D 399 -27.46 -36.43 -14.77
CA SER D 399 -27.32 -36.94 -16.13
C SER D 399 -26.09 -36.36 -16.80
N TRP D 400 -25.51 -37.16 -17.69
CA TRP D 400 -24.34 -36.79 -18.47
C TRP D 400 -24.71 -36.82 -19.94
N ASN D 401 -24.49 -35.70 -20.62
CA ASN D 401 -24.76 -35.57 -22.04
C ASN D 401 -23.42 -35.43 -22.77
N ARG D 402 -23.23 -36.23 -23.82
CA ARG D 402 -22.01 -36.21 -24.63
C ARG D 402 -22.19 -35.26 -25.82
N ASN D 403 -21.08 -34.62 -26.22
CA ASN D 403 -21.15 -33.68 -27.35
C ASN D 403 -21.51 -34.38 -28.65
N GLN D 404 -21.12 -35.65 -28.82
CA GLN D 404 -21.45 -36.41 -30.03
C GLN D 404 -22.88 -36.93 -30.05
N ASP D 405 -23.67 -36.76 -28.99
CA ASP D 405 -25.06 -37.19 -29.00
C ASP D 405 -25.97 -35.99 -29.23
N GLY D 406 -27.26 -36.26 -29.37
CA GLY D 406 -28.23 -35.19 -29.39
C GLY D 406 -28.38 -34.54 -28.03
N VAL D 407 -28.86 -33.29 -28.05
CA VAL D 407 -28.87 -32.48 -26.83
C VAL D 407 -29.80 -33.04 -25.77
N ALA D 408 -30.73 -33.92 -26.14
CA ALA D 408 -31.66 -34.52 -25.18
C ALA D 408 -31.30 -35.96 -24.81
N VAL D 409 -30.14 -36.45 -25.24
CA VAL D 409 -29.73 -37.82 -24.95
C VAL D 409 -28.81 -37.84 -23.74
N GLU D 410 -29.11 -38.72 -22.78
CA GLU D 410 -28.30 -38.91 -21.58
C GLU D 410 -27.55 -40.22 -21.72
N ALA D 411 -26.24 -40.15 -21.96
CA ALA D 411 -25.45 -41.37 -22.08
C ALA D 411 -25.18 -42.03 -20.74
N ASP D 412 -25.19 -41.26 -19.66
CA ASP D 412 -25.16 -41.80 -18.30
C ASP D 412 -26.17 -41.01 -17.50
N SER D 413 -26.84 -41.69 -16.57
CA SER D 413 -27.75 -41.02 -15.66
C SER D 413 -27.95 -41.92 -14.45
N VAL D 414 -28.31 -41.31 -13.34
CA VAL D 414 -28.42 -42.03 -12.07
C VAL D 414 -29.28 -41.19 -11.15
N TRP D 415 -30.07 -41.86 -10.32
CA TRP D 415 -30.81 -41.18 -9.25
C TRP D 415 -29.94 -41.10 -8.00
N PHE D 416 -29.75 -39.88 -7.50
CA PHE D 416 -29.19 -39.70 -6.16
C PHE D 416 -30.33 -39.82 -5.15
N PHE D 417 -30.14 -40.68 -4.15
CA PHE D 417 -31.03 -40.78 -3.02
C PHE D 417 -30.38 -40.06 -1.86
N ASN D 418 -31.08 -39.08 -1.29
CA ASN D 418 -30.48 -38.15 -0.34
C ASN D 418 -29.92 -38.87 0.88
N ARG D 419 -28.70 -38.49 1.27
CA ARG D 419 -28.05 -39.21 2.36
C ARG D 419 -28.69 -38.91 3.71
N HIS D 420 -29.40 -37.80 3.85
CA HIS D 420 -30.05 -37.49 5.12
C HIS D 420 -31.48 -37.98 5.16
N TRP D 421 -32.23 -37.78 4.09
CA TRP D 421 -33.66 -38.05 4.07
C TRP D 421 -34.03 -39.35 3.37
N TYR D 422 -33.11 -39.97 2.65
CA TYR D 422 -33.49 -41.18 1.94
C TYR D 422 -32.26 -42.02 1.58
N PRO D 423 -31.45 -42.46 2.57
CA PRO D 423 -30.14 -43.08 2.22
C PRO D 423 -30.27 -44.52 1.76
N VAL D 424 -31.02 -44.73 0.69
CA VAL D 424 -31.16 -46.03 0.03
C VAL D 424 -29.88 -46.31 -0.76
N ASP D 425 -29.54 -47.59 -0.91
CA ASP D 425 -28.49 -47.94 -1.85
C ASP D 425 -28.86 -47.43 -3.24
N ASP D 426 -28.07 -46.49 -3.77
CA ASP D 426 -28.37 -45.96 -5.10
C ASP D 426 -27.23 -46.15 -6.09
#